data_2WBY
#
_entry.id   2WBY
#
_cell.length_a   262.319
_cell.length_b   262.319
_cell.length_c   90.609
_cell.angle_alpha   90.00
_cell.angle_beta   90.00
_cell.angle_gamma   120.00
#
_symmetry.space_group_name_H-M   'P 65'
#
loop_
_entity.id
_entity.type
_entity.pdbx_description
1 polymer 'INSULIN-DEGRADING ENZYME'
2 polymer 'INSULIN A CHAIN'
3 polymer 'INSULIN B CHAIN'
4 non-polymer 'ZINC ION'
5 water water
#
loop_
_entity_poly.entity_id
_entity_poly.type
_entity_poly.pdbx_seq_one_letter_code
_entity_poly.pdbx_strand_id
1 'polypeptide(L)'
;MHHHHHHAAGIPMNNPAIKRIGNHITKSPEDKREYRGLELANGIKVLLISDPTTDKSSAALDVHIGSLSDPPNIAGLSHF
LQHMLFLGTKKYPKENEYSQFLSEHAGSSNAFTSGEHTNYYFDVSHEHLEGALDRFAQFFLSPLFDESAKDREVNAVDSE
HEKNVMNDAWRLFQLEKATGNPKHPFSKFGTGNKYTLETRPNQEGIDVRQELLKFHSAYYSSNLMAVVVLGRESLDDLTN
LVVKLFSEVENKNVPLPEFPEHPFQEEHLKQLYKIVPIKDIRNLYVTFPIPDLQKYYKSNPGHYLGHLIGHEGPGSLLSE
LKSKGWVNTLVGGQKEGARGFMFFIINVDLTEEGLLHVEDIILHMFQYIQKLRAEGPQEWVFQELKDLNAVAFRFKDKER
PRGYTSKIAGILHYYPLEEVLTAEYLLEEFRPDLIEMVLDKLRPENVRVAIVSKSFEGKTDRTEEWYGTQYKQEAIPDEV
IKKWQNADLNGKFKLPTKNEFIPTNFEILPLEKEATPYPALIKDTAMSKLWFKQDDKFFLPKANLNFEFFSPFAYVDPLH
SNMAYLYLELLKDSLNEYAYAAELAGLSYDLQNTIYGMYLSVKGYNDKQPILLKKIIEKMATFEIDEKRFEIIKEAYMRS
LNNFRAEQPHQHAMYYLRLLMTEVAWTKDELKEALDDVTLPRLKAFIPQLLSRLHIEALLHGNITKQAALGIMQMVEDTL
IEHAHTKPLLPSQLVRYREVQLPDRGWFVYQQRNEVHNNSGIEIYYQTDMQSTSENMFLELFAQIISEPAFNTLRTKEQL
GYIVFSGPRRANGIQGLRFIIQSEKPPHYLESRVEAFLITMEKSIEDMTEEAFQKHIQALAIRRLDKPKKLSAESAKYWG
EIISQQYNFDRDNTEVAYLKTLTKEDIIKFYKEMLAVDAPRRHKVSVHVLAREMDSNPVVGEFPAQNDINLSQAPALPQP
EVIQNMTEFKRGLPLFPLVKPHINFMAAKL
;
A,B
2 'polypeptide(L)' GIVEQCCTSICSLYQLENYC C,E
3 'polypeptide(L)' FVNQHLCGSHLVEALYLVC D,F
#
loop_
_chem_comp.id
_chem_comp.type
_chem_comp.name
_chem_comp.formula
ZN non-polymer 'ZINC ION' 'Zn 2'
#
# COMPACT_ATOMS: atom_id res chain seq x y z
N MET A 13 0.97 -3.60 -41.09
CA MET A 13 -0.36 -4.28 -40.93
C MET A 13 -0.27 -5.35 -39.85
N ASN A 14 0.23 -6.55 -40.17
CA ASN A 14 0.22 -7.64 -39.17
C ASN A 14 0.95 -7.38 -37.80
N ASN A 15 0.31 -7.80 -36.69
CA ASN A 15 0.87 -7.69 -35.32
C ASN A 15 1.57 -8.96 -34.94
N PRO A 16 2.85 -8.90 -34.63
CA PRO A 16 3.52 -10.16 -34.27
C PRO A 16 2.87 -10.85 -33.07
N ALA A 17 2.33 -10.08 -32.13
CA ALA A 17 1.80 -10.61 -30.87
C ALA A 17 0.47 -11.40 -30.97
N ILE A 18 -0.23 -11.23 -32.07
CA ILE A 18 -1.53 -11.80 -32.21
C ILE A 18 -1.54 -12.83 -33.32
N LYS A 19 -1.83 -14.10 -33.03
CA LYS A 19 -2.04 -15.09 -34.08
C LYS A 19 -3.27 -14.78 -34.95
N ARG A 20 -4.38 -14.36 -34.39
CA ARG A 20 -5.50 -14.04 -35.27
C ARG A 20 -6.65 -13.33 -34.53
N ILE A 21 -7.45 -12.63 -35.32
CA ILE A 21 -8.59 -11.90 -34.81
C ILE A 21 -9.75 -12.62 -35.40
N GLY A 22 -10.76 -12.90 -34.60
CA GLY A 22 -11.81 -13.79 -35.09
C GLY A 22 -12.78 -12.90 -35.81
N ASN A 23 -13.75 -13.52 -36.48
CA ASN A 23 -14.84 -12.77 -37.10
C ASN A 23 -15.87 -12.23 -36.09
N HIS A 24 -16.96 -11.65 -36.58
CA HIS A 24 -17.94 -11.08 -35.71
C HIS A 24 -18.30 -12.13 -34.66
N ILE A 25 -18.41 -11.73 -33.39
CA ILE A 25 -18.82 -12.63 -32.37
C ILE A 25 -20.35 -12.56 -32.24
N THR A 26 -21.03 -13.67 -32.52
CA THR A 26 -22.47 -13.63 -32.58
C THR A 26 -23.07 -13.31 -31.25
N LYS A 27 -23.99 -12.36 -31.22
CA LYS A 27 -24.59 -11.96 -29.93
C LYS A 27 -26.11 -11.73 -30.03
N SER A 28 -26.80 -11.56 -28.89
CA SER A 28 -28.21 -11.25 -28.99
C SER A 28 -28.30 -9.84 -29.58
N PRO A 29 -29.25 -9.57 -30.47
CA PRO A 29 -29.45 -8.16 -30.91
C PRO A 29 -29.94 -7.26 -29.77
N GLU A 30 -30.30 -7.81 -28.62
CA GLU A 30 -30.57 -6.99 -27.45
C GLU A 30 -29.26 -6.53 -26.75
N ASP A 31 -28.12 -7.10 -27.13
CA ASP A 31 -26.91 -6.91 -26.38
C ASP A 31 -26.13 -5.76 -27.02
N LYS A 32 -26.04 -4.70 -26.24
CA LYS A 32 -25.41 -3.50 -26.74
C LYS A 32 -23.91 -3.52 -26.43
N ARG A 33 -23.46 -4.45 -25.60
CA ARG A 33 -22.03 -4.60 -25.40
C ARG A 33 -21.34 -4.97 -26.75
N GLU A 34 -20.06 -4.60 -26.91
CA GLU A 34 -19.33 -5.00 -28.13
C GLU A 34 -18.23 -5.99 -27.84
N TYR A 35 -17.86 -6.79 -28.84
CA TYR A 35 -17.03 -7.99 -28.65
C TYR A 35 -15.98 -8.24 -29.68
N ARG A 36 -14.81 -8.65 -29.22
CA ARG A 36 -13.71 -9.03 -30.10
C ARG A 36 -13.00 -10.28 -29.57
N GLY A 37 -12.94 -11.31 -30.42
CA GLY A 37 -12.24 -12.55 -30.08
C GLY A 37 -10.85 -12.51 -30.71
N LEU A 38 -9.84 -12.96 -29.97
CA LEU A 38 -8.56 -13.20 -30.62
C LEU A 38 -7.80 -14.38 -30.04
N GLU A 39 -6.76 -14.77 -30.74
CA GLU A 39 -5.83 -15.68 -30.18
C GLU A 39 -4.48 -15.02 -30.16
N LEU A 40 -3.80 -14.93 -29.01
CA LEU A 40 -2.45 -14.34 -29.00
C LEU A 40 -1.42 -15.28 -29.67
N ALA A 41 -0.28 -14.71 -30.08
CA ALA A 41 0.88 -15.55 -30.57
C ALA A 41 1.22 -16.71 -29.64
N ASN A 42 1.23 -16.51 -28.32
CA ASN A 42 1.57 -17.65 -27.44
C ASN A 42 0.41 -18.65 -27.20
N GLY A 43 -0.75 -18.44 -27.82
CA GLY A 43 -1.82 -19.43 -27.82
C GLY A 43 -3.01 -19.11 -26.91
N ILE A 44 -2.99 -17.96 -26.24
CA ILE A 44 -4.06 -17.61 -25.34
C ILE A 44 -5.25 -17.16 -26.16
N LYS A 45 -6.39 -17.76 -25.86
CA LYS A 45 -7.63 -17.37 -26.45
C LYS A 45 -8.16 -16.22 -25.62
N VAL A 46 -8.59 -15.18 -26.32
CA VAL A 46 -9.05 -14.01 -25.67
C VAL A 46 -10.45 -13.54 -26.14
N LEU A 47 -11.32 -13.19 -25.20
CA LEU A 47 -12.50 -12.39 -25.57
C LEU A 47 -12.43 -11.03 -24.93
N LEU A 48 -12.71 -10.00 -25.70
CA LEU A 48 -12.76 -8.66 -25.14
C LEU A 48 -14.15 -8.13 -25.23
N ILE A 49 -14.54 -7.49 -24.17
CA ILE A 49 -15.90 -7.03 -24.07
C ILE A 49 -15.90 -5.56 -23.71
N SER A 50 -16.39 -4.73 -24.63
CA SER A 50 -16.49 -3.32 -24.35
C SER A 50 -17.92 -2.91 -24.04
N ASP A 51 -18.07 -2.31 -22.86
CA ASP A 51 -19.33 -1.78 -22.30
C ASP A 51 -19.12 -0.39 -21.69
N PRO A 52 -19.35 0.65 -22.50
CA PRO A 52 -19.03 1.99 -21.93
C PRO A 52 -20.01 2.38 -20.85
N THR A 53 -21.09 1.65 -20.66
CA THR A 53 -21.94 1.94 -19.51
C THR A 53 -21.45 1.30 -18.17
N THR A 54 -20.60 0.26 -18.19
CA THR A 54 -20.46 -0.57 -16.96
C THR A 54 -19.88 0.20 -15.81
N ASP A 55 -20.33 -0.09 -14.58
CA ASP A 55 -19.68 0.52 -13.39
C ASP A 55 -18.44 -0.23 -12.92
N LYS A 56 -18.45 -1.54 -12.98
CA LYS A 56 -17.28 -2.27 -12.65
C LYS A 56 -16.79 -2.92 -13.90
N SER A 57 -15.46 -2.91 -14.08
CA SER A 57 -14.83 -3.77 -15.07
C SER A 57 -14.37 -5.12 -14.43
N SER A 58 -13.91 -6.04 -15.27
CA SER A 58 -13.70 -7.40 -14.84
C SER A 58 -12.76 -8.15 -15.74
N ALA A 59 -11.96 -9.08 -15.19
CA ALA A 59 -11.32 -10.04 -16.05
C ALA A 59 -11.30 -11.39 -15.42
N ALA A 60 -11.13 -12.39 -16.28
CA ALA A 60 -10.93 -13.75 -15.81
C ALA A 60 -9.97 -14.47 -16.73
N LEU A 61 -9.34 -15.48 -16.14
CA LEU A 61 -8.37 -16.31 -16.81
C LEU A 61 -8.71 -17.72 -16.35
N ASP A 62 -8.81 -18.63 -17.31
CA ASP A 62 -9.08 -20.00 -17.00
C ASP A 62 -7.96 -20.82 -17.60
N VAL A 63 -7.25 -21.54 -16.73
CA VAL A 63 -6.23 -22.53 -17.15
C VAL A 63 -6.88 -23.88 -17.17
N HIS A 64 -6.74 -24.53 -18.30
CA HIS A 64 -7.30 -25.84 -18.50
C HIS A 64 -6.50 -26.93 -17.80
N ILE A 65 -6.11 -26.69 -16.55
CA ILE A 65 -5.56 -27.73 -15.75
C ILE A 65 -6.22 -27.65 -14.43
N GLY A 66 -6.40 -28.79 -13.83
CA GLY A 66 -6.87 -28.84 -12.49
C GLY A 66 -6.50 -30.15 -11.80
N SER A 67 -7.35 -30.57 -10.88
CA SER A 67 -6.84 -31.48 -9.89
C SER A 67 -6.61 -32.87 -10.49
N LEU A 68 -7.26 -33.17 -11.62
CA LEU A 68 -7.07 -34.49 -12.21
C LEU A 68 -5.61 -34.66 -12.59
N SER A 69 -4.88 -33.56 -12.63
CA SER A 69 -3.47 -33.57 -12.96
C SER A 69 -2.63 -33.38 -11.74
N ASP A 70 -3.19 -33.53 -10.55
CA ASP A 70 -2.33 -33.43 -9.36
C ASP A 70 -1.30 -34.59 -9.43
N PRO A 71 -0.08 -34.38 -8.93
CA PRO A 71 0.85 -35.46 -8.69
C PRO A 71 0.14 -36.51 -7.86
N PRO A 72 0.34 -37.80 -8.18
CA PRO A 72 -0.35 -38.85 -7.38
C PRO A 72 0.10 -38.81 -5.98
N ASN A 73 1.31 -38.29 -5.70
CA ASN A 73 1.76 -38.24 -4.35
C ASN A 73 1.49 -36.90 -3.58
N ILE A 74 0.86 -35.93 -4.21
CA ILE A 74 0.49 -34.70 -3.47
C ILE A 74 -0.97 -34.25 -3.79
N ALA A 75 -1.93 -34.98 -3.28
CA ALA A 75 -3.33 -34.71 -3.51
C ALA A 75 -3.62 -33.24 -3.06
N GLY A 76 -4.31 -32.51 -3.94
CA GLY A 76 -4.64 -31.10 -3.66
C GLY A 76 -3.66 -30.08 -4.19
N LEU A 77 -2.59 -30.54 -4.81
CA LEU A 77 -1.59 -29.51 -5.21
C LEU A 77 -2.16 -28.36 -6.06
N SER A 78 -3.03 -28.66 -7.02
CA SER A 78 -3.44 -27.57 -7.90
C SER A 78 -4.46 -26.64 -7.18
N HIS A 79 -5.27 -27.20 -6.28
CA HIS A 79 -6.10 -26.40 -5.46
C HIS A 79 -5.16 -25.49 -4.60
N PHE A 80 -4.15 -26.11 -3.96
CA PHE A 80 -3.26 -25.32 -3.10
C PHE A 80 -2.62 -24.20 -3.91
N LEU A 81 -2.17 -24.53 -5.11
CA LEU A 81 -1.58 -23.54 -5.98
C LEU A 81 -2.57 -22.38 -6.20
N GLN A 82 -3.85 -22.74 -6.49
CA GLN A 82 -4.88 -21.74 -6.66
C GLN A 82 -5.00 -20.77 -5.42
N HIS A 83 -4.91 -21.26 -4.19
CA HIS A 83 -4.85 -20.36 -3.04
C HIS A 83 -3.58 -19.49 -3.09
N MET A 84 -2.45 -20.09 -3.47
CA MET A 84 -1.14 -19.42 -3.36
C MET A 84 -0.93 -18.31 -4.36
N LEU A 85 -1.57 -18.36 -5.53
CA LEU A 85 -1.36 -17.28 -6.51
C LEU A 85 -1.71 -15.85 -6.03
N PHE A 86 -2.59 -15.76 -5.04
CA PHE A 86 -3.02 -14.48 -4.54
C PHE A 86 -2.01 -13.92 -3.55
N LEU A 87 -1.02 -14.69 -3.14
CA LEU A 87 -0.22 -14.23 -2.02
C LEU A 87 1.13 -13.67 -2.37
N GLY A 88 1.25 -13.13 -3.58
CA GLY A 88 2.45 -12.39 -3.96
C GLY A 88 3.17 -12.85 -5.22
N THR A 89 3.65 -11.86 -5.96
CA THR A 89 4.41 -12.14 -7.13
C THR A 89 5.70 -11.31 -7.08
N LYS A 90 6.60 -11.61 -8.03
CA LYS A 90 7.86 -10.95 -8.12
C LYS A 90 7.61 -9.42 -8.29
N LYS A 91 6.63 -9.03 -9.10
CA LYS A 91 6.38 -7.65 -9.48
C LYS A 91 5.50 -6.97 -8.33
N TYR A 92 4.71 -7.73 -7.58
CA TYR A 92 3.91 -7.15 -6.53
C TYR A 92 4.03 -8.10 -5.36
N PRO A 93 5.18 -8.04 -4.66
CA PRO A 93 5.51 -9.06 -3.65
C PRO A 93 4.75 -8.94 -2.35
N LYS A 94 4.08 -7.80 -2.11
CA LYS A 94 3.29 -7.76 -0.86
C LYS A 94 2.19 -8.86 -0.86
N GLU A 95 2.08 -9.58 0.26
CA GLU A 95 1.25 -10.77 0.34
C GLU A 95 -0.20 -10.47 -0.11
N ASN A 96 -0.69 -9.28 0.25
CA ASN A 96 -2.04 -8.97 -0.04
C ASN A 96 -2.15 -7.69 -0.86
N GLU A 97 -1.14 -7.38 -1.62
CA GLU A 97 -1.24 -6.26 -2.53
C GLU A 97 -2.48 -6.39 -3.42
N TYR A 98 -2.77 -7.63 -3.83
CA TYR A 98 -3.80 -7.82 -4.86
C TYR A 98 -5.14 -7.53 -4.21
N SER A 99 -5.38 -8.15 -3.05
CA SER A 99 -6.71 -8.10 -2.55
C SER A 99 -7.00 -6.73 -1.91
N GLN A 100 -5.95 -6.09 -1.41
CA GLN A 100 -6.09 -4.71 -0.95
C GLN A 100 -6.32 -3.69 -2.04
N PHE A 101 -5.59 -3.84 -3.14
CA PHE A 101 -5.87 -3.00 -4.29
C PHE A 101 -7.35 -3.08 -4.69
N LEU A 102 -7.85 -4.31 -4.82
CA LEU A 102 -9.26 -4.54 -5.20
C LEU A 102 -10.22 -3.84 -4.21
N SER A 103 -9.99 -4.12 -2.96
CA SER A 103 -10.76 -3.59 -1.89
C SER A 103 -10.85 -2.08 -1.93
N GLU A 104 -9.74 -1.44 -2.21
CA GLU A 104 -9.69 -0.01 -2.18
C GLU A 104 -10.26 0.56 -3.43
N HIS A 105 -10.65 -0.29 -4.37
CA HIS A 105 -11.13 0.22 -5.65
C HIS A 105 -12.43 -0.49 -6.03
N ALA A 106 -13.18 -0.84 -5.01
CA ALA A 106 -14.51 -1.43 -5.14
C ALA A 106 -14.59 -2.83 -5.82
N GLY A 107 -13.52 -3.64 -5.76
CA GLY A 107 -13.47 -4.88 -6.44
C GLY A 107 -13.49 -6.06 -5.49
N SER A 108 -13.44 -7.25 -6.03
CA SER A 108 -13.37 -8.47 -5.25
C SER A 108 -12.92 -9.52 -6.26
N SER A 109 -12.55 -10.67 -5.76
CA SER A 109 -11.92 -11.63 -6.63
C SER A 109 -12.11 -12.95 -6.01
N ASN A 110 -12.19 -13.98 -6.82
CA ASN A 110 -12.12 -15.32 -6.27
C ASN A 110 -11.59 -16.21 -7.37
N ALA A 111 -11.61 -17.52 -7.14
CA ALA A 111 -11.03 -18.49 -8.02
C ALA A 111 -11.61 -19.82 -7.64
N PHE A 112 -11.69 -20.77 -8.54
CA PHE A 112 -11.95 -22.15 -8.13
C PHE A 112 -11.16 -23.13 -8.96
N THR A 113 -11.09 -24.38 -8.45
CA THR A 113 -10.33 -25.48 -9.05
C THR A 113 -11.28 -26.65 -9.22
N SER A 114 -11.53 -27.06 -10.45
CA SER A 114 -12.27 -28.29 -10.69
C SER A 114 -11.23 -29.36 -11.21
N GLY A 115 -11.65 -30.50 -11.77
CA GLY A 115 -10.70 -31.51 -12.17
C GLY A 115 -9.85 -31.07 -13.35
N GLU A 116 -10.37 -30.19 -14.23
CA GLU A 116 -9.67 -29.77 -15.45
C GLU A 116 -9.49 -28.26 -15.61
N HIS A 117 -9.86 -27.51 -14.59
CA HIS A 117 -9.76 -26.08 -14.79
C HIS A 117 -9.33 -25.46 -13.54
N THR A 118 -8.59 -24.36 -13.70
CA THR A 118 -8.43 -23.44 -12.61
C THR A 118 -8.80 -22.07 -13.16
N ASN A 119 -9.78 -21.42 -12.47
CA ASN A 119 -10.48 -20.26 -13.00
C ASN A 119 -10.37 -19.13 -11.99
N TYR A 120 -9.82 -18.01 -12.45
CA TYR A 120 -9.49 -16.87 -11.57
C TYR A 120 -10.23 -15.63 -12.08
N TYR A 121 -10.89 -14.90 -11.19
CA TYR A 121 -11.60 -13.75 -11.69
C TYR A 121 -11.69 -12.63 -10.67
N PHE A 122 -11.82 -11.42 -11.21
CA PHE A 122 -12.03 -10.29 -10.34
C PHE A 122 -12.92 -9.29 -11.03
N ASP A 123 -13.47 -8.42 -10.20
CA ASP A 123 -13.92 -7.16 -10.70
C ASP A 123 -13.37 -5.99 -9.92
N VAL A 124 -13.63 -4.82 -10.47
CA VAL A 124 -13.03 -3.61 -9.95
C VAL A 124 -13.76 -2.42 -10.55
N SER A 125 -13.59 -1.28 -9.89
CA SER A 125 -14.11 -0.01 -10.39
C SER A 125 -13.60 0.27 -11.79
N HIS A 126 -14.48 0.76 -12.64
CA HIS A 126 -14.12 0.74 -14.04
C HIS A 126 -12.89 1.55 -14.36
N GLU A 127 -12.58 2.50 -13.51
CA GLU A 127 -11.42 3.32 -13.72
C GLU A 127 -10.09 2.63 -13.34
N HIS A 128 -10.12 1.45 -12.71
CA HIS A 128 -8.89 0.85 -12.31
C HIS A 128 -8.62 -0.53 -12.88
N LEU A 129 -9.18 -0.81 -14.08
CA LEU A 129 -8.97 -2.07 -14.76
C LEU A 129 -7.50 -2.39 -14.93
N GLU A 130 -6.76 -1.46 -15.50
CA GLU A 130 -5.40 -1.71 -15.87
C GLU A 130 -4.57 -2.07 -14.64
N GLY A 131 -4.77 -1.31 -13.57
CA GLY A 131 -4.14 -1.61 -12.32
C GLY A 131 -4.50 -2.95 -11.77
N ALA A 132 -5.78 -3.26 -11.75
CA ALA A 132 -6.17 -4.58 -11.27
C ALA A 132 -5.56 -5.68 -12.17
N LEU A 133 -5.63 -5.46 -13.48
CA LEU A 133 -5.32 -6.49 -14.44
C LEU A 133 -3.80 -6.78 -14.42
N ASP A 134 -3.01 -5.72 -14.26
CA ASP A 134 -1.57 -5.88 -14.21
C ASP A 134 -1.25 -6.79 -13.00
N ARG A 135 -1.87 -6.51 -11.84
CA ARG A 135 -1.58 -7.29 -10.68
C ARG A 135 -1.96 -8.75 -10.87
N PHE A 136 -3.11 -8.98 -11.47
CA PHE A 136 -3.63 -10.27 -11.77
C PHE A 136 -2.69 -11.01 -12.77
N ALA A 137 -2.17 -10.32 -13.80
CA ALA A 137 -1.43 -11.03 -14.82
C ALA A 137 -0.26 -11.70 -14.13
N GLN A 138 0.23 -11.05 -13.07
CA GLN A 138 1.46 -11.56 -12.46
C GLN A 138 1.27 -12.97 -11.92
N PHE A 139 0.04 -13.30 -11.52
CA PHE A 139 -0.26 -14.68 -11.07
C PHE A 139 0.28 -15.71 -12.04
N PHE A 140 0.28 -15.36 -13.33
CA PHE A 140 0.58 -16.35 -14.36
C PHE A 140 2.00 -16.21 -14.94
N LEU A 141 2.81 -15.40 -14.26
CA LEU A 141 4.12 -15.10 -14.74
C LEU A 141 5.14 -15.44 -13.69
N SER A 142 4.92 -15.02 -12.45
CA SER A 142 5.90 -15.28 -11.43
C SER A 142 5.38 -15.14 -9.99
N PRO A 143 4.52 -16.09 -9.58
CA PRO A 143 4.10 -16.12 -8.20
C PRO A 143 5.31 -16.37 -7.32
N LEU A 144 5.32 -15.89 -6.11
CA LEU A 144 6.45 -16.12 -5.22
C LEU A 144 6.39 -17.43 -4.52
N PHE A 145 5.19 -17.95 -4.29
CA PHE A 145 4.98 -19.07 -3.40
C PHE A 145 5.86 -18.90 -2.17
N ASP A 146 5.74 -17.73 -1.54
CA ASP A 146 6.46 -17.48 -0.29
C ASP A 146 6.37 -18.64 0.74
N GLU A 147 7.52 -18.93 1.34
CA GLU A 147 7.68 -20.07 2.23
C GLU A 147 6.76 -19.89 3.44
N SER A 148 6.67 -18.66 3.90
CA SER A 148 5.89 -18.41 5.09
C SER A 148 4.35 -18.29 4.73
N ALA A 149 4.03 -17.66 3.60
CA ALA A 149 2.69 -17.74 3.02
C ALA A 149 2.29 -19.21 2.89
N LYS A 150 3.17 -20.06 2.34
CA LYS A 150 2.79 -21.47 2.19
C LYS A 150 2.45 -22.16 3.52
N ASP A 151 3.28 -22.02 4.53
CA ASP A 151 2.96 -22.69 5.84
C ASP A 151 1.71 -22.16 6.46
N ARG A 152 1.38 -20.91 6.18
CA ARG A 152 0.13 -20.43 6.73
C ARG A 152 -1.09 -20.89 5.92
N GLU A 153 -1.03 -20.75 4.61
CA GLU A 153 -2.24 -20.87 3.83
C GLU A 153 -2.74 -22.31 3.76
N VAL A 154 -1.86 -23.25 4.05
CA VAL A 154 -2.18 -24.67 4.00
C VAL A 154 -3.26 -24.94 5.01
N ASN A 155 -3.35 -24.07 6.04
CA ASN A 155 -4.44 -24.14 7.02
C ASN A 155 -5.79 -23.74 6.47
N ALA A 156 -5.78 -22.75 5.61
CA ALA A 156 -7.02 -22.35 4.92
C ALA A 156 -7.55 -23.54 4.13
N VAL A 157 -6.66 -24.22 3.41
CA VAL A 157 -7.09 -25.38 2.63
C VAL A 157 -7.60 -26.52 3.52
N ASP A 158 -6.86 -26.81 4.58
CA ASP A 158 -7.33 -27.82 5.51
C ASP A 158 -8.74 -27.54 6.10
N SER A 159 -8.98 -26.27 6.43
CA SER A 159 -10.25 -25.82 6.97
C SER A 159 -11.39 -25.89 5.89
N GLU A 160 -11.04 -25.56 4.62
CA GLU A 160 -11.92 -25.69 3.46
C GLU A 160 -12.37 -27.17 3.51
N HIS A 161 -11.47 -28.11 3.65
CA HIS A 161 -11.89 -29.48 3.66
C HIS A 161 -12.62 -29.89 4.91
N GLU A 162 -12.13 -29.46 6.06
CA GLU A 162 -12.82 -29.75 7.31
C GLU A 162 -14.30 -29.47 7.24
N LYS A 163 -14.66 -28.26 6.83
CA LYS A 163 -16.07 -27.93 6.57
C LYS A 163 -16.81 -28.96 5.72
N ASN A 164 -16.19 -29.55 4.70
CA ASN A 164 -16.87 -30.51 3.82
C ASN A 164 -16.98 -31.92 4.37
N VAL A 165 -16.09 -32.28 5.30
CA VAL A 165 -16.03 -33.65 5.78
C VAL A 165 -17.40 -34.27 6.09
N MET A 166 -18.30 -33.53 6.72
CA MET A 166 -19.56 -34.07 7.21
C MET A 166 -20.72 -33.57 6.36
N ASN A 167 -20.44 -32.97 5.20
CA ASN A 167 -21.47 -32.67 4.23
C ASN A 167 -21.78 -33.90 3.38
N ASP A 168 -23.06 -34.28 3.30
CA ASP A 168 -23.51 -35.48 2.54
C ASP A 168 -23.18 -35.49 1.05
N ALA A 169 -23.34 -34.35 0.40
CA ALA A 169 -23.03 -34.26 -1.01
C ALA A 169 -21.52 -34.46 -1.23
N TRP A 170 -20.68 -33.84 -0.39
CA TRP A 170 -19.26 -33.99 -0.64
C TRP A 170 -18.82 -35.45 -0.47
N ARG A 171 -19.37 -36.16 0.51
CA ARG A 171 -19.06 -37.52 0.75
C ARG A 171 -19.53 -38.36 -0.39
N LEU A 172 -20.73 -38.09 -0.92
CA LEU A 172 -21.14 -38.87 -2.11
C LEU A 172 -20.29 -38.58 -3.32
N PHE A 173 -19.99 -37.31 -3.54
CA PHE A 173 -19.06 -36.92 -4.59
C PHE A 173 -17.73 -37.80 -4.56
N GLN A 174 -17.06 -37.88 -3.40
CA GLN A 174 -15.79 -38.59 -3.30
C GLN A 174 -15.97 -40.13 -3.29
N LEU A 175 -17.08 -40.62 -2.71
CA LEU A 175 -17.44 -42.01 -2.77
C LEU A 175 -17.59 -42.53 -4.21
N GLU A 176 -18.24 -41.76 -5.07
CA GLU A 176 -18.37 -42.25 -6.43
C GLU A 176 -16.96 -42.42 -6.98
N LYS A 177 -16.08 -41.48 -6.71
CA LYS A 177 -14.71 -41.55 -7.21
C LYS A 177 -13.95 -42.72 -6.59
N ALA A 178 -14.24 -43.01 -5.33
CA ALA A 178 -13.55 -44.08 -4.67
C ALA A 178 -13.95 -45.44 -5.22
N THR A 179 -15.11 -45.56 -5.85
CA THR A 179 -15.61 -46.87 -6.25
C THR A 179 -15.47 -47.14 -7.73
N GLY A 180 -14.85 -46.26 -8.50
CA GLY A 180 -14.54 -46.61 -9.90
C GLY A 180 -13.13 -47.17 -10.00
N ASN A 181 -12.54 -47.19 -11.18
CA ASN A 181 -11.19 -47.72 -11.29
C ASN A 181 -10.17 -46.95 -10.42
N PRO A 182 -9.55 -47.62 -9.43
CA PRO A 182 -8.66 -46.80 -8.56
C PRO A 182 -7.39 -46.29 -9.23
N LYS A 183 -7.08 -46.76 -10.42
CA LYS A 183 -5.86 -46.32 -11.15
C LYS A 183 -6.16 -45.10 -11.98
N HIS A 184 -7.45 -44.79 -12.09
CA HIS A 184 -7.91 -43.66 -12.91
C HIS A 184 -7.75 -42.36 -12.14
N PRO A 185 -7.25 -41.30 -12.80
CA PRO A 185 -7.15 -39.98 -12.23
C PRO A 185 -8.43 -39.49 -11.54
N PHE A 186 -9.58 -39.94 -12.07
CA PHE A 186 -10.90 -39.70 -11.48
C PHE A 186 -10.96 -40.06 -10.04
N SER A 187 -10.13 -40.96 -9.59
CA SER A 187 -10.29 -41.30 -8.15
C SER A 187 -9.45 -40.38 -7.29
N LYS A 188 -8.86 -39.35 -7.87
CA LYS A 188 -8.04 -38.47 -7.01
C LYS A 188 -8.88 -37.69 -6.00
N PHE A 189 -8.22 -37.20 -4.99
CA PHE A 189 -8.86 -36.38 -3.97
C PHE A 189 -8.38 -34.99 -4.28
N GLY A 190 -9.26 -34.17 -4.89
CA GLY A 190 -8.95 -32.85 -5.40
C GLY A 190 -8.71 -31.78 -4.34
N THR A 191 -9.38 -31.88 -3.20
CA THR A 191 -9.33 -30.78 -2.28
C THR A 191 -7.97 -30.64 -1.69
N GLY A 192 -7.40 -31.75 -1.20
CA GLY A 192 -6.28 -31.67 -0.31
C GLY A 192 -6.56 -31.29 1.13
N ASN A 193 -5.58 -31.52 2.01
CA ASN A 193 -5.64 -31.00 3.38
C ASN A 193 -4.27 -30.83 3.98
N LYS A 194 -4.21 -30.52 5.27
CA LYS A 194 -2.92 -30.36 5.96
C LYS A 194 -2.10 -31.68 5.85
N TYR A 195 -2.73 -32.82 6.05
CA TYR A 195 -2.04 -34.08 5.89
C TYR A 195 -1.37 -34.18 4.49
N THR A 196 -2.15 -34.03 3.41
CA THR A 196 -1.67 -34.32 2.06
C THR A 196 -0.80 -33.20 1.54
N LEU A 197 -0.89 -32.04 2.12
CA LEU A 197 -0.23 -30.92 1.53
C LEU A 197 0.98 -30.49 2.36
N GLU A 198 1.02 -30.94 3.62
CA GLU A 198 2.15 -30.57 4.48
C GLU A 198 2.78 -31.79 5.23
N THR A 199 2.01 -32.48 6.04
CA THR A 199 2.55 -33.52 6.84
C THR A 199 3.24 -34.63 6.02
N ARG A 200 2.44 -35.37 5.28
CA ARG A 200 2.98 -36.44 4.46
C ARG A 200 4.13 -35.96 3.53
N PRO A 201 3.96 -34.83 2.83
CA PRO A 201 5.17 -34.36 2.08
C PRO A 201 6.43 -34.09 2.90
N ASN A 202 6.30 -33.57 4.13
CA ASN A 202 7.45 -33.39 5.04
C ASN A 202 8.05 -34.76 5.30
N GLN A 203 7.21 -35.70 5.77
CA GLN A 203 7.67 -37.06 5.92
C GLN A 203 8.41 -37.59 4.68
N GLU A 204 8.17 -37.03 3.52
CA GLU A 204 8.71 -37.69 2.36
C GLU A 204 9.73 -36.82 1.68
N GLY A 205 10.25 -35.82 2.42
CA GLY A 205 11.35 -34.99 1.94
C GLY A 205 11.04 -34.02 0.81
N ILE A 206 9.74 -33.79 0.59
CA ILE A 206 9.27 -32.91 -0.44
C ILE A 206 9.36 -31.44 -0.02
N ASP A 207 9.97 -30.64 -0.86
CA ASP A 207 9.88 -29.22 -0.80
C ASP A 207 8.61 -28.75 -1.59
N VAL A 208 7.55 -28.52 -0.83
CA VAL A 208 6.27 -28.09 -1.43
C VAL A 208 6.42 -26.78 -2.20
N ARG A 209 7.20 -25.80 -1.73
CA ARG A 209 7.42 -24.63 -2.54
C ARG A 209 7.97 -25.06 -3.91
N GLN A 210 8.92 -25.97 -3.98
CA GLN A 210 9.41 -26.40 -5.29
C GLN A 210 8.32 -27.11 -6.11
N GLU A 211 7.57 -27.98 -5.46
CA GLU A 211 6.51 -28.67 -6.17
C GLU A 211 5.53 -27.65 -6.78
N LEU A 212 5.08 -26.65 -5.99
CA LEU A 212 4.30 -25.51 -6.53
C LEU A 212 4.99 -24.84 -7.71
N LEU A 213 6.28 -24.52 -7.55
CA LEU A 213 7.02 -23.91 -8.64
C LEU A 213 7.00 -24.80 -9.85
N LYS A 214 7.17 -26.11 -9.66
CA LYS A 214 7.28 -27.04 -10.77
C LYS A 214 5.96 -27.19 -11.50
N PHE A 215 4.89 -27.29 -10.73
CA PHE A 215 3.58 -27.49 -11.29
C PHE A 215 3.19 -26.21 -12.07
N HIS A 216 3.46 -25.04 -11.52
CA HIS A 216 3.12 -23.80 -12.20
C HIS A 216 3.85 -23.72 -13.51
N SER A 217 5.15 -23.97 -13.40
CA SER A 217 6.06 -23.90 -14.57
C SER A 217 5.72 -24.95 -15.62
N ALA A 218 5.30 -26.13 -15.19
CA ALA A 218 5.00 -27.19 -16.15
C ALA A 218 3.64 -26.96 -16.78
N TYR A 219 2.63 -26.63 -15.96
CA TYR A 219 1.22 -26.58 -16.46
C TYR A 219 0.61 -25.23 -16.73
N TYR A 220 1.14 -24.18 -16.17
CA TYR A 220 0.50 -22.91 -16.40
C TYR A 220 1.13 -22.37 -17.67
N SER A 221 0.85 -23.05 -18.78
CA SER A 221 1.39 -22.72 -20.09
C SER A 221 0.40 -21.83 -20.85
N SER A 222 0.88 -20.82 -21.54
CA SER A 222 -0.04 -20.01 -22.32
C SER A 222 -1.00 -20.85 -23.25
N ASN A 223 -0.55 -21.96 -23.83
CA ASN A 223 -1.43 -22.67 -24.82
C ASN A 223 -2.70 -23.19 -24.13
N LEU A 224 -2.63 -23.37 -22.80
CA LEU A 224 -3.77 -23.89 -22.05
C LEU A 224 -4.63 -22.78 -21.38
N MET A 225 -4.45 -21.52 -21.79
CA MET A 225 -5.13 -20.40 -21.17
C MET A 225 -6.18 -19.71 -22.02
N ALA A 226 -7.22 -19.23 -21.33
CA ALA A 226 -8.25 -18.38 -21.96
C ALA A 226 -8.48 -17.19 -21.00
N VAL A 227 -8.46 -15.99 -21.58
CA VAL A 227 -8.65 -14.72 -20.87
C VAL A 227 -9.86 -13.94 -21.40
N VAL A 228 -10.61 -13.32 -20.51
CA VAL A 228 -11.68 -12.46 -20.92
C VAL A 228 -11.55 -11.18 -20.12
N VAL A 229 -11.76 -10.06 -20.80
CA VAL A 229 -11.61 -8.80 -20.14
C VAL A 229 -12.80 -7.95 -20.55
N LEU A 230 -13.46 -7.30 -19.57
CA LEU A 230 -14.68 -6.51 -19.82
C LEU A 230 -14.39 -5.12 -19.26
N GLY A 231 -14.61 -4.03 -20.01
CA GLY A 231 -14.16 -2.69 -19.55
C GLY A 231 -14.87 -1.62 -20.34
N ARG A 232 -14.81 -0.37 -19.90
CA ARG A 232 -15.36 0.70 -20.68
C ARG A 232 -14.60 0.99 -21.93
N GLU A 233 -13.33 0.57 -21.99
CA GLU A 233 -12.44 0.98 -23.10
C GLU A 233 -12.92 0.50 -24.45
N SER A 234 -12.53 1.19 -25.52
CA SER A 234 -12.75 0.61 -26.86
C SER A 234 -12.16 -0.82 -26.96
N LEU A 235 -12.65 -1.58 -27.92
CA LEU A 235 -12.05 -2.87 -28.30
C LEU A 235 -10.59 -2.80 -28.71
N ASP A 236 -10.19 -1.72 -29.36
CA ASP A 236 -8.77 -1.51 -29.66
C ASP A 236 -7.94 -1.33 -28.40
N ASP A 237 -8.48 -0.51 -27.47
CA ASP A 237 -7.73 -0.27 -26.25
C ASP A 237 -7.65 -1.57 -25.46
N LEU A 238 -8.80 -2.26 -25.35
CA LEU A 238 -8.78 -3.54 -24.67
C LEU A 238 -7.72 -4.49 -25.32
N THR A 239 -7.70 -4.53 -26.66
CA THR A 239 -6.74 -5.36 -27.38
C THR A 239 -5.28 -5.08 -26.96
N ASN A 240 -4.86 -3.82 -26.98
CA ASN A 240 -3.51 -3.50 -26.66
C ASN A 240 -3.21 -3.81 -25.18
N LEU A 241 -4.19 -3.59 -24.33
CA LEU A 241 -4.04 -3.89 -22.93
C LEU A 241 -3.72 -5.37 -22.76
N VAL A 242 -4.44 -6.22 -23.50
CA VAL A 242 -4.29 -7.64 -23.21
C VAL A 242 -3.02 -8.16 -23.82
N VAL A 243 -2.69 -7.65 -25.01
CA VAL A 243 -1.44 -7.96 -25.65
C VAL A 243 -0.31 -7.57 -24.70
N LYS A 244 -0.38 -6.35 -24.20
CA LYS A 244 0.69 -5.90 -23.41
C LYS A 244 0.88 -6.81 -22.21
N LEU A 245 -0.17 -7.21 -21.47
CA LEU A 245 0.07 -7.90 -20.19
C LEU A 245 0.12 -9.41 -20.37
N PHE A 246 -0.32 -9.94 -21.49
CA PHE A 246 -0.30 -11.38 -21.53
C PHE A 246 0.58 -12.07 -22.56
N SER A 247 1.06 -11.31 -23.55
CA SER A 247 2.06 -11.80 -24.52
C SER A 247 3.22 -12.45 -23.85
N GLU A 248 3.60 -12.00 -22.66
CA GLU A 248 4.81 -12.56 -22.13
C GLU A 248 4.57 -13.90 -21.45
N VAL A 249 3.33 -14.33 -21.30
CA VAL A 249 3.10 -15.64 -20.71
C VAL A 249 3.72 -16.66 -21.65
N GLU A 250 4.41 -17.58 -21.04
CA GLU A 250 5.24 -18.43 -21.83
C GLU A 250 4.58 -19.72 -22.38
N ASN A 251 4.82 -20.01 -23.64
CA ASN A 251 4.22 -21.19 -24.25
C ASN A 251 5.10 -22.41 -24.07
N LYS A 252 4.66 -23.41 -23.32
CA LYS A 252 5.44 -24.63 -23.14
C LYS A 252 4.86 -25.81 -23.88
N ASN A 253 3.90 -25.54 -24.76
CA ASN A 253 3.16 -26.58 -25.49
C ASN A 253 2.59 -27.77 -24.77
N VAL A 254 1.99 -27.57 -23.59
CA VAL A 254 1.49 -28.70 -22.86
C VAL A 254 0.34 -29.39 -23.58
N PRO A 255 0.47 -30.70 -23.80
CA PRO A 255 -0.69 -31.41 -24.44
C PRO A 255 -1.85 -31.36 -23.45
N LEU A 256 -3.07 -31.13 -23.93
CA LEU A 256 -4.25 -31.12 -23.10
C LEU A 256 -4.51 -32.49 -22.54
N PRO A 257 -4.59 -32.62 -21.22
CA PRO A 257 -4.93 -33.96 -20.72
C PRO A 257 -6.31 -34.42 -21.23
N GLU A 258 -6.44 -35.74 -21.41
CA GLU A 258 -7.63 -36.41 -21.96
C GLU A 258 -7.77 -37.75 -21.30
N PHE A 259 -9.01 -38.18 -21.10
CA PHE A 259 -9.28 -39.39 -20.33
C PHE A 259 -10.22 -40.26 -21.11
N PRO A 260 -9.73 -40.80 -22.25
CA PRO A 260 -10.69 -41.61 -23.09
C PRO A 260 -11.22 -42.89 -22.36
N GLU A 261 -10.47 -43.43 -21.41
CA GLU A 261 -10.94 -44.61 -20.75
C GLU A 261 -11.89 -44.21 -19.63
N HIS A 262 -13.11 -44.71 -19.67
CA HIS A 262 -14.06 -44.43 -18.60
C HIS A 262 -13.60 -45.00 -17.25
N PRO A 263 -13.63 -44.20 -16.16
CA PRO A 263 -13.22 -44.80 -14.88
C PRO A 263 -14.16 -45.89 -14.41
N PHE A 264 -15.34 -46.02 -15.00
CA PHE A 264 -16.17 -47.20 -14.70
C PHE A 264 -16.01 -48.21 -15.83
N GLN A 265 -15.37 -49.33 -15.54
CA GLN A 265 -15.26 -50.42 -16.51
C GLN A 265 -16.22 -51.52 -16.06
N GLU A 266 -16.11 -52.69 -16.66
CA GLU A 266 -17.08 -53.72 -16.35
C GLU A 266 -17.17 -54.14 -14.91
N GLU A 267 -16.04 -54.34 -14.23
CA GLU A 267 -16.12 -54.74 -12.84
C GLU A 267 -16.85 -53.73 -12.00
N HIS A 268 -17.06 -52.54 -12.56
CA HIS A 268 -17.72 -51.45 -11.81
C HIS A 268 -19.18 -51.22 -12.19
N LEU A 269 -19.68 -52.01 -13.13
CA LEU A 269 -21.07 -51.93 -13.55
C LEU A 269 -21.91 -52.98 -12.84
N LYS A 270 -23.24 -52.80 -12.83
CA LYS A 270 -24.15 -53.66 -12.05
C LYS A 270 -23.75 -53.75 -10.56
N GLN A 271 -23.37 -52.62 -10.00
CA GLN A 271 -22.95 -52.57 -8.61
C GLN A 271 -24.01 -51.81 -7.81
N LEU A 272 -24.20 -52.17 -6.53
CA LEU A 272 -25.13 -51.50 -5.62
C LEU A 272 -24.37 -50.99 -4.41
N TYR A 273 -24.65 -49.78 -3.93
CA TYR A 273 -23.89 -49.24 -2.82
C TYR A 273 -24.91 -48.90 -1.79
N LYS A 274 -24.67 -49.25 -0.55
CA LYS A 274 -25.60 -48.91 0.48
C LYS A 274 -24.82 -47.99 1.37
N ILE A 275 -25.28 -46.74 1.52
CA ILE A 275 -24.48 -45.69 2.14
C ILE A 275 -25.18 -45.12 3.39
N VAL A 276 -24.43 -44.93 4.48
CA VAL A 276 -24.93 -44.24 5.66
C VAL A 276 -24.68 -42.71 5.55
N PRO A 277 -25.76 -41.93 5.55
CA PRO A 277 -25.67 -40.48 5.48
C PRO A 277 -25.41 -39.81 6.83
N ILE A 278 -25.07 -38.54 6.81
CA ILE A 278 -25.03 -37.75 8.04
C ILE A 278 -26.39 -37.22 8.41
N LYS A 279 -27.06 -36.52 7.49
CA LYS A 279 -28.42 -36.12 7.73
C LYS A 279 -29.35 -37.32 7.59
N ASP A 280 -30.58 -37.21 8.12
CA ASP A 280 -31.55 -38.24 7.88
C ASP A 280 -32.19 -37.99 6.50
N ILE A 281 -31.54 -38.55 5.48
CA ILE A 281 -32.02 -38.45 4.11
C ILE A 281 -32.17 -39.83 3.52
N ARG A 282 -33.03 -39.92 2.52
CA ARG A 282 -33.31 -41.18 1.90
C ARG A 282 -33.28 -40.91 0.43
N ASN A 283 -32.24 -41.36 -0.25
CA ASN A 283 -32.11 -41.07 -1.64
C ASN A 283 -31.66 -42.24 -2.43
N LEU A 284 -32.02 -42.25 -3.72
CA LEU A 284 -31.56 -43.21 -4.70
C LEU A 284 -30.87 -42.55 -5.90
N TYR A 285 -29.63 -42.97 -6.15
CA TYR A 285 -28.76 -42.51 -7.26
C TYR A 285 -28.59 -43.60 -8.29
N VAL A 286 -29.05 -43.35 -9.50
CA VAL A 286 -28.87 -44.29 -10.58
C VAL A 286 -27.99 -43.63 -11.64
N THR A 287 -26.91 -44.31 -11.98
CA THR A 287 -25.95 -43.72 -12.90
C THR A 287 -25.47 -44.67 -14.00
N PHE A 288 -25.31 -44.14 -15.19
CA PHE A 288 -24.83 -44.91 -16.30
C PHE A 288 -23.61 -44.20 -16.88
N PRO A 289 -22.52 -44.91 -17.14
CA PRO A 289 -21.40 -44.33 -17.86
C PRO A 289 -21.78 -44.10 -19.29
N ILE A 290 -21.41 -42.94 -19.80
CA ILE A 290 -21.60 -42.67 -21.18
C ILE A 290 -20.30 -42.09 -21.79
N PRO A 291 -20.23 -42.05 -23.13
CA PRO A 291 -19.17 -41.29 -23.74
C PRO A 291 -19.40 -39.76 -23.51
N ASP A 292 -18.34 -38.99 -23.74
CA ASP A 292 -18.35 -37.58 -23.71
C ASP A 292 -19.18 -37.02 -24.89
N LEU A 293 -20.31 -36.38 -24.57
CA LEU A 293 -21.14 -35.79 -25.54
C LEU A 293 -20.80 -34.32 -25.84
N GLN A 294 -19.83 -33.73 -25.15
CA GLN A 294 -19.54 -32.29 -25.34
C GLN A 294 -19.43 -31.94 -26.83
N LYS A 295 -18.73 -32.74 -27.63
CA LYS A 295 -18.60 -32.38 -29.04
C LYS A 295 -19.94 -32.27 -29.78
N TYR A 296 -21.03 -32.87 -29.26
CA TYR A 296 -22.32 -32.83 -29.90
C TYR A 296 -23.18 -31.63 -29.47
N TYR A 297 -22.53 -30.54 -29.07
CA TYR A 297 -23.25 -29.44 -28.59
C TYR A 297 -24.27 -28.84 -29.56
N LYS A 298 -24.14 -29.04 -30.86
CA LYS A 298 -25.12 -28.45 -31.78
C LYS A 298 -26.43 -29.21 -31.80
N SER A 299 -26.39 -30.44 -31.30
CA SER A 299 -27.60 -31.21 -31.16
C SER A 299 -28.03 -31.45 -29.74
N ASN A 300 -27.05 -31.72 -28.88
CA ASN A 300 -27.25 -31.98 -27.47
C ASN A 300 -28.18 -33.09 -27.10
N PRO A 301 -27.84 -34.27 -27.55
CA PRO A 301 -28.68 -35.42 -27.33
C PRO A 301 -28.93 -35.68 -25.86
N GLY A 302 -27.94 -35.45 -25.00
CA GLY A 302 -28.09 -35.64 -23.54
C GLY A 302 -29.09 -34.67 -22.93
N HIS A 303 -29.27 -33.49 -23.51
CA HIS A 303 -30.22 -32.53 -22.92
C HIS A 303 -31.61 -32.99 -23.33
N TYR A 304 -31.71 -33.46 -24.58
CA TYR A 304 -32.97 -33.99 -25.08
C TYR A 304 -33.43 -35.10 -24.16
N LEU A 305 -32.53 -36.03 -23.84
CA LEU A 305 -32.99 -37.12 -22.98
C LEU A 305 -33.32 -36.69 -21.51
N GLY A 306 -32.59 -35.68 -21.03
CA GLY A 306 -32.79 -35.18 -19.68
C GLY A 306 -34.16 -34.56 -19.67
N HIS A 307 -34.46 -33.78 -20.70
CA HIS A 307 -35.71 -33.08 -20.72
C HIS A 307 -36.83 -34.11 -20.59
N LEU A 308 -36.66 -35.22 -21.31
CA LEU A 308 -37.69 -36.21 -21.40
C LEU A 308 -37.70 -37.10 -20.11
N ILE A 309 -36.57 -37.66 -19.74
CA ILE A 309 -36.59 -38.49 -18.54
C ILE A 309 -36.86 -37.68 -17.26
N GLY A 310 -36.41 -36.42 -17.24
CA GLY A 310 -36.58 -35.58 -16.06
C GLY A 310 -37.90 -34.85 -16.04
N HIS A 311 -38.73 -35.07 -17.05
CA HIS A 311 -39.98 -34.30 -17.12
C HIS A 311 -40.80 -34.51 -15.85
N GLU A 312 -41.60 -33.51 -15.50
CA GLU A 312 -42.52 -33.61 -14.35
C GLU A 312 -44.00 -33.39 -14.73
N GLY A 313 -44.29 -33.39 -16.03
CA GLY A 313 -45.65 -33.24 -16.49
C GLY A 313 -46.50 -34.51 -16.49
N PRO A 314 -47.77 -34.35 -16.86
CA PRO A 314 -48.65 -35.51 -16.96
C PRO A 314 -47.92 -36.51 -17.84
N GLY A 315 -47.92 -37.76 -17.43
CA GLY A 315 -47.36 -38.81 -18.26
C GLY A 315 -45.96 -39.17 -17.84
N SER A 316 -45.34 -38.37 -16.97
CA SER A 316 -43.90 -38.49 -16.74
C SER A 316 -43.55 -39.61 -15.78
N LEU A 317 -42.29 -40.01 -15.83
CA LEU A 317 -41.67 -40.84 -14.82
C LEU A 317 -41.98 -40.34 -13.39
N LEU A 318 -41.63 -39.10 -13.03
CA LEU A 318 -41.85 -38.65 -11.67
C LEU A 318 -43.31 -38.78 -11.34
N SER A 319 -44.14 -38.44 -12.31
CA SER A 319 -45.52 -38.31 -11.96
C SER A 319 -46.10 -39.66 -11.46
N GLU A 320 -45.78 -40.78 -12.12
CA GLU A 320 -46.07 -42.12 -11.60
C GLU A 320 -45.39 -42.50 -10.29
N LEU A 321 -44.10 -42.23 -10.12
CA LEU A 321 -43.36 -42.56 -8.89
C LEU A 321 -43.97 -41.85 -7.72
N LYS A 322 -44.58 -40.73 -8.01
CA LYS A 322 -45.11 -39.89 -6.96
C LYS A 322 -46.52 -40.37 -6.62
N SER A 323 -47.37 -40.62 -7.61
CA SER A 323 -48.64 -41.34 -7.41
C SER A 323 -48.53 -42.64 -6.60
N LYS A 324 -47.52 -43.45 -6.86
CA LYS A 324 -47.28 -44.69 -6.16
C LYS A 324 -46.84 -44.43 -4.71
N GLY A 325 -46.59 -43.15 -4.37
CA GLY A 325 -46.12 -42.76 -3.07
C GLY A 325 -44.67 -43.11 -2.80
N TRP A 326 -43.87 -43.27 -3.85
CA TRP A 326 -42.50 -43.68 -3.64
C TRP A 326 -41.45 -42.55 -3.64
N VAL A 327 -41.67 -41.51 -4.46
CA VAL A 327 -40.67 -40.48 -4.56
C VAL A 327 -41.35 -39.15 -4.58
N ASN A 328 -40.68 -38.15 -4.01
CA ASN A 328 -41.15 -36.78 -4.18
C ASN A 328 -40.50 -35.99 -5.25
N THR A 329 -39.19 -36.16 -5.47
CA THR A 329 -38.49 -35.39 -6.49
C THR A 329 -37.59 -36.26 -7.30
N LEU A 330 -37.29 -35.79 -8.52
CA LEU A 330 -36.44 -36.51 -9.43
C LEU A 330 -35.55 -35.53 -10.27
N VAL A 331 -34.28 -35.79 -10.46
CA VAL A 331 -33.52 -35.08 -11.49
C VAL A 331 -32.93 -36.11 -12.41
N GLY A 332 -32.91 -35.81 -13.71
CA GLY A 332 -32.26 -36.70 -14.67
C GLY A 332 -31.52 -35.87 -15.70
N GLY A 333 -30.55 -36.52 -16.37
CA GLY A 333 -29.78 -35.85 -17.39
C GLY A 333 -28.32 -36.20 -17.35
N GLN A 334 -27.57 -35.45 -18.13
CA GLN A 334 -26.20 -35.77 -18.36
C GLN A 334 -25.41 -34.98 -17.35
N LYS A 335 -24.35 -35.58 -16.82
CA LYS A 335 -23.46 -34.96 -15.87
C LYS A 335 -21.98 -35.11 -16.35
N GLU A 336 -21.19 -34.09 -16.14
CA GLU A 336 -19.84 -34.05 -16.68
C GLU A 336 -18.91 -34.95 -15.91
N GLY A 337 -17.91 -35.45 -16.64
CA GLY A 337 -16.88 -36.29 -16.11
C GLY A 337 -15.63 -35.49 -16.36
N ALA A 338 -14.86 -35.80 -17.39
CA ALA A 338 -13.85 -34.90 -17.94
C ALA A 338 -13.77 -35.21 -19.45
N ARG A 339 -12.77 -34.64 -20.15
CA ARG A 339 -12.61 -34.91 -21.58
C ARG A 339 -12.44 -36.38 -21.73
N GLY A 340 -13.42 -37.03 -22.38
CA GLY A 340 -13.36 -38.48 -22.59
C GLY A 340 -14.46 -39.31 -21.96
N PHE A 341 -15.11 -38.81 -20.88
CA PHE A 341 -16.13 -39.56 -20.19
C PHE A 341 -17.20 -38.69 -19.49
N MET A 342 -18.42 -39.22 -19.40
CA MET A 342 -19.56 -38.54 -18.82
C MET A 342 -20.49 -39.54 -18.15
N PHE A 343 -21.59 -39.07 -17.61
CA PHE A 343 -22.48 -39.97 -16.92
C PHE A 343 -23.84 -39.47 -17.25
N PHE A 344 -24.78 -40.40 -17.24
CA PHE A 344 -26.16 -40.03 -17.33
C PHE A 344 -26.85 -40.44 -16.02
N ILE A 345 -27.58 -39.54 -15.37
CA ILE A 345 -28.05 -39.90 -14.02
C ILE A 345 -29.53 -39.77 -13.93
N ILE A 346 -30.13 -40.47 -12.95
CA ILE A 346 -31.54 -40.28 -12.56
C ILE A 346 -31.55 -40.51 -11.05
N ASN A 347 -31.86 -39.47 -10.29
CA ASN A 347 -31.76 -39.51 -8.84
C ASN A 347 -33.12 -39.08 -8.29
N VAL A 348 -33.57 -39.73 -7.22
CA VAL A 348 -34.87 -39.46 -6.62
C VAL A 348 -34.69 -39.50 -5.15
N ASP A 349 -35.53 -38.79 -4.43
CA ASP A 349 -35.56 -38.93 -2.96
C ASP A 349 -36.56 -40.09 -2.71
N LEU A 350 -36.59 -40.65 -1.49
CA LEU A 350 -37.37 -41.84 -1.23
C LEU A 350 -38.27 -41.56 -0.07
N THR A 351 -39.55 -41.85 -0.23
CA THR A 351 -40.46 -41.94 0.94
C THR A 351 -40.11 -43.21 1.69
N GLU A 352 -40.65 -43.41 2.88
CA GLU A 352 -40.45 -44.69 3.60
C GLU A 352 -40.87 -45.89 2.74
N GLU A 353 -42.00 -45.79 2.09
CA GLU A 353 -42.45 -46.87 1.24
C GLU A 353 -41.47 -47.02 0.10
N GLY A 354 -41.08 -45.88 -0.48
CA GLY A 354 -40.10 -45.87 -1.55
C GLY A 354 -38.83 -46.60 -1.14
N LEU A 355 -38.45 -46.52 0.11
CA LEU A 355 -37.17 -47.10 0.51
C LEU A 355 -37.19 -48.65 0.35
N LEU A 356 -38.41 -49.21 0.50
CA LEU A 356 -38.64 -50.68 0.35
C LEU A 356 -38.99 -51.08 -1.08
N HIS A 357 -39.06 -50.13 -2.00
CA HIS A 357 -39.42 -50.45 -3.37
C HIS A 357 -38.40 -49.99 -4.39
N VAL A 358 -37.15 -49.93 -3.97
CA VAL A 358 -36.14 -49.50 -4.87
C VAL A 358 -36.18 -50.32 -6.16
N GLU A 359 -36.28 -51.63 -6.00
CA GLU A 359 -36.27 -52.47 -7.17
C GLU A 359 -37.37 -52.09 -8.19
N ASP A 360 -38.57 -51.77 -7.70
CA ASP A 360 -39.63 -51.38 -8.60
C ASP A 360 -39.44 -49.99 -9.16
N ILE A 361 -38.93 -49.07 -8.34
CA ILE A 361 -38.66 -47.75 -8.84
C ILE A 361 -37.77 -47.86 -10.08
N ILE A 362 -36.73 -48.67 -10.00
CA ILE A 362 -35.78 -48.75 -11.11
C ILE A 362 -36.40 -49.42 -12.35
N LEU A 363 -37.31 -50.39 -12.10
CA LEU A 363 -38.07 -51.03 -13.19
C LEU A 363 -38.83 -49.95 -13.92
N HIS A 364 -39.52 -49.10 -13.17
CA HIS A 364 -40.22 -47.96 -13.77
C HIS A 364 -39.33 -47.05 -14.57
N MET A 365 -38.14 -46.74 -14.06
CA MET A 365 -37.24 -45.92 -14.82
C MET A 365 -37.00 -46.61 -16.13
N PHE A 366 -36.77 -47.95 -16.09
CA PHE A 366 -36.46 -48.72 -17.37
C PHE A 366 -37.67 -48.86 -18.30
N GLN A 367 -38.85 -48.94 -17.70
CA GLN A 367 -40.05 -48.93 -18.55
C GLN A 367 -40.14 -47.60 -19.28
N TYR A 368 -39.85 -46.49 -18.58
CA TYR A 368 -40.00 -45.15 -19.17
C TYR A 368 -38.95 -45.04 -20.30
N ILE A 369 -37.74 -45.49 -20.01
CA ILE A 369 -36.71 -45.49 -21.03
C ILE A 369 -37.14 -46.34 -22.24
N GLN A 370 -37.71 -47.54 -22.02
CA GLN A 370 -38.21 -48.37 -23.11
C GLN A 370 -39.24 -47.64 -23.95
N LYS A 371 -40.12 -46.91 -23.28
CA LYS A 371 -41.08 -46.03 -24.00
C LYS A 371 -40.35 -45.06 -24.95
N LEU A 372 -39.21 -44.52 -24.53
CA LEU A 372 -38.55 -43.58 -25.43
C LEU A 372 -38.03 -44.34 -26.63
N ARG A 373 -37.59 -45.57 -26.41
CA ARG A 373 -37.12 -46.42 -27.53
C ARG A 373 -38.27 -46.69 -28.48
N ALA A 374 -39.42 -47.01 -27.94
CA ALA A 374 -40.55 -47.36 -28.76
C ALA A 374 -41.07 -46.23 -29.61
N GLU A 375 -41.18 -45.01 -29.08
CA GLU A 375 -41.72 -43.92 -29.86
C GLU A 375 -40.68 -43.39 -30.82
N GLY A 376 -39.40 -43.70 -30.61
CA GLY A 376 -38.28 -43.10 -31.35
C GLY A 376 -38.11 -41.60 -31.15
N PRO A 377 -37.02 -41.05 -31.66
CA PRO A 377 -36.64 -39.64 -31.44
C PRO A 377 -37.72 -38.69 -31.98
N GLN A 378 -37.97 -37.55 -31.36
CA GLN A 378 -39.12 -36.72 -31.71
C GLN A 378 -38.66 -35.32 -32.12
N GLU A 379 -38.79 -35.04 -33.42
CA GLU A 379 -38.33 -33.77 -33.90
C GLU A 379 -39.09 -32.64 -33.22
N TRP A 380 -40.40 -32.82 -33.03
CA TRP A 380 -41.19 -31.74 -32.41
C TRP A 380 -40.60 -31.37 -30.98
N VAL A 381 -40.11 -32.37 -30.23
CA VAL A 381 -39.51 -32.09 -28.92
C VAL A 381 -38.27 -31.28 -29.06
N PHE A 382 -37.41 -31.71 -29.99
CA PHE A 382 -36.23 -30.98 -30.31
C PHE A 382 -36.50 -29.53 -30.69
N GLN A 383 -37.50 -29.31 -31.57
CA GLN A 383 -37.92 -27.95 -31.89
C GLN A 383 -38.29 -27.11 -30.70
N GLU A 384 -39.02 -27.70 -29.73
CA GLU A 384 -39.36 -26.88 -28.55
C GLU A 384 -38.10 -26.42 -27.82
N LEU A 385 -37.23 -27.38 -27.58
CA LEU A 385 -36.02 -27.08 -26.82
C LEU A 385 -35.23 -25.98 -27.54
N LYS A 386 -35.11 -26.18 -28.85
CA LYS A 386 -34.47 -25.22 -29.68
C LYS A 386 -35.11 -23.82 -29.63
N ASP A 387 -36.44 -23.78 -29.73
CA ASP A 387 -37.13 -22.48 -29.71
C ASP A 387 -36.97 -21.78 -28.40
N LEU A 388 -37.12 -22.56 -27.34
CA LEU A 388 -37.03 -22.04 -26.00
C LEU A 388 -35.64 -21.52 -25.71
N ASN A 389 -34.62 -22.27 -26.09
CA ASN A 389 -33.25 -21.79 -26.01
C ASN A 389 -33.03 -20.53 -26.90
N ALA A 390 -33.68 -20.46 -28.08
CA ALA A 390 -33.47 -19.31 -28.96
C ALA A 390 -34.00 -18.05 -28.24
N VAL A 391 -35.14 -18.22 -27.58
CA VAL A 391 -35.81 -17.11 -26.93
C VAL A 391 -34.99 -16.74 -25.69
N ALA A 392 -34.48 -17.74 -24.96
CA ALA A 392 -33.72 -17.49 -23.77
C ALA A 392 -32.47 -16.72 -24.14
N PHE A 393 -31.93 -17.03 -25.31
CA PHE A 393 -30.74 -16.34 -25.67
C PHE A 393 -31.01 -14.88 -26.10
N ARG A 394 -32.02 -14.73 -26.97
CA ARG A 394 -32.40 -13.43 -27.43
C ARG A 394 -32.65 -12.57 -26.20
N PHE A 395 -33.40 -13.07 -25.21
CA PHE A 395 -33.74 -12.17 -24.13
C PHE A 395 -32.96 -12.38 -22.84
N LYS A 396 -31.77 -12.92 -22.94
CA LYS A 396 -30.99 -13.19 -21.74
C LYS A 396 -30.79 -11.88 -20.96
N ASP A 397 -30.90 -11.95 -19.63
CA ASP A 397 -30.48 -10.86 -18.74
C ASP A 397 -29.01 -10.52 -18.84
N LYS A 398 -28.73 -9.23 -18.85
CA LYS A 398 -27.35 -8.80 -18.77
C LYS A 398 -26.74 -9.34 -17.46
N GLU A 399 -25.59 -10.00 -17.60
CA GLU A 399 -24.90 -10.62 -16.47
C GLU A 399 -24.08 -9.62 -15.69
N ARG A 400 -23.77 -9.92 -14.43
CA ARG A 400 -22.77 -9.12 -13.66
C ARG A 400 -21.40 -9.46 -14.24
N PRO A 401 -20.54 -8.45 -14.48
CA PRO A 401 -19.26 -8.70 -15.14
C PRO A 401 -18.39 -9.84 -14.62
N ARG A 402 -18.17 -9.92 -13.31
CA ARG A 402 -17.32 -10.96 -12.69
C ARG A 402 -17.79 -12.41 -13.07
N GLY A 403 -19.11 -12.66 -13.04
CA GLY A 403 -19.63 -13.95 -13.42
C GLY A 403 -19.49 -14.15 -14.89
N TYR A 404 -19.66 -13.07 -15.66
CA TYR A 404 -19.68 -13.17 -17.09
C TYR A 404 -18.28 -13.53 -17.59
N THR A 405 -17.25 -12.81 -17.11
CA THR A 405 -15.91 -13.06 -17.60
C THR A 405 -15.49 -14.47 -17.20
N SER A 406 -15.84 -14.86 -15.98
CA SER A 406 -15.45 -16.16 -15.47
C SER A 406 -16.03 -17.29 -16.32
N LYS A 407 -17.32 -17.16 -16.59
CA LYS A 407 -18.04 -18.12 -17.34
C LYS A 407 -17.46 -18.27 -18.76
N ILE A 408 -17.31 -17.15 -19.45
CA ILE A 408 -16.80 -17.18 -20.84
C ILE A 408 -15.34 -17.70 -20.92
N ALA A 409 -14.54 -17.40 -19.92
CA ALA A 409 -13.15 -17.84 -19.90
C ALA A 409 -13.06 -19.39 -19.93
N GLY A 410 -13.89 -20.06 -19.10
CA GLY A 410 -14.09 -21.50 -19.10
C GLY A 410 -14.54 -21.98 -20.48
N ILE A 411 -15.57 -21.39 -21.05
CA ILE A 411 -16.03 -22.00 -22.28
C ILE A 411 -15.22 -21.62 -23.53
N LEU A 412 -14.37 -20.62 -23.47
CA LEU A 412 -13.50 -20.39 -24.64
C LEU A 412 -12.62 -21.65 -24.96
N HIS A 413 -12.38 -22.52 -24.01
CA HIS A 413 -11.69 -23.75 -24.33
C HIS A 413 -12.48 -24.74 -25.13
N TYR A 414 -13.77 -24.50 -25.39
CA TYR A 414 -14.63 -25.57 -25.99
C TYR A 414 -15.31 -25.24 -27.31
N TYR A 415 -15.31 -23.96 -27.70
CA TYR A 415 -16.10 -23.45 -28.81
C TYR A 415 -15.22 -22.48 -29.61
N PRO A 416 -15.42 -22.41 -30.94
CA PRO A 416 -14.77 -21.34 -31.74
C PRO A 416 -15.09 -19.97 -31.15
N LEU A 417 -14.15 -19.06 -31.25
CA LEU A 417 -14.30 -17.73 -30.76
C LEU A 417 -15.68 -17.14 -31.08
N GLU A 418 -16.09 -17.31 -32.35
CA GLU A 418 -17.30 -16.65 -32.90
C GLU A 418 -18.60 -17.18 -32.28
N GLU A 419 -18.56 -18.41 -31.80
CA GLU A 419 -19.70 -19.08 -31.14
C GLU A 419 -19.68 -19.07 -29.58
N VAL A 420 -18.73 -18.40 -28.90
CA VAL A 420 -18.71 -18.60 -27.48
C VAL A 420 -19.93 -18.10 -26.77
N LEU A 421 -20.56 -17.10 -27.37
CA LEU A 421 -21.70 -16.49 -26.76
C LEU A 421 -22.92 -17.38 -26.91
N THR A 422 -23.03 -18.09 -28.03
CA THR A 422 -24.24 -18.80 -28.40
C THR A 422 -24.12 -20.29 -28.28
N ALA A 423 -22.91 -20.81 -28.24
CA ALA A 423 -22.73 -22.26 -28.28
C ALA A 423 -23.58 -22.97 -27.24
N GLU A 424 -23.83 -22.40 -26.08
CA GLU A 424 -24.59 -23.13 -25.11
C GLU A 424 -26.08 -23.00 -25.29
N TYR A 425 -26.52 -22.08 -26.14
CA TYR A 425 -27.90 -21.91 -26.34
C TYR A 425 -28.42 -22.42 -27.68
N LEU A 426 -27.75 -22.17 -28.81
CA LEU A 426 -28.46 -22.26 -30.07
C LEU A 426 -28.36 -23.66 -30.63
N LEU A 427 -29.46 -24.39 -30.70
CA LEU A 427 -29.45 -25.77 -31.19
C LEU A 427 -29.61 -25.72 -32.70
N GLU A 428 -28.94 -26.62 -33.38
CA GLU A 428 -28.98 -26.48 -34.83
C GLU A 428 -29.29 -27.77 -35.55
N GLU A 429 -28.80 -28.88 -35.01
CA GLU A 429 -28.92 -30.17 -35.64
C GLU A 429 -29.89 -31.06 -34.94
N PHE A 430 -30.83 -31.60 -35.70
CA PHE A 430 -31.64 -32.69 -35.16
C PHE A 430 -30.89 -33.99 -35.36
N ARG A 431 -30.65 -34.78 -34.29
CA ARG A 431 -29.81 -35.97 -34.41
C ARG A 431 -30.38 -37.22 -33.88
N PRO A 432 -31.40 -37.74 -34.57
CA PRO A 432 -32.00 -39.00 -34.08
C PRO A 432 -30.96 -40.15 -33.87
N ASP A 433 -29.85 -40.16 -34.62
CA ASP A 433 -28.81 -41.16 -34.37
C ASP A 433 -28.09 -40.97 -33.02
N LEU A 434 -27.80 -39.73 -32.60
CA LEU A 434 -27.19 -39.56 -31.33
C LEU A 434 -28.16 -39.87 -30.22
N ILE A 435 -29.42 -39.54 -30.40
CA ILE A 435 -30.37 -39.75 -29.34
C ILE A 435 -30.50 -41.26 -29.14
N GLU A 436 -30.61 -42.03 -30.20
CA GLU A 436 -30.64 -43.43 -30.01
C GLU A 436 -29.33 -43.98 -29.42
N MET A 437 -28.19 -43.48 -29.89
CA MET A 437 -26.90 -43.94 -29.36
C MET A 437 -26.76 -43.81 -27.83
N VAL A 438 -27.30 -42.73 -27.26
CA VAL A 438 -27.16 -42.48 -25.88
C VAL A 438 -28.19 -43.34 -25.17
N LEU A 439 -29.39 -43.40 -25.71
CA LEU A 439 -30.44 -44.26 -25.24
C LEU A 439 -30.00 -45.73 -25.16
N ASP A 440 -29.15 -46.19 -26.07
CA ASP A 440 -28.61 -47.53 -26.03
C ASP A 440 -27.64 -47.81 -24.84
N LYS A 441 -27.25 -46.76 -24.14
CA LYS A 441 -26.36 -46.89 -23.01
C LYS A 441 -27.20 -46.91 -21.75
N LEU A 442 -28.49 -46.64 -21.84
CA LEU A 442 -29.23 -46.52 -20.59
C LEU A 442 -29.93 -47.85 -20.40
N ARG A 443 -29.13 -48.84 -20.02
CA ARG A 443 -29.53 -50.24 -20.04
C ARG A 443 -29.12 -50.85 -18.72
N PRO A 444 -29.91 -51.81 -18.22
CA PRO A 444 -29.58 -52.43 -16.91
C PRO A 444 -28.16 -53.00 -16.82
N GLU A 445 -27.61 -53.52 -17.89
CA GLU A 445 -26.23 -54.07 -17.83
C GLU A 445 -25.14 -52.98 -17.66
N ASN A 446 -25.42 -51.70 -17.97
CA ASN A 446 -24.46 -50.77 -17.43
C ASN A 446 -24.97 -49.78 -16.42
N VAL A 447 -25.61 -50.28 -15.36
CA VAL A 447 -26.18 -49.43 -14.36
C VAL A 447 -25.41 -49.50 -13.03
N ARG A 448 -25.39 -48.38 -12.32
CA ARG A 448 -24.85 -48.31 -10.95
C ARG A 448 -25.91 -47.74 -10.06
N VAL A 449 -26.11 -48.37 -8.93
CA VAL A 449 -27.24 -48.00 -8.07
C VAL A 449 -26.65 -47.72 -6.71
N ALA A 450 -27.04 -46.58 -6.12
CA ALA A 450 -26.55 -46.21 -4.79
C ALA A 450 -27.77 -45.79 -3.96
N ILE A 451 -27.91 -46.34 -2.75
CA ILE A 451 -29.05 -46.02 -1.89
C ILE A 451 -28.46 -45.38 -0.66
N VAL A 452 -28.99 -44.21 -0.26
CA VAL A 452 -28.49 -43.53 0.93
C VAL A 452 -29.59 -43.56 2.00
N SER A 453 -29.28 -44.18 3.13
CA SER A 453 -30.31 -44.30 4.20
C SER A 453 -29.70 -44.60 5.57
N LYS A 454 -30.26 -44.01 6.61
CA LYS A 454 -29.81 -44.35 7.97
C LYS A 454 -30.10 -45.82 8.28
N SER A 455 -31.05 -46.45 7.58
CA SER A 455 -31.35 -47.87 7.84
C SER A 455 -30.15 -48.79 7.65
N PHE A 456 -29.09 -48.31 6.97
CA PHE A 456 -27.91 -49.13 6.70
C PHE A 456 -26.88 -48.99 7.86
N GLU A 457 -27.21 -48.10 8.79
CA GLU A 457 -26.37 -47.88 9.95
C GLU A 457 -26.08 -49.22 10.62
N GLY A 458 -24.79 -49.56 10.78
CA GLY A 458 -24.42 -50.78 11.45
C GLY A 458 -24.36 -51.94 10.48
N LYS A 459 -25.00 -51.86 9.32
CA LYS A 459 -24.97 -52.96 8.34
C LYS A 459 -23.86 -52.84 7.28
N THR A 460 -22.91 -51.94 7.49
CA THR A 460 -21.94 -51.64 6.45
C THR A 460 -20.56 -52.22 6.79
N ASP A 461 -19.66 -52.34 5.80
CA ASP A 461 -18.33 -52.91 6.04
C ASP A 461 -17.15 -52.22 5.37
N ARG A 462 -17.39 -51.10 4.66
CA ARG A 462 -16.30 -50.32 4.09
C ARG A 462 -16.30 -48.92 4.62
N THR A 463 -15.17 -48.27 4.43
CA THR A 463 -14.96 -46.91 4.90
C THR A 463 -14.20 -46.20 3.79
N GLU A 464 -14.80 -45.15 3.22
CA GLU A 464 -14.05 -44.28 2.34
C GLU A 464 -12.99 -43.46 3.12
N GLU A 465 -11.78 -43.42 2.57
CA GLU A 465 -10.60 -42.89 3.23
C GLU A 465 -10.67 -41.41 3.55
N TRP A 466 -11.06 -40.59 2.59
CA TRP A 466 -10.97 -39.16 2.79
C TRP A 466 -12.03 -38.61 3.67
N TYR A 467 -13.23 -39.20 3.69
CA TYR A 467 -14.33 -38.58 4.40
C TYR A 467 -14.84 -39.44 5.52
N GLY A 468 -14.56 -40.74 5.48
CA GLY A 468 -14.94 -41.62 6.58
C GLY A 468 -16.26 -42.30 6.26
N THR A 469 -16.77 -42.10 5.05
CA THR A 469 -18.09 -42.57 4.70
C THR A 469 -18.27 -44.08 4.83
N GLN A 470 -19.35 -44.47 5.48
CA GLN A 470 -19.61 -45.89 5.69
C GLN A 470 -20.51 -46.49 4.64
N TYR A 471 -20.05 -47.56 4.04
CA TYR A 471 -20.89 -48.17 3.07
C TYR A 471 -20.60 -49.65 2.83
N LYS A 472 -21.50 -50.28 2.06
CA LYS A 472 -21.45 -51.66 1.63
C LYS A 472 -21.50 -51.62 0.11
N GLN A 473 -20.77 -52.55 -0.53
CA GLN A 473 -20.86 -52.79 -1.96
C GLN A 473 -21.33 -54.23 -2.28
N GLU A 474 -22.21 -54.40 -3.26
CA GLU A 474 -22.80 -55.68 -3.61
C GLU A 474 -22.99 -55.76 -5.10
N ALA A 475 -22.79 -56.96 -5.68
CA ALA A 475 -23.22 -57.21 -7.07
C ALA A 475 -24.73 -57.14 -7.09
N ILE A 476 -25.30 -56.36 -8.00
CA ILE A 476 -26.74 -56.59 -8.23
C ILE A 476 -27.01 -58.04 -8.77
N PRO A 477 -27.91 -58.77 -8.13
CA PRO A 477 -28.24 -60.18 -8.51
C PRO A 477 -28.68 -60.26 -9.97
N ASP A 478 -28.09 -61.16 -10.77
CA ASP A 478 -28.39 -61.33 -12.24
C ASP A 478 -29.86 -61.36 -12.59
N GLU A 479 -30.60 -61.93 -11.69
CA GLU A 479 -32.00 -62.02 -11.81
C GLU A 479 -32.72 -60.65 -11.78
N VAL A 480 -32.26 -59.76 -10.89
CA VAL A 480 -32.71 -58.37 -10.88
C VAL A 480 -32.34 -57.62 -12.23
N ILE A 481 -31.12 -57.81 -12.71
CA ILE A 481 -30.80 -57.26 -13.98
C ILE A 481 -31.83 -57.68 -15.04
N LYS A 482 -32.18 -58.99 -15.06
CA LYS A 482 -33.00 -59.59 -16.14
C LYS A 482 -34.39 -59.00 -16.11
N LYS A 483 -34.94 -59.00 -14.91
CA LYS A 483 -36.24 -58.41 -14.66
C LYS A 483 -36.23 -56.96 -15.22
N TRP A 484 -35.15 -56.21 -15.01
CA TRP A 484 -35.03 -54.88 -15.59
C TRP A 484 -34.83 -54.94 -17.11
N GLN A 485 -33.99 -55.83 -17.60
CA GLN A 485 -33.85 -55.94 -19.06
C GLN A 485 -35.16 -56.23 -19.82
N ASN A 486 -36.14 -56.81 -19.13
CA ASN A 486 -37.46 -57.08 -19.73
C ASN A 486 -38.53 -56.10 -19.41
N ALA A 487 -38.17 -54.85 -19.20
CA ALA A 487 -39.16 -53.86 -18.86
C ALA A 487 -40.08 -53.70 -20.05
N ASP A 488 -41.37 -53.87 -19.77
CA ASP A 488 -42.48 -53.78 -20.69
C ASP A 488 -42.97 -52.36 -20.81
N LEU A 489 -43.81 -52.08 -21.78
CA LEU A 489 -44.40 -50.76 -21.82
C LEU A 489 -45.42 -50.66 -20.67
N ASN A 490 -45.43 -49.52 -19.97
CA ASN A 490 -46.34 -49.26 -18.89
C ASN A 490 -47.23 -48.14 -19.38
N GLY A 491 -48.55 -48.36 -19.28
CA GLY A 491 -49.51 -47.47 -19.88
C GLY A 491 -49.57 -46.16 -19.13
N LYS A 492 -48.93 -46.07 -17.98
CA LYS A 492 -48.95 -44.81 -17.22
C LYS A 492 -47.98 -43.79 -17.80
N PHE A 493 -47.14 -44.21 -18.74
CA PHE A 493 -46.11 -43.32 -19.31
C PHE A 493 -46.41 -42.83 -20.74
N LYS A 494 -46.48 -41.51 -20.90
CA LYS A 494 -46.64 -40.88 -22.22
C LYS A 494 -45.60 -39.81 -22.40
N LEU A 495 -45.19 -39.56 -23.63
CA LEU A 495 -44.37 -38.40 -23.93
C LEU A 495 -45.19 -37.16 -23.48
N PRO A 496 -44.53 -36.04 -23.19
CA PRO A 496 -45.33 -34.84 -22.94
C PRO A 496 -46.06 -34.35 -24.18
N THR A 497 -46.93 -33.37 -24.02
CA THR A 497 -47.62 -32.83 -25.17
C THR A 497 -47.15 -31.38 -25.44
N LYS A 498 -47.55 -30.72 -26.54
CA LYS A 498 -47.11 -29.36 -26.85
C LYS A 498 -47.09 -28.56 -25.52
N ASN A 499 -46.01 -27.83 -25.24
CA ASN A 499 -45.97 -26.92 -24.12
C ASN A 499 -46.68 -25.60 -24.42
N GLU A 500 -47.92 -25.49 -23.96
CA GLU A 500 -48.75 -24.31 -24.21
C GLU A 500 -48.25 -23.04 -23.53
N PHE A 501 -47.29 -23.17 -22.61
CA PHE A 501 -46.80 -22.00 -21.90
C PHE A 501 -45.71 -21.27 -22.65
N ILE A 502 -45.30 -21.84 -23.78
CA ILE A 502 -44.25 -21.27 -24.56
C ILE A 502 -44.64 -19.86 -24.98
N PRO A 503 -43.85 -18.85 -24.61
CA PRO A 503 -44.33 -17.49 -24.88
C PRO A 503 -44.26 -17.12 -26.36
N THR A 504 -45.13 -16.24 -26.81
CA THR A 504 -44.99 -15.80 -28.19
C THR A 504 -45.29 -14.30 -28.30
N ASN A 505 -45.79 -13.65 -27.27
CA ASN A 505 -45.87 -12.24 -27.41
C ASN A 505 -44.75 -11.54 -26.67
N PHE A 506 -43.87 -10.86 -27.43
CA PHE A 506 -42.66 -10.22 -26.91
C PHE A 506 -42.62 -8.71 -27.06
N GLU A 507 -43.76 -8.16 -27.38
CA GLU A 507 -43.85 -6.73 -27.53
C GLU A 507 -43.47 -6.03 -26.22
N ILE A 508 -42.64 -5.01 -26.37
CA ILE A 508 -42.32 -4.13 -25.29
C ILE A 508 -43.31 -2.97 -25.32
N LEU A 509 -44.25 -2.87 -24.40
CA LEU A 509 -45.15 -1.68 -24.33
C LEU A 509 -44.41 -0.34 -24.29
N PRO A 510 -44.93 0.65 -25.04
CA PRO A 510 -44.16 1.92 -25.01
C PRO A 510 -44.25 2.55 -23.62
N LEU A 511 -43.18 3.22 -23.21
CA LEU A 511 -43.12 3.85 -21.92
C LEU A 511 -44.25 4.89 -21.76
N GLU A 512 -45.10 4.73 -20.74
CA GLU A 512 -46.29 5.60 -20.53
C GLU A 512 -45.95 7.07 -20.25
N LYS A 513 -46.81 8.01 -20.70
CA LYS A 513 -46.62 9.45 -20.42
C LYS A 513 -46.30 9.67 -18.91
N GLU A 514 -47.07 9.02 -17.99
CA GLU A 514 -46.91 9.16 -16.51
C GLU A 514 -45.88 8.16 -15.78
N ALA A 515 -45.00 7.51 -16.57
CA ALA A 515 -43.95 6.59 -16.04
C ALA A 515 -43.08 7.29 -15.02
N THR A 516 -42.59 6.57 -14.01
CA THR A 516 -41.75 7.16 -12.93
C THR A 516 -40.44 6.38 -12.74
N PRO A 517 -39.37 7.05 -12.25
CA PRO A 517 -38.05 6.31 -12.10
C PRO A 517 -38.03 5.30 -10.92
N TYR A 518 -38.80 5.55 -9.87
CA TYR A 518 -38.97 4.63 -8.74
C TYR A 518 -40.37 4.10 -8.71
N PRO A 519 -40.62 3.00 -8.01
CA PRO A 519 -42.02 2.52 -7.92
C PRO A 519 -42.95 3.59 -7.36
N ALA A 520 -44.17 3.63 -7.84
CA ALA A 520 -45.15 4.59 -7.36
C ALA A 520 -46.23 3.79 -6.63
N LEU A 521 -46.83 4.39 -5.62
CA LEU A 521 -47.89 3.73 -4.90
C LEU A 521 -49.14 4.00 -5.68
N ILE A 522 -49.67 3.03 -6.39
CA ILE A 522 -50.76 3.43 -7.26
C ILE A 522 -52.07 2.93 -6.72
N LYS A 523 -52.05 2.38 -5.50
CA LYS A 523 -53.28 1.89 -4.87
C LYS A 523 -53.00 1.66 -3.38
N ASP A 524 -53.86 2.24 -2.52
CA ASP A 524 -53.58 2.21 -1.07
C ASP A 524 -54.88 1.94 -0.36
N THR A 525 -55.30 0.68 -0.30
CA THR A 525 -56.58 0.43 0.31
C THR A 525 -56.39 -0.48 1.51
N ALA A 526 -57.47 -0.77 2.20
CA ALA A 526 -57.41 -1.55 3.39
C ALA A 526 -56.89 -2.94 3.03
N MET A 527 -57.39 -3.49 1.92
CA MET A 527 -56.97 -4.78 1.47
C MET A 527 -55.55 -4.80 0.87
N SER A 528 -55.12 -3.76 0.15
CA SER A 528 -53.88 -3.89 -0.62
C SER A 528 -53.14 -2.58 -0.92
N LYS A 529 -51.81 -2.64 -0.87
CA LYS A 529 -50.90 -1.51 -1.24
C LYS A 529 -50.14 -2.01 -2.48
N LEU A 530 -50.29 -1.28 -3.59
CA LEU A 530 -49.69 -1.65 -4.85
C LEU A 530 -48.57 -0.68 -5.27
N TRP A 531 -47.34 -1.17 -5.20
CA TRP A 531 -46.22 -0.39 -5.77
C TRP A 531 -45.93 -0.84 -7.20
N PHE A 532 -45.75 0.12 -8.09
CA PHE A 532 -45.71 -0.22 -9.52
C PHE A 532 -44.64 0.60 -10.19
N LYS A 533 -43.89 -0.05 -11.08
CA LYS A 533 -42.99 0.64 -11.96
C LYS A 533 -42.90 -0.07 -13.31
N GLN A 534 -43.21 0.66 -14.39
CA GLN A 534 -42.93 0.15 -15.69
C GLN A 534 -41.42 0.23 -15.98
N ASP A 535 -40.84 -0.85 -16.50
CA ASP A 535 -39.41 -0.91 -16.77
C ASP A 535 -39.00 0.16 -17.73
N ASP A 536 -38.00 0.93 -17.34
CA ASP A 536 -37.51 1.97 -18.21
C ASP A 536 -35.99 1.80 -18.44
N LYS A 537 -35.48 0.58 -18.39
CA LYS A 537 -34.06 0.40 -18.47
C LYS A 537 -34.01 -0.73 -19.43
N PHE A 538 -34.41 -1.95 -19.08
CA PHE A 538 -33.94 -3.22 -19.61
C PHE A 538 -34.54 -3.62 -20.92
N PHE A 539 -35.84 -3.36 -21.08
CA PHE A 539 -36.56 -3.53 -22.31
C PHE A 539 -36.67 -4.95 -22.85
N LEU A 540 -36.61 -5.92 -21.94
CA LEU A 540 -36.91 -7.28 -22.24
C LEU A 540 -38.36 -7.61 -21.97
N PRO A 541 -38.95 -8.58 -22.68
CA PRO A 541 -40.42 -8.83 -22.45
C PRO A 541 -40.61 -9.71 -21.22
N LYS A 542 -40.33 -9.16 -20.05
CA LYS A 542 -40.40 -9.91 -18.79
C LYS A 542 -41.01 -9.08 -17.71
N ALA A 543 -41.47 -9.71 -16.63
CA ALA A 543 -41.87 -8.92 -15.45
C ALA A 543 -41.65 -9.68 -14.14
N ASN A 544 -41.60 -8.94 -13.05
CA ASN A 544 -41.64 -9.49 -11.70
C ASN A 544 -42.87 -9.00 -10.94
N LEU A 545 -43.59 -9.96 -10.38
CA LEU A 545 -44.77 -9.68 -9.57
C LEU A 545 -44.57 -10.31 -8.20
N ASN A 546 -44.35 -9.46 -7.21
CA ASN A 546 -44.11 -9.87 -5.85
C ASN A 546 -45.27 -9.46 -4.94
N PHE A 547 -45.66 -10.33 -4.01
CA PHE A 547 -46.71 -10.07 -3.05
C PHE A 547 -46.32 -10.53 -1.65
N GLU A 548 -46.39 -9.66 -0.65
CA GLU A 548 -46.48 -10.10 0.75
C GLU A 548 -47.96 -10.12 1.11
N PHE A 549 -48.40 -11.29 1.54
CA PHE A 549 -49.68 -11.48 2.20
C PHE A 549 -49.53 -11.44 3.74
N PHE A 550 -50.08 -10.47 4.44
CA PHE A 550 -49.95 -10.47 5.92
C PHE A 550 -51.08 -11.23 6.60
N SER A 551 -50.73 -12.12 7.51
CA SER A 551 -51.68 -12.65 8.43
C SER A 551 -50.97 -13.03 9.68
N PRO A 552 -51.51 -12.59 10.83
CA PRO A 552 -51.04 -12.95 12.18
C PRO A 552 -51.11 -14.47 12.38
N PHE A 553 -52.05 -15.16 11.72
CA PHE A 553 -52.16 -16.59 11.91
C PHE A 553 -51.12 -17.46 11.27
N ALA A 554 -50.22 -16.89 10.46
CA ALA A 554 -49.12 -17.69 9.94
C ALA A 554 -48.01 -17.94 10.98
N TYR A 555 -48.01 -17.17 12.07
CA TYR A 555 -46.89 -17.25 12.97
C TYR A 555 -47.27 -17.05 14.45
N VAL A 556 -48.57 -17.05 14.71
CA VAL A 556 -49.06 -16.88 16.06
C VAL A 556 -48.43 -17.89 17.03
N ASP A 557 -48.31 -19.15 16.64
CA ASP A 557 -47.59 -20.08 17.47
C ASP A 557 -46.86 -21.11 16.59
N PRO A 558 -46.03 -21.98 17.21
CA PRO A 558 -45.31 -22.97 16.45
C PRO A 558 -46.23 -23.80 15.61
N LEU A 559 -47.40 -24.11 16.16
CA LEU A 559 -48.32 -25.00 15.47
C LEU A 559 -48.76 -24.37 14.15
N HIS A 560 -49.05 -23.07 14.21
CA HIS A 560 -49.56 -22.34 13.05
C HIS A 560 -48.47 -22.13 12.01
N SER A 561 -47.28 -21.91 12.50
CA SER A 561 -46.15 -21.81 11.65
C SER A 561 -45.94 -23.14 10.90
N ASN A 562 -46.05 -24.28 11.59
CA ASN A 562 -45.95 -25.54 10.92
C ASN A 562 -47.03 -25.66 9.87
N MET A 563 -48.18 -25.09 10.17
CA MET A 563 -49.31 -25.36 9.25
C MET A 563 -49.12 -24.50 8.00
N ALA A 564 -48.72 -23.25 8.22
CA ALA A 564 -48.47 -22.33 7.10
C ALA A 564 -47.48 -23.00 6.14
N TYR A 565 -46.46 -23.57 6.71
CA TYR A 565 -45.48 -24.18 5.89
C TYR A 565 -46.06 -25.37 5.17
N LEU A 566 -46.65 -26.29 5.90
CA LEU A 566 -47.16 -27.51 5.24
C LEU A 566 -48.21 -27.21 4.17
N TYR A 567 -49.08 -26.23 4.47
CA TYR A 567 -50.05 -25.77 3.49
C TYR A 567 -49.32 -25.45 2.16
N LEU A 568 -48.31 -24.60 2.24
CA LEU A 568 -47.70 -24.13 1.04
C LEU A 568 -46.88 -25.25 0.35
N GLU A 569 -46.22 -26.12 1.11
CA GLU A 569 -45.56 -27.25 0.51
C GLU A 569 -46.56 -28.11 -0.23
N LEU A 570 -47.77 -28.30 0.36
CA LEU A 570 -48.81 -29.12 -0.29
C LEU A 570 -49.30 -28.47 -1.55
N LEU A 571 -49.41 -27.15 -1.52
CA LEU A 571 -49.93 -26.43 -2.65
C LEU A 571 -48.96 -26.54 -3.86
N LYS A 572 -47.66 -26.30 -3.60
CA LYS A 572 -46.64 -26.41 -4.63
C LYS A 572 -46.60 -27.85 -5.11
N ASP A 573 -46.69 -28.78 -4.18
CA ASP A 573 -46.70 -30.16 -4.61
C ASP A 573 -47.87 -30.42 -5.54
N SER A 574 -48.99 -29.76 -5.29
CA SER A 574 -50.14 -30.08 -6.07
C SER A 574 -50.13 -29.33 -7.42
N LEU A 575 -49.55 -28.12 -7.47
CA LEU A 575 -49.42 -27.42 -8.75
C LEU A 575 -48.31 -27.94 -9.68
N ASN A 576 -47.44 -28.78 -9.14
CA ASN A 576 -46.16 -29.01 -9.76
C ASN A 576 -46.27 -29.52 -11.18
N GLU A 577 -47.10 -30.55 -11.40
CA GLU A 577 -47.34 -31.03 -12.77
C GLU A 577 -47.73 -29.92 -13.75
N TYR A 578 -48.53 -28.97 -13.33
CA TYR A 578 -49.01 -27.99 -14.24
C TYR A 578 -47.95 -26.87 -14.38
N ALA A 579 -47.27 -26.56 -13.28
CA ALA A 579 -46.38 -25.43 -13.26
C ALA A 579 -45.04 -25.71 -13.98
N TYR A 580 -44.75 -26.98 -14.20
CA TYR A 580 -43.47 -27.40 -14.72
C TYR A 580 -43.29 -26.91 -16.16
N ALA A 581 -44.37 -27.00 -16.94
CA ALA A 581 -44.37 -26.47 -18.31
C ALA A 581 -44.00 -24.97 -18.26
N ALA A 582 -44.57 -24.22 -17.31
CA ALA A 582 -44.37 -22.78 -17.29
C ALA A 582 -42.91 -22.54 -17.00
N GLU A 583 -42.39 -23.33 -16.09
CA GLU A 583 -41.04 -23.15 -15.74
C GLU A 583 -40.07 -23.46 -16.92
N LEU A 584 -40.31 -24.53 -17.64
CA LEU A 584 -39.54 -24.73 -18.85
C LEU A 584 -39.69 -23.54 -19.75
N ALA A 585 -40.85 -22.92 -19.75
CA ALA A 585 -41.10 -21.89 -20.72
C ALA A 585 -40.65 -20.54 -20.14
N GLY A 586 -39.73 -20.56 -19.15
CA GLY A 586 -39.22 -19.29 -18.57
C GLY A 586 -40.19 -18.46 -17.70
N LEU A 587 -41.13 -19.13 -17.06
CA LEU A 587 -42.12 -18.49 -16.21
C LEU A 587 -42.03 -19.21 -14.86
N SER A 588 -41.48 -18.57 -13.85
CA SER A 588 -41.41 -19.39 -12.65
C SER A 588 -41.99 -18.71 -11.45
N TYR A 589 -42.08 -19.42 -10.34
CA TYR A 589 -42.68 -18.83 -9.19
C TYR A 589 -42.11 -19.44 -7.94
N ASP A 590 -42.23 -18.69 -6.88
CA ASP A 590 -41.67 -19.01 -5.65
C ASP A 590 -42.75 -18.62 -4.59
N LEU A 591 -43.03 -19.56 -3.69
CA LEU A 591 -44.15 -19.42 -2.75
C LEU A 591 -43.75 -19.97 -1.36
N GLN A 592 -43.71 -19.09 -0.39
CA GLN A 592 -43.31 -19.57 0.89
C GLN A 592 -43.90 -18.85 2.09
N ASN A 593 -43.86 -19.55 3.20
CA ASN A 593 -44.40 -18.98 4.39
C ASN A 593 -43.34 -18.15 5.05
N THR A 594 -43.71 -17.05 5.66
CA THR A 594 -42.76 -16.17 6.28
C THR A 594 -43.29 -15.95 7.69
N ILE A 595 -42.51 -15.25 8.50
CA ILE A 595 -42.94 -14.99 9.89
C ILE A 595 -44.14 -14.02 9.89
N TYR A 596 -44.51 -13.44 8.74
CA TYR A 596 -45.58 -12.46 8.70
C TYR A 596 -46.83 -12.96 7.94
N GLY A 597 -46.77 -14.19 7.41
CA GLY A 597 -47.73 -14.61 6.45
C GLY A 597 -47.10 -15.35 5.29
N MET A 598 -47.30 -14.87 4.07
CA MET A 598 -46.87 -15.56 2.86
C MET A 598 -46.22 -14.64 1.82
N TYR A 599 -45.35 -15.24 1.02
CA TYR A 599 -44.62 -14.52 0.01
C TYR A 599 -44.79 -15.27 -1.28
N LEU A 600 -45.14 -14.51 -2.34
CA LEU A 600 -45.34 -15.06 -3.67
C LEU A 600 -44.57 -14.21 -4.65
N SER A 601 -43.76 -14.85 -5.47
CA SER A 601 -43.09 -14.10 -6.57
C SER A 601 -43.28 -14.87 -7.81
N VAL A 602 -43.79 -14.20 -8.83
CA VAL A 602 -43.90 -14.80 -10.18
C VAL A 602 -42.97 -13.96 -11.08
N LYS A 603 -42.00 -14.60 -11.74
CA LYS A 603 -41.07 -13.90 -12.66
C LYS A 603 -40.93 -14.56 -14.04
N GLY A 604 -40.44 -13.81 -15.03
CA GLY A 604 -40.27 -14.40 -16.35
C GLY A 604 -40.96 -13.56 -17.42
N TYR A 605 -41.05 -14.15 -18.59
CA TYR A 605 -41.74 -13.49 -19.67
C TYR A 605 -43.16 -13.15 -19.24
N ASN A 606 -43.57 -11.92 -19.52
CA ASN A 606 -44.77 -11.39 -19.00
C ASN A 606 -45.98 -11.77 -19.84
N ASP A 607 -45.74 -12.37 -21.02
CA ASP A 607 -46.79 -13.02 -21.87
C ASP A 607 -47.89 -13.98 -21.41
N LYS A 608 -47.64 -14.80 -20.39
CA LYS A 608 -48.53 -15.90 -20.06
C LYS A 608 -48.58 -15.79 -18.54
N GLN A 609 -48.00 -14.74 -17.99
CA GLN A 609 -47.77 -14.65 -16.57
C GLN A 609 -49.11 -14.52 -15.81
N PRO A 610 -50.09 -13.74 -16.33
CA PRO A 610 -51.37 -13.68 -15.60
C PRO A 610 -52.05 -15.01 -15.54
N ILE A 611 -51.80 -15.91 -16.48
CA ILE A 611 -52.44 -17.24 -16.37
C ILE A 611 -51.87 -18.04 -15.23
N LEU A 612 -50.57 -18.02 -15.08
CA LEU A 612 -50.01 -18.78 -13.96
C LEU A 612 -50.46 -18.20 -12.62
N LEU A 613 -50.44 -16.86 -12.52
CA LEU A 613 -50.72 -16.19 -11.25
C LEU A 613 -52.15 -16.56 -10.85
N LYS A 614 -53.06 -16.45 -11.82
CA LYS A 614 -54.45 -16.68 -11.56
C LYS A 614 -54.58 -18.11 -11.12
N LYS A 615 -53.85 -19.05 -11.74
CA LYS A 615 -53.95 -20.44 -11.26
C LYS A 615 -53.44 -20.59 -9.84
N ILE A 616 -52.38 -19.89 -9.49
CA ILE A 616 -51.84 -20.10 -8.14
C ILE A 616 -52.89 -19.69 -7.06
N ILE A 617 -53.39 -18.47 -7.15
CA ILE A 617 -54.30 -17.90 -6.17
C ILE A 617 -55.59 -18.68 -6.16
N GLU A 618 -56.13 -19.02 -7.32
CA GLU A 618 -57.26 -19.85 -7.32
C GLU A 618 -57.00 -21.19 -6.55
N LYS A 619 -55.82 -21.79 -6.70
CA LYS A 619 -55.60 -23.08 -6.04
C LYS A 619 -55.36 -22.89 -4.55
N MET A 620 -54.71 -21.81 -4.22
CA MET A 620 -54.53 -21.39 -2.88
C MET A 620 -55.88 -21.33 -2.12
N ALA A 621 -56.91 -20.87 -2.79
CA ALA A 621 -58.13 -20.46 -2.15
C ALA A 621 -59.21 -21.50 -2.22
N THR A 622 -58.94 -22.68 -2.80
CA THR A 622 -60.00 -23.66 -2.99
C THR A 622 -59.27 -24.97 -2.82
N PHE A 623 -58.12 -24.87 -2.16
CA PHE A 623 -57.23 -26.00 -2.01
C PHE A 623 -57.86 -27.25 -1.36
N GLU A 624 -57.67 -28.41 -2.00
CA GLU A 624 -57.98 -29.69 -1.35
C GLU A 624 -56.79 -30.60 -1.13
N ILE A 625 -56.55 -30.89 0.14
CA ILE A 625 -55.41 -31.67 0.53
C ILE A 625 -55.57 -33.16 0.27
N ASP A 626 -54.68 -33.76 -0.48
CA ASP A 626 -54.64 -35.20 -0.60
C ASP A 626 -54.02 -35.75 0.66
N GLU A 627 -54.71 -36.67 1.33
CA GLU A 627 -54.14 -37.25 2.54
C GLU A 627 -52.77 -37.98 2.45
N LYS A 628 -52.54 -38.87 1.47
CA LYS A 628 -51.22 -39.56 1.35
C LYS A 628 -50.04 -38.51 1.25
N ARG A 629 -50.30 -37.44 0.46
CA ARG A 629 -49.38 -36.34 0.19
C ARG A 629 -49.05 -35.60 1.47
N PHE A 630 -50.09 -35.28 2.23
CA PHE A 630 -49.95 -34.73 3.58
C PHE A 630 -49.03 -35.53 4.53
N GLU A 631 -49.22 -36.83 4.62
CA GLU A 631 -48.42 -37.67 5.49
C GLU A 631 -46.97 -37.66 5.03
N ILE A 632 -46.76 -37.71 3.70
CA ILE A 632 -45.43 -37.84 3.16
C ILE A 632 -44.64 -36.55 3.39
N ILE A 633 -45.29 -35.46 3.11
CA ILE A 633 -44.66 -34.19 3.26
C ILE A 633 -44.43 -33.85 4.74
N LYS A 634 -45.39 -34.26 5.59
CA LYS A 634 -45.21 -34.06 7.03
C LYS A 634 -43.95 -34.82 7.54
N GLU A 635 -43.80 -36.08 7.12
CA GLU A 635 -42.68 -36.89 7.52
C GLU A 635 -41.40 -36.21 6.98
N ALA A 636 -41.44 -35.69 5.74
CA ALA A 636 -40.22 -35.05 5.15
C ALA A 636 -39.83 -33.83 5.98
N TYR A 637 -40.84 -33.12 6.47
CA TYR A 637 -40.59 -31.85 7.14
C TYR A 637 -39.99 -32.13 8.50
N MET A 638 -40.47 -33.19 9.14
CA MET A 638 -39.95 -33.56 10.44
C MET A 638 -38.46 -33.79 10.28
N ARG A 639 -38.10 -34.54 9.24
CA ARG A 639 -36.72 -34.88 9.08
C ARG A 639 -35.92 -33.59 8.79
N SER A 640 -36.49 -32.67 8.00
CA SER A 640 -35.70 -31.50 7.73
C SER A 640 -35.46 -30.63 9.01
N LEU A 641 -36.48 -30.50 9.84
CA LEU A 641 -36.26 -29.96 11.19
C LEU A 641 -35.14 -30.70 12.00
N ASN A 642 -35.16 -32.02 12.03
CA ASN A 642 -34.04 -32.72 12.66
C ASN A 642 -32.76 -32.44 11.98
N ASN A 643 -32.77 -32.35 10.63
CA ASN A 643 -31.51 -32.29 9.97
C ASN A 643 -30.80 -31.00 10.27
N PHE A 644 -31.45 -30.10 11.01
CA PHE A 644 -30.78 -28.88 11.33
C PHE A 644 -29.56 -29.15 12.17
N ARG A 645 -29.61 -30.24 12.96
CA ARG A 645 -28.49 -30.55 13.85
C ARG A 645 -27.19 -30.81 13.05
N ALA A 646 -27.31 -31.05 11.74
CA ALA A 646 -26.14 -31.36 10.98
C ALA A 646 -25.64 -30.20 10.11
N GLU A 647 -26.30 -29.05 10.14
CA GLU A 647 -25.78 -27.82 9.55
C GLU A 647 -24.43 -27.43 10.13
N GLN A 648 -23.74 -26.53 9.49
CA GLN A 648 -22.46 -26.08 10.04
C GLN A 648 -22.49 -25.20 11.28
N PRO A 649 -21.44 -25.31 12.12
CA PRO A 649 -21.35 -24.49 13.36
C PRO A 649 -21.61 -22.98 13.12
N HIS A 650 -21.15 -22.42 12.02
CA HIS A 650 -21.36 -21.00 11.86
C HIS A 650 -22.83 -20.68 11.45
N GLN A 651 -23.47 -21.60 10.73
CA GLN A 651 -24.89 -21.45 10.43
C GLN A 651 -25.68 -21.50 11.72
N HIS A 652 -25.29 -22.43 12.61
CA HIS A 652 -25.88 -22.53 13.93
C HIS A 652 -25.73 -21.21 14.67
N ALA A 653 -24.51 -20.65 14.71
CA ALA A 653 -24.28 -19.41 15.43
C ALA A 653 -25.19 -18.29 14.91
N MET A 654 -25.32 -18.22 13.58
CA MET A 654 -26.19 -17.20 12.96
C MET A 654 -27.64 -17.40 13.37
N TYR A 655 -28.07 -18.65 13.34
CA TYR A 655 -29.41 -19.03 13.73
C TYR A 655 -29.76 -18.61 15.20
N TYR A 656 -28.88 -18.89 16.14
CA TYR A 656 -29.19 -18.57 17.51
C TYR A 656 -29.21 -17.05 17.71
N LEU A 657 -28.30 -16.33 17.05
CA LEU A 657 -28.36 -14.89 17.18
C LEU A 657 -29.69 -14.35 16.67
N ARG A 658 -30.21 -14.96 15.59
CA ARG A 658 -31.49 -14.53 15.07
C ARG A 658 -32.54 -14.76 16.14
N LEU A 659 -32.64 -15.99 16.69
CA LEU A 659 -33.54 -16.23 17.82
C LEU A 659 -33.36 -15.27 18.99
N LEU A 660 -32.12 -14.93 19.37
CA LEU A 660 -31.93 -14.12 20.55
C LEU A 660 -32.42 -12.67 20.42
N MET A 661 -32.27 -12.12 19.23
CA MET A 661 -32.35 -10.71 18.99
C MET A 661 -33.72 -10.24 18.45
N THR A 662 -34.56 -11.17 17.95
CA THR A 662 -35.89 -10.83 17.40
C THR A 662 -36.95 -11.12 18.46
N GLU A 663 -37.87 -10.16 18.59
CA GLU A 663 -38.99 -10.24 19.49
C GLU A 663 -39.65 -11.62 19.53
N VAL A 664 -40.15 -12.07 18.38
CA VAL A 664 -40.79 -13.38 18.32
C VAL A 664 -40.04 -14.31 17.36
N ALA A 665 -39.61 -15.47 17.80
CA ALA A 665 -39.06 -16.47 16.92
C ALA A 665 -39.25 -17.85 17.52
N TRP A 666 -39.84 -18.77 16.78
CA TRP A 666 -40.04 -20.14 17.29
C TRP A 666 -38.78 -20.98 16.99
N THR A 667 -38.30 -21.79 17.94
CA THR A 667 -37.13 -22.59 17.70
C THR A 667 -37.47 -23.82 16.89
N LYS A 668 -36.45 -24.44 16.31
CA LYS A 668 -36.61 -25.66 15.50
C LYS A 668 -37.21 -26.70 16.43
N ASP A 669 -36.76 -26.68 17.68
CA ASP A 669 -37.27 -27.60 18.71
C ASP A 669 -38.73 -27.47 18.98
N GLU A 670 -39.19 -26.23 19.21
CA GLU A 670 -40.60 -25.92 19.35
C GLU A 670 -41.41 -26.36 18.12
N LEU A 671 -40.93 -26.04 16.92
CA LEU A 671 -41.59 -26.50 15.71
C LEU A 671 -41.68 -28.04 15.65
N LYS A 672 -40.61 -28.72 15.94
CA LYS A 672 -40.60 -30.18 15.93
C LYS A 672 -41.70 -30.73 16.84
N GLU A 673 -41.73 -30.22 18.06
CA GLU A 673 -42.69 -30.69 19.02
C GLU A 673 -44.09 -30.50 18.57
N ALA A 674 -44.42 -29.27 18.20
CA ALA A 674 -45.72 -28.95 17.72
C ALA A 674 -46.11 -29.75 16.47
N LEU A 675 -45.14 -30.33 15.79
CA LEU A 675 -45.46 -31.02 14.55
C LEU A 675 -46.35 -32.24 14.72
N ASP A 676 -46.23 -32.97 15.82
CA ASP A 676 -47.10 -34.16 15.96
C ASP A 676 -48.57 -33.84 16.09
N ASP A 677 -48.92 -32.65 16.63
CA ASP A 677 -50.32 -32.24 16.68
C ASP A 677 -50.83 -31.67 15.36
N VAL A 678 -50.14 -31.86 14.25
CA VAL A 678 -50.69 -31.33 13.02
C VAL A 678 -51.48 -32.46 12.40
N THR A 679 -52.79 -32.39 12.44
CA THR A 679 -53.56 -33.46 11.84
C THR A 679 -54.22 -32.88 10.58
N LEU A 680 -54.76 -33.78 9.77
CA LEU A 680 -55.54 -33.41 8.61
C LEU A 680 -56.71 -32.51 8.95
N PRO A 681 -57.66 -33.01 9.78
CA PRO A 681 -58.67 -32.03 10.25
C PRO A 681 -58.07 -30.66 10.63
N ARG A 682 -57.04 -30.62 11.46
CA ARG A 682 -56.48 -29.35 11.92
C ARG A 682 -55.96 -28.44 10.78
N LEU A 683 -55.20 -29.00 9.84
CA LEU A 683 -54.79 -28.29 8.65
C LEU A 683 -55.95 -27.79 7.75
N LYS A 684 -56.98 -28.64 7.47
CA LYS A 684 -58.17 -28.24 6.67
C LYS A 684 -58.81 -27.06 7.32
N ALA A 685 -58.80 -27.04 8.64
CA ALA A 685 -59.43 -25.88 9.32
C ALA A 685 -58.58 -24.59 9.26
N PHE A 686 -57.27 -24.75 9.22
CA PHE A 686 -56.37 -23.65 9.27
C PHE A 686 -56.42 -22.76 8.02
N ILE A 687 -56.52 -23.40 6.86
CA ILE A 687 -56.40 -22.70 5.61
C ILE A 687 -57.40 -21.57 5.44
N PRO A 688 -58.72 -21.90 5.63
CA PRO A 688 -59.73 -20.83 5.50
C PRO A 688 -59.53 -19.77 6.54
N GLN A 689 -58.98 -20.16 7.68
CA GLN A 689 -58.84 -19.18 8.74
C GLN A 689 -57.69 -18.24 8.37
N LEU A 690 -56.58 -18.80 7.90
CA LEU A 690 -55.44 -18.00 7.43
C LEU A 690 -55.82 -16.99 6.36
N LEU A 691 -56.67 -17.43 5.43
CA LEU A 691 -57.07 -16.61 4.28
C LEU A 691 -58.24 -15.67 4.54
N SER A 692 -58.87 -15.79 5.72
CA SER A 692 -60.09 -15.04 6.01
C SER A 692 -59.81 -13.57 6.14
N ARG A 693 -58.60 -13.21 6.54
CA ARG A 693 -58.21 -11.79 6.68
C ARG A 693 -56.76 -11.62 6.33
N LEU A 694 -56.52 -10.68 5.40
CA LEU A 694 -55.22 -10.44 4.77
C LEU A 694 -54.99 -8.98 4.43
N HIS A 695 -53.73 -8.61 4.32
CA HIS A 695 -53.43 -7.35 3.66
C HIS A 695 -52.35 -7.74 2.61
N ILE A 696 -52.37 -7.13 1.43
CA ILE A 696 -51.44 -7.54 0.39
C ILE A 696 -50.62 -6.33 0.01
N GLU A 697 -49.30 -6.48 0.09
CA GLU A 697 -48.43 -5.44 -0.38
C GLU A 697 -47.65 -6.04 -1.57
N ALA A 698 -47.67 -5.34 -2.69
CA ALA A 698 -47.19 -5.86 -3.97
C ALA A 698 -46.24 -4.88 -4.65
N LEU A 699 -45.25 -5.47 -5.36
CA LEU A 699 -44.43 -4.74 -6.31
C LEU A 699 -44.59 -5.40 -7.66
N LEU A 700 -45.16 -4.65 -8.63
CA LEU A 700 -45.32 -5.15 -9.99
C LEU A 700 -44.39 -4.33 -10.86
N HIS A 701 -43.42 -4.97 -11.53
CA HIS A 701 -42.28 -4.21 -12.15
C HIS A 701 -41.80 -4.97 -13.35
N GLY A 702 -41.77 -4.30 -14.50
CA GLY A 702 -41.37 -4.92 -15.78
C GLY A 702 -42.04 -4.40 -17.03
N ASN A 703 -42.26 -5.30 -18.00
CA ASN A 703 -42.89 -4.93 -19.22
C ASN A 703 -44.39 -5.04 -18.96
N ILE A 704 -44.91 -4.09 -18.17
CA ILE A 704 -46.33 -3.96 -17.89
C ILE A 704 -46.83 -2.55 -17.69
N THR A 705 -48.09 -2.32 -18.13
CA THR A 705 -48.70 -1.01 -17.87
C THR A 705 -49.31 -0.86 -16.47
N LYS A 706 -49.49 0.40 -16.09
CA LYS A 706 -50.29 0.76 -14.89
C LYS A 706 -51.67 0.05 -14.83
N GLN A 707 -52.42 0.17 -15.92
CA GLN A 707 -53.67 -0.52 -16.05
C GLN A 707 -53.53 -2.04 -15.93
N ALA A 708 -52.44 -2.63 -16.44
CA ALA A 708 -52.33 -4.10 -16.32
C ALA A 708 -51.95 -4.47 -14.88
N ALA A 709 -51.17 -3.60 -14.22
CA ALA A 709 -50.84 -3.79 -12.82
C ALA A 709 -52.09 -3.71 -11.88
N LEU A 710 -52.94 -2.68 -12.04
CA LEU A 710 -54.14 -2.54 -11.23
C LEU A 710 -54.98 -3.78 -11.50
N GLY A 711 -55.01 -4.19 -12.79
CA GLY A 711 -55.77 -5.38 -13.20
C GLY A 711 -55.35 -6.67 -12.50
N ILE A 712 -54.05 -6.92 -12.51
CA ILE A 712 -53.44 -8.11 -11.91
C ILE A 712 -53.66 -8.11 -10.41
N MET A 713 -53.44 -6.96 -9.80
CA MET A 713 -53.65 -6.80 -8.36
C MET A 713 -55.11 -7.12 -8.01
N GLN A 714 -56.04 -6.57 -8.77
CA GLN A 714 -57.41 -6.70 -8.39
C GLN A 714 -57.88 -8.12 -8.67
N MET A 715 -57.33 -8.69 -9.73
CA MET A 715 -57.58 -10.09 -9.96
C MET A 715 -57.19 -11.03 -8.79
N VAL A 716 -56.01 -10.78 -8.21
CA VAL A 716 -55.59 -11.55 -7.05
C VAL A 716 -56.59 -11.35 -5.91
N GLU A 717 -56.90 -10.10 -5.62
CA GLU A 717 -57.89 -9.75 -4.59
C GLU A 717 -59.22 -10.44 -4.83
N ASP A 718 -59.74 -10.36 -6.08
CA ASP A 718 -61.11 -10.84 -6.37
C ASP A 718 -61.19 -12.33 -6.22
N THR A 719 -60.08 -13.01 -6.57
CA THR A 719 -60.08 -14.45 -6.55
C THR A 719 -60.19 -14.93 -5.10
N LEU A 720 -59.45 -14.25 -4.23
CA LEU A 720 -59.42 -14.49 -2.81
C LEU A 720 -60.77 -14.19 -2.18
N ILE A 721 -61.34 -13.02 -2.50
CA ILE A 721 -62.70 -12.74 -2.07
C ILE A 721 -63.69 -13.85 -2.54
N GLU A 722 -63.62 -14.26 -3.80
CA GLU A 722 -64.64 -15.13 -4.28
C GLU A 722 -64.59 -16.44 -3.55
N HIS A 723 -63.42 -16.98 -3.38
CA HIS A 723 -63.30 -18.37 -3.02
C HIS A 723 -63.01 -18.50 -1.56
N ALA A 724 -62.48 -17.48 -0.94
CA ALA A 724 -62.13 -17.60 0.45
C ALA A 724 -62.75 -16.50 1.32
N HIS A 725 -63.54 -15.60 0.74
CA HIS A 725 -64.26 -14.56 1.50
C HIS A 725 -63.30 -13.68 2.29
N THR A 726 -62.10 -13.49 1.78
CA THR A 726 -61.12 -12.65 2.47
C THR A 726 -61.63 -11.27 2.79
N LYS A 727 -61.36 -10.78 3.98
CA LYS A 727 -61.63 -9.32 4.25
C LYS A 727 -60.33 -8.66 4.71
N PRO A 728 -60.32 -7.32 4.69
CA PRO A 728 -59.07 -6.60 5.05
C PRO A 728 -58.72 -6.80 6.49
N LEU A 729 -57.43 -6.75 6.82
CA LEU A 729 -56.92 -6.79 8.14
C LEU A 729 -56.92 -5.35 8.71
N LEU A 730 -56.93 -5.14 10.03
CA LEU A 730 -56.97 -3.77 10.59
C LEU A 730 -55.57 -3.16 10.56
N PRO A 731 -55.47 -1.85 10.28
CA PRO A 731 -54.07 -1.32 10.21
C PRO A 731 -53.21 -1.75 11.41
N SER A 732 -53.78 -1.77 12.60
CA SER A 732 -52.96 -2.12 13.77
C SER A 732 -52.52 -3.58 13.77
N GLN A 733 -53.03 -4.42 12.92
CA GLN A 733 -52.62 -5.81 13.06
C GLN A 733 -51.49 -6.07 12.15
N LEU A 734 -50.95 -5.01 11.54
CA LEU A 734 -49.81 -5.15 10.62
C LEU A 734 -48.54 -5.10 11.53
N VAL A 735 -48.43 -6.10 12.42
CA VAL A 735 -47.28 -6.18 13.35
C VAL A 735 -45.96 -6.35 12.56
N ARG A 736 -45.00 -5.48 12.83
CA ARG A 736 -43.60 -5.84 12.60
C ARG A 736 -42.87 -6.15 13.89
N TYR A 737 -41.93 -7.09 13.87
CA TYR A 737 -41.19 -7.43 15.08
C TYR A 737 -40.01 -6.52 15.32
N ARG A 738 -39.71 -6.30 16.61
CA ARG A 738 -38.63 -5.45 17.05
C ARG A 738 -37.34 -6.23 17.40
N GLU A 739 -36.28 -5.48 17.61
CA GLU A 739 -35.04 -6.08 18.02
C GLU A 739 -34.78 -5.75 19.49
N VAL A 740 -34.35 -6.75 20.23
CA VAL A 740 -33.88 -6.63 21.59
C VAL A 740 -32.88 -5.49 21.72
N GLN A 741 -33.12 -4.60 22.69
CA GLN A 741 -32.25 -3.50 22.87
C GLN A 741 -31.26 -3.76 23.97
N LEU A 742 -29.98 -3.82 23.59
CA LEU A 742 -28.90 -4.19 24.47
C LEU A 742 -28.44 -2.99 25.34
N PRO A 743 -28.09 -3.26 26.61
CA PRO A 743 -27.72 -2.16 27.54
C PRO A 743 -26.33 -1.67 27.27
N ASP A 744 -26.13 -0.34 27.32
CA ASP A 744 -24.81 0.26 27.38
C ASP A 744 -23.84 -0.59 28.22
N ARG A 745 -22.76 -1.00 27.58
CA ARG A 745 -21.71 -1.75 28.22
C ARG A 745 -21.95 -3.19 28.49
N GLY A 746 -23.05 -3.75 28.07
CA GLY A 746 -23.17 -5.16 28.35
C GLY A 746 -22.47 -6.02 27.30
N TRP A 747 -22.13 -7.23 27.72
CA TRP A 747 -21.64 -8.30 26.91
C TRP A 747 -22.39 -9.57 27.31
N PHE A 748 -23.11 -10.19 26.38
CA PHE A 748 -23.81 -11.42 26.71
C PHE A 748 -23.25 -12.50 25.82
N VAL A 749 -23.12 -13.72 26.37
CA VAL A 749 -22.67 -14.90 25.64
C VAL A 749 -23.75 -15.95 25.69
N TYR A 750 -24.01 -16.56 24.54
CA TYR A 750 -24.89 -17.70 24.49
C TYR A 750 -24.07 -18.84 23.90
N GLN A 751 -24.09 -19.99 24.57
CA GLN A 751 -23.21 -21.08 24.24
C GLN A 751 -23.94 -22.35 23.91
N GLN A 752 -23.48 -23.06 22.90
CA GLN A 752 -24.13 -24.27 22.45
C GLN A 752 -23.11 -25.18 21.79
N ARG A 753 -23.52 -26.44 21.63
CA ARG A 753 -22.68 -27.46 21.03
C ARG A 753 -23.22 -27.88 19.67
N ASN A 754 -22.34 -27.95 18.66
CA ASN A 754 -22.69 -28.66 17.40
C ASN A 754 -22.37 -30.11 17.60
N GLU A 755 -23.36 -30.96 17.42
CA GLU A 755 -23.10 -32.38 17.69
C GLU A 755 -22.50 -33.11 16.52
N VAL A 756 -22.39 -32.53 15.35
CA VAL A 756 -22.01 -33.31 14.19
C VAL A 756 -20.58 -32.94 13.73
N HIS A 757 -20.27 -31.64 13.74
CA HIS A 757 -19.10 -31.11 13.11
C HIS A 757 -17.98 -30.90 14.12
N ASN A 758 -16.74 -31.10 13.72
CA ASN A 758 -15.76 -30.97 14.72
C ASN A 758 -15.09 -29.62 14.62
N ASN A 759 -15.85 -28.58 14.33
CA ASN A 759 -15.30 -27.22 14.32
C ASN A 759 -16.12 -26.36 15.23
N SER A 760 -15.67 -25.20 15.64
CA SER A 760 -16.61 -24.37 16.32
C SER A 760 -17.02 -23.21 15.44
N GLY A 761 -18.10 -22.56 15.83
CA GLY A 761 -18.44 -21.32 15.18
C GLY A 761 -18.80 -20.27 16.19
N ILE A 762 -18.53 -19.04 15.80
CA ILE A 762 -18.86 -17.92 16.62
C ILE A 762 -19.47 -16.88 15.71
N GLU A 763 -20.41 -16.12 16.27
CA GLU A 763 -20.87 -14.85 15.74
C GLU A 763 -20.81 -13.79 16.83
N ILE A 764 -20.23 -12.63 16.52
CA ILE A 764 -20.10 -11.58 17.52
C ILE A 764 -20.79 -10.39 16.95
N TYR A 765 -21.75 -9.85 17.70
CA TYR A 765 -22.53 -8.72 17.24
C TYR A 765 -22.39 -7.49 18.16
N TYR A 766 -21.80 -6.43 17.59
CA TYR A 766 -21.67 -5.11 18.24
C TYR A 766 -22.79 -4.26 17.72
N GLN A 767 -23.84 -4.21 18.51
CA GLN A 767 -25.05 -3.56 18.05
C GLN A 767 -24.84 -2.03 18.16
N THR A 768 -25.19 -1.30 17.13
CA THR A 768 -25.03 0.16 17.19
C THR A 768 -26.22 1.04 17.54
N ASP A 769 -27.20 1.16 16.67
CA ASP A 769 -28.44 1.87 16.90
C ASP A 769 -29.40 1.61 15.70
N MET A 770 -30.52 2.33 15.66
CA MET A 770 -31.50 2.23 14.62
C MET A 770 -30.88 2.66 13.31
N GLN A 771 -31.36 2.12 12.23
CA GLN A 771 -30.93 2.58 10.94
C GLN A 771 -31.39 4.06 10.71
N SER A 772 -30.52 4.83 10.10
CA SER A 772 -30.78 6.17 9.60
C SER A 772 -29.59 6.56 8.73
N THR A 773 -29.75 7.62 7.96
CA THR A 773 -28.73 8.04 7.06
C THR A 773 -27.33 8.05 7.68
N SER A 774 -27.23 8.72 8.81
CA SER A 774 -25.91 8.94 9.31
C SER A 774 -25.39 7.68 9.98
N GLU A 775 -26.24 7.04 10.75
CA GLU A 775 -25.87 5.84 11.43
C GLU A 775 -25.46 4.72 10.45
N ASN A 776 -26.13 4.65 9.30
CA ASN A 776 -25.83 3.63 8.31
C ASN A 776 -24.45 3.78 7.65
N MET A 777 -24.16 5.00 7.22
CA MET A 777 -22.92 5.32 6.60
C MET A 777 -21.79 5.33 7.63
N PHE A 778 -22.02 5.61 8.92
CA PHE A 778 -20.91 5.41 9.86
C PHE A 778 -20.50 3.96 9.83
N LEU A 779 -21.49 3.07 10.04
CA LEU A 779 -21.27 1.62 10.10
C LEU A 779 -20.71 1.09 8.75
N GLU A 780 -21.16 1.66 7.62
CA GLU A 780 -20.77 1.08 6.36
C GLU A 780 -19.37 1.46 6.05
N LEU A 781 -19.00 2.71 6.35
CA LEU A 781 -17.61 3.15 6.10
C LEU A 781 -16.68 2.32 6.93
N PHE A 782 -17.04 2.13 8.19
CA PHE A 782 -16.18 1.37 9.04
C PHE A 782 -15.98 -0.06 8.51
N ALA A 783 -17.05 -0.69 8.03
CA ALA A 783 -17.03 -2.06 7.56
C ALA A 783 -16.19 -2.05 6.30
N GLN A 784 -16.31 -1.04 5.47
CA GLN A 784 -15.52 -0.99 4.25
C GLN A 784 -14.01 -0.95 4.59
N ILE A 785 -13.64 -0.09 5.53
CA ILE A 785 -12.26 0.08 5.95
C ILE A 785 -11.75 -1.20 6.63
N ILE A 786 -12.52 -1.86 7.49
CA ILE A 786 -11.96 -3.01 8.17
C ILE A 786 -12.10 -4.30 7.32
N SER A 787 -12.78 -4.21 6.23
CA SER A 787 -13.12 -5.38 5.45
C SER A 787 -11.98 -6.29 4.92
N GLU A 788 -11.02 -5.80 4.13
CA GLU A 788 -10.01 -6.76 3.76
C GLU A 788 -9.05 -6.96 4.88
N PRO A 789 -8.74 -5.92 5.64
CA PRO A 789 -7.91 -6.26 6.79
C PRO A 789 -8.39 -7.37 7.70
N ALA A 790 -9.69 -7.54 7.85
CA ALA A 790 -10.13 -8.55 8.82
C ALA A 790 -9.84 -9.90 8.21
N PHE A 791 -10.10 -10.00 6.90
CA PHE A 791 -9.86 -11.20 6.20
C PHE A 791 -8.39 -11.43 6.27
N ASN A 792 -7.61 -10.42 5.95
CA ASN A 792 -6.19 -10.60 5.92
C ASN A 792 -5.51 -10.94 7.26
N THR A 793 -6.06 -10.43 8.35
CA THR A 793 -5.53 -10.68 9.67
C THR A 793 -6.07 -11.95 10.26
N LEU A 794 -7.38 -12.12 10.24
CA LEU A 794 -7.97 -13.25 10.97
C LEU A 794 -7.82 -14.55 10.23
N ARG A 795 -7.72 -14.46 8.90
CA ARG A 795 -7.51 -15.63 8.05
C ARG A 795 -6.05 -15.75 7.51
N THR A 796 -5.68 -14.88 6.58
CA THR A 796 -4.39 -15.01 5.93
C THR A 796 -3.21 -15.04 6.88
N LYS A 797 -3.18 -14.15 7.86
CA LYS A 797 -2.10 -14.22 8.88
C LYS A 797 -2.31 -15.24 9.97
N GLU A 798 -3.44 -15.18 10.66
CA GLU A 798 -3.62 -16.01 11.85
C GLU A 798 -4.27 -17.33 11.53
N GLN A 799 -4.86 -17.40 10.34
CA GLN A 799 -5.37 -18.68 9.86
C GLN A 799 -6.37 -19.31 10.87
N LEU A 800 -7.26 -18.48 11.42
CA LEU A 800 -8.23 -19.00 12.37
C LEU A 800 -9.19 -19.95 11.72
N GLY A 801 -9.43 -19.78 10.43
CA GLY A 801 -10.24 -20.72 9.72
C GLY A 801 -10.43 -20.29 8.29
N TYR A 802 -11.13 -21.10 7.55
CA TYR A 802 -11.52 -20.77 6.18
C TYR A 802 -12.65 -19.72 6.10
N ILE A 803 -13.74 -19.96 6.83
CA ILE A 803 -14.78 -18.99 6.88
C ILE A 803 -14.38 -17.89 7.86
N VAL A 804 -14.13 -16.70 7.34
CA VAL A 804 -13.93 -15.51 8.19
C VAL A 804 -14.72 -14.37 7.54
N PHE A 805 -15.73 -13.84 8.24
CA PHE A 805 -16.58 -12.85 7.63
C PHE A 805 -16.72 -11.65 8.56
N SER A 806 -16.84 -10.45 7.98
CA SER A 806 -17.15 -9.31 8.83
C SER A 806 -18.06 -8.37 8.07
N GLY A 807 -18.88 -7.53 8.72
CA GLY A 807 -19.72 -6.62 7.95
C GLY A 807 -20.91 -6.10 8.73
N PRO A 808 -21.74 -5.25 8.11
CA PRO A 808 -22.97 -4.76 8.74
C PRO A 808 -23.96 -5.91 9.00
N ARG A 809 -24.63 -5.92 10.15
CA ARG A 809 -25.82 -6.77 10.37
C ARG A 809 -26.98 -5.80 10.45
N ARG A 810 -28.05 -6.11 9.73
CA ARG A 810 -29.27 -5.28 9.68
C ARG A 810 -30.45 -6.20 9.97
N ALA A 811 -31.23 -5.89 10.99
CA ALA A 811 -32.51 -6.63 11.16
C ALA A 811 -33.50 -5.74 11.85
N ASN A 812 -34.75 -5.83 11.43
CA ASN A 812 -35.83 -5.25 12.19
C ASN A 812 -35.57 -3.77 12.40
N GLY A 813 -34.91 -3.12 11.44
CA GLY A 813 -34.70 -1.64 11.45
C GLY A 813 -33.50 -1.21 12.30
N ILE A 814 -32.85 -2.23 12.92
CA ILE A 814 -31.66 -2.01 13.74
C ILE A 814 -30.43 -2.52 13.04
N GLN A 815 -29.25 -2.14 13.53
CA GLN A 815 -28.01 -2.58 12.88
C GLN A 815 -26.84 -2.63 13.86
N GLY A 816 -25.73 -3.14 13.33
CA GLY A 816 -24.43 -3.19 14.03
C GLY A 816 -23.40 -3.95 13.19
N LEU A 817 -22.24 -4.21 13.82
CA LEU A 817 -21.08 -4.80 13.20
C LEU A 817 -21.05 -6.23 13.63
N ARG A 818 -20.82 -7.11 12.66
CA ARG A 818 -20.69 -8.48 13.06
C ARG A 818 -19.45 -9.14 12.48
N PHE A 819 -19.01 -10.16 13.23
CA PHE A 819 -17.94 -11.07 12.86
C PHE A 819 -18.44 -12.47 12.88
N ILE A 820 -18.18 -13.24 11.80
CA ILE A 820 -18.53 -14.68 11.82
C ILE A 820 -17.27 -15.43 11.44
N ILE A 821 -16.92 -16.42 12.27
CA ILE A 821 -15.75 -17.27 12.07
C ILE A 821 -16.09 -18.72 12.40
N GLN A 822 -15.50 -19.66 11.68
CA GLN A 822 -15.62 -21.07 11.93
C GLN A 822 -14.18 -21.57 12.00
N SER A 823 -13.85 -22.30 13.05
CA SER A 823 -12.47 -22.54 13.42
C SER A 823 -12.33 -23.86 14.19
N GLU A 824 -11.09 -24.28 14.38
CA GLU A 824 -10.78 -25.43 15.18
C GLU A 824 -10.52 -24.90 16.61
N LYS A 825 -10.11 -23.63 16.70
CA LYS A 825 -9.83 -22.93 17.93
C LYS A 825 -11.17 -22.66 18.71
N PRO A 826 -11.13 -22.73 20.07
CA PRO A 826 -12.37 -22.49 20.84
C PRO A 826 -12.83 -21.03 20.77
N PRO A 827 -14.16 -20.79 20.75
CA PRO A 827 -14.72 -19.46 20.67
C PRO A 827 -14.05 -18.46 21.60
N HIS A 828 -13.78 -18.85 22.87
CA HIS A 828 -13.26 -17.80 23.78
C HIS A 828 -11.94 -17.29 23.20
N TYR A 829 -11.21 -18.12 22.47
CA TYR A 829 -9.99 -17.70 21.83
C TYR A 829 -10.22 -16.74 20.62
N LEU A 830 -11.12 -17.18 19.74
CA LEU A 830 -11.66 -16.36 18.64
C LEU A 830 -12.06 -14.95 19.10
N GLU A 831 -12.81 -14.86 20.22
CA GLU A 831 -13.17 -13.55 20.74
C GLU A 831 -11.97 -12.64 20.90
N SER A 832 -11.00 -13.17 21.65
CA SER A 832 -9.83 -12.38 21.97
C SER A 832 -9.09 -11.95 20.69
N ARG A 833 -9.09 -12.77 19.66
CA ARG A 833 -8.43 -12.41 18.41
C ARG A 833 -9.16 -11.31 17.65
N VAL A 834 -10.48 -11.37 17.68
CA VAL A 834 -11.25 -10.29 17.07
C VAL A 834 -11.03 -8.95 17.81
N GLU A 835 -11.00 -9.04 19.14
CA GLU A 835 -10.78 -7.86 19.94
C GLU A 835 -9.40 -7.25 19.69
N ALA A 836 -8.40 -8.12 19.57
CA ALA A 836 -7.08 -7.66 19.22
C ALA A 836 -7.13 -7.03 17.84
N PHE A 837 -7.94 -7.60 16.95
CA PHE A 837 -8.02 -7.03 15.63
C PHE A 837 -8.61 -5.58 15.64
N LEU A 838 -9.70 -5.43 16.38
CA LEU A 838 -10.36 -4.18 16.53
C LEU A 838 -9.43 -3.09 16.96
N ILE A 839 -8.56 -3.35 17.96
CA ILE A 839 -7.52 -2.36 18.30
C ILE A 839 -6.52 -2.06 17.15
N THR A 840 -5.97 -3.06 16.48
CA THR A 840 -5.21 -2.84 15.26
C THR A 840 -5.89 -1.85 14.33
N MET A 841 -7.20 -2.01 14.14
CA MET A 841 -7.97 -1.12 13.27
C MET A 841 -8.08 0.38 13.68
N GLU A 842 -8.17 0.67 14.97
CA GLU A 842 -8.32 2.06 15.39
C GLU A 842 -6.98 2.70 15.12
N LYS A 843 -5.90 2.02 15.53
CA LYS A 843 -4.54 2.51 15.33
C LYS A 843 -4.33 2.80 13.78
N SER A 844 -4.75 1.86 12.97
CA SER A 844 -4.69 1.92 11.55
C SER A 844 -5.48 3.05 10.96
N ILE A 845 -6.66 3.35 11.51
CA ILE A 845 -7.42 4.49 11.06
C ILE A 845 -6.71 5.81 11.41
N GLU A 846 -6.08 5.88 12.60
CA GLU A 846 -5.27 7.04 12.95
C GLU A 846 -4.14 7.23 11.96
N ASP A 847 -3.38 6.15 11.77
CA ASP A 847 -2.25 6.18 10.88
C ASP A 847 -2.52 6.33 9.38
N MET A 848 -3.74 6.20 8.88
CA MET A 848 -3.90 6.23 7.42
C MET A 848 -3.97 7.66 6.88
N THR A 849 -3.58 7.81 5.62
CA THR A 849 -3.51 9.14 5.06
C THR A 849 -4.93 9.53 4.71
N GLU A 850 -5.16 10.83 4.68
CA GLU A 850 -6.39 11.40 4.18
C GLU A 850 -6.84 10.79 2.89
N GLU A 851 -5.90 10.63 2.01
CA GLU A 851 -6.21 10.17 0.70
C GLU A 851 -6.56 8.63 0.86
N ALA A 852 -5.90 7.88 1.74
CA ALA A 852 -6.31 6.49 1.81
C ALA A 852 -7.76 6.45 2.29
N PHE A 853 -8.06 7.36 3.22
CA PHE A 853 -9.41 7.52 3.73
C PHE A 853 -10.49 7.84 2.66
N GLN A 854 -10.22 8.82 1.82
CA GLN A 854 -11.06 9.14 0.67
C GLN A 854 -11.16 8.01 -0.38
N LYS A 855 -10.19 7.09 -0.47
CA LYS A 855 -10.30 5.99 -1.42
C LYS A 855 -11.41 5.06 -0.92
N HIS A 856 -11.36 4.79 0.36
CA HIS A 856 -12.40 4.01 0.96
C HIS A 856 -13.80 4.66 0.79
N ILE A 857 -13.88 6.00 0.92
CA ILE A 857 -15.19 6.62 0.71
C ILE A 857 -15.65 6.32 -0.73
N GLN A 858 -14.71 6.45 -1.66
CA GLN A 858 -14.99 6.36 -3.06
C GLN A 858 -15.33 4.90 -3.39
N ALA A 859 -14.76 3.94 -2.66
CA ALA A 859 -14.94 2.57 -3.01
C ALA A 859 -16.35 2.14 -2.54
N LEU A 860 -16.67 2.50 -1.28
CA LEU A 860 -18.04 2.35 -0.78
C LEU A 860 -19.03 3.08 -1.72
N ALA A 861 -18.65 4.28 -2.16
CA ALA A 861 -19.52 5.04 -3.01
C ALA A 861 -19.82 4.27 -4.30
N ILE A 862 -18.78 3.82 -5.00
CA ILE A 862 -19.00 2.97 -6.16
C ILE A 862 -19.82 1.70 -5.84
N ARG A 863 -19.57 1.03 -4.70
CA ARG A 863 -20.28 -0.20 -4.43
C ARG A 863 -21.77 0.08 -4.30
N ARG A 864 -22.12 1.15 -3.56
CA ARG A 864 -23.49 1.51 -3.38
C ARG A 864 -24.16 2.00 -4.66
N LEU A 865 -23.45 2.61 -5.59
CA LEU A 865 -24.09 3.21 -6.76
C LEU A 865 -24.06 2.29 -7.96
N ASP A 866 -23.47 1.11 -7.81
CA ASP A 866 -23.43 0.19 -8.91
C ASP A 866 -24.85 -0.04 -9.43
N LYS A 867 -25.12 0.31 -10.64
CA LYS A 867 -26.45 0.13 -11.28
C LYS A 867 -26.77 -1.35 -11.50
N PRO A 868 -28.01 -1.75 -11.21
CA PRO A 868 -28.55 -3.09 -11.50
C PRO A 868 -28.42 -3.46 -13.00
N LYS A 869 -28.01 -4.67 -13.31
CA LYS A 869 -27.76 -4.94 -14.72
C LYS A 869 -28.94 -5.68 -15.32
N LYS A 870 -29.86 -6.12 -14.46
CA LYS A 870 -31.07 -6.80 -14.91
C LYS A 870 -32.29 -6.49 -14.02
N LEU A 871 -33.47 -6.76 -14.59
CA LEU A 871 -34.73 -6.46 -13.99
C LEU A 871 -34.77 -6.92 -12.54
N SER A 872 -34.44 -8.16 -12.27
CA SER A 872 -34.75 -8.68 -10.95
C SER A 872 -33.78 -8.15 -9.86
N ALA A 873 -32.65 -7.59 -10.30
CA ALA A 873 -31.76 -6.96 -9.33
C ALA A 873 -32.33 -5.60 -8.93
N GLU A 874 -32.95 -4.91 -9.88
CA GLU A 874 -33.60 -3.68 -9.54
C GLU A 874 -34.84 -3.96 -8.68
N SER A 875 -35.56 -5.04 -8.98
CA SER A 875 -36.73 -5.38 -8.18
C SER A 875 -36.34 -5.68 -6.75
N ALA A 876 -35.25 -6.41 -6.59
CA ALA A 876 -34.82 -6.79 -5.26
C ALA A 876 -34.53 -5.51 -4.46
N LYS A 877 -33.85 -4.52 -5.08
CA LYS A 877 -33.57 -3.29 -4.31
C LYS A 877 -34.89 -2.70 -3.83
N TYR A 878 -35.92 -2.62 -4.68
CA TYR A 878 -37.18 -1.98 -4.30
C TYR A 878 -37.90 -2.77 -3.27
N TRP A 879 -37.88 -4.08 -3.46
CA TRP A 879 -38.51 -5.00 -2.56
C TRP A 879 -37.89 -4.91 -1.18
N GLY A 880 -36.59 -4.66 -1.07
CA GLY A 880 -35.95 -4.53 0.24
C GLY A 880 -36.54 -3.31 0.90
N GLU A 881 -36.70 -2.24 0.11
CA GLU A 881 -37.27 -1.00 0.64
C GLU A 881 -38.70 -1.23 1.12
N ILE A 882 -39.43 -2.16 0.53
CA ILE A 882 -40.85 -2.33 0.86
C ILE A 882 -41.04 -3.26 2.07
N ILE A 883 -40.45 -4.47 2.04
CA ILE A 883 -40.58 -5.37 3.11
C ILE A 883 -40.01 -4.81 4.40
N SER A 884 -38.92 -4.05 4.34
CA SER A 884 -38.44 -3.37 5.55
C SER A 884 -39.34 -2.17 5.93
N GLN A 885 -40.28 -1.80 5.06
CA GLN A 885 -41.14 -0.61 5.28
C GLN A 885 -40.42 0.72 5.51
N GLN A 886 -39.24 0.85 4.90
CA GLN A 886 -38.53 2.13 4.89
C GLN A 886 -38.85 2.90 3.66
N TYR A 887 -39.21 2.18 2.58
CA TYR A 887 -39.61 2.80 1.32
C TYR A 887 -38.69 3.94 0.91
N ASN A 888 -37.38 3.78 1.12
CA ASN A 888 -36.44 4.80 0.73
C ASN A 888 -35.86 4.52 -0.66
N PHE A 889 -36.63 4.74 -1.73
CA PHE A 889 -36.15 4.36 -3.07
C PHE A 889 -34.95 5.12 -3.59
N ASP A 890 -34.74 6.32 -3.08
CA ASP A 890 -33.63 7.06 -3.54
C ASP A 890 -32.46 6.99 -2.53
N ARG A 891 -32.46 5.98 -1.67
CA ARG A 891 -31.46 5.90 -0.62
C ARG A 891 -30.00 5.97 -1.06
N ASP A 892 -29.68 5.30 -2.16
CA ASP A 892 -28.28 5.32 -2.63
C ASP A 892 -27.72 6.73 -2.91
N ASN A 893 -28.49 7.63 -3.52
CA ASN A 893 -27.97 8.97 -3.72
C ASN A 893 -27.93 9.70 -2.42
N THR A 894 -28.95 9.50 -1.61
CA THR A 894 -28.95 10.23 -0.35
C THR A 894 -27.79 9.82 0.56
N GLU A 895 -27.63 8.51 0.75
CA GLU A 895 -26.64 7.99 1.64
C GLU A 895 -25.23 8.27 1.14
N VAL A 896 -25.06 8.19 -0.16
CA VAL A 896 -23.74 8.50 -0.76
C VAL A 896 -23.42 10.00 -0.67
N ALA A 897 -24.38 10.88 -0.97
CA ALA A 897 -24.11 12.32 -0.71
C ALA A 897 -23.62 12.50 0.73
N TYR A 898 -24.26 11.83 1.67
CA TYR A 898 -23.88 12.06 3.04
C TYR A 898 -22.50 11.47 3.42
N LEU A 899 -22.24 10.26 2.91
CA LEU A 899 -20.97 9.56 3.04
C LEU A 899 -19.78 10.47 2.67
N LYS A 900 -19.91 11.20 1.56
CA LYS A 900 -18.82 12.00 1.04
C LYS A 900 -18.43 13.11 2.05
N THR A 901 -19.26 13.33 3.09
CA THR A 901 -19.15 14.44 4.05
C THR A 901 -18.28 14.07 5.24
N LEU A 902 -17.98 12.78 5.35
CA LEU A 902 -17.43 12.19 6.56
C LEU A 902 -15.92 12.29 6.67
N THR A 903 -15.40 12.36 7.89
CA THR A 903 -13.97 12.53 8.06
C THR A 903 -13.39 11.41 8.93
N LYS A 904 -12.07 11.24 8.96
CA LYS A 904 -11.43 10.32 9.89
C LYS A 904 -12.00 10.49 11.30
N GLU A 905 -12.11 11.73 11.68
CA GLU A 905 -12.64 12.07 12.96
C GLU A 905 -13.94 11.37 13.27
N ASP A 906 -14.95 11.61 12.42
CA ASP A 906 -16.24 10.97 12.55
C ASP A 906 -16.06 9.45 12.80
N ILE A 907 -15.27 8.78 11.98
CA ILE A 907 -15.17 7.37 12.14
C ILE A 907 -14.43 7.05 13.42
N ILE A 908 -13.40 7.83 13.75
CA ILE A 908 -12.68 7.57 15.01
C ILE A 908 -13.63 7.67 16.23
N LYS A 909 -14.52 8.66 16.24
CA LYS A 909 -15.40 8.77 17.43
C LYS A 909 -16.57 7.86 17.42
N PHE A 910 -17.09 7.58 16.23
CA PHE A 910 -18.06 6.54 16.11
C PHE A 910 -17.49 5.26 16.79
N TYR A 911 -16.25 4.91 16.43
CA TYR A 911 -15.65 3.72 16.93
C TYR A 911 -15.49 3.80 18.43
N LYS A 912 -15.03 4.97 18.86
CA LYS A 912 -14.76 5.19 20.28
C LYS A 912 -16.05 5.23 21.06
N GLU A 913 -17.12 5.77 20.48
CA GLU A 913 -18.41 5.75 21.15
C GLU A 913 -19.12 4.38 21.22
N MET A 914 -19.02 3.56 20.18
CA MET A 914 -19.92 2.41 20.02
C MET A 914 -19.22 1.05 19.94
N LEU A 915 -17.93 1.06 19.59
CA LEU A 915 -17.21 -0.17 19.24
C LEU A 915 -16.01 -0.48 20.12
N ALA A 916 -15.24 0.50 20.57
CA ALA A 916 -14.02 0.14 21.33
C ALA A 916 -14.36 -0.66 22.55
N VAL A 917 -13.44 -1.51 22.99
CA VAL A 917 -13.63 -2.34 24.16
C VAL A 917 -14.14 -1.55 25.44
N ASP A 918 -13.67 -0.31 25.60
CA ASP A 918 -14.14 0.55 26.68
C ASP A 918 -15.16 1.61 26.20
N ALA A 919 -15.76 1.38 25.05
CA ALA A 919 -16.76 2.32 24.52
C ALA A 919 -17.93 2.45 25.51
N PRO A 920 -18.36 3.68 25.80
CA PRO A 920 -19.52 3.94 26.67
C PRO A 920 -20.82 3.31 26.15
N ARG A 921 -20.95 3.08 24.83
CA ARG A 921 -22.15 2.45 24.29
C ARG A 921 -21.90 1.11 23.60
N ARG A 922 -20.88 0.39 23.99
CA ARG A 922 -20.64 -0.94 23.45
C ARG A 922 -21.88 -1.76 23.81
N HIS A 923 -22.40 -2.51 22.84
CA HIS A 923 -23.46 -3.44 23.10
C HIS A 923 -23.12 -4.72 22.36
N LYS A 924 -22.66 -5.72 23.10
CA LYS A 924 -22.05 -6.87 22.53
C LYS A 924 -22.81 -8.12 22.95
N VAL A 925 -23.11 -8.97 21.97
CA VAL A 925 -23.61 -10.31 22.19
C VAL A 925 -22.80 -11.24 21.32
N SER A 926 -22.55 -12.43 21.83
CA SER A 926 -21.72 -13.40 21.15
C SER A 926 -22.46 -14.73 21.22
N VAL A 927 -22.41 -15.49 20.12
CA VAL A 927 -22.93 -16.80 20.13
C VAL A 927 -21.73 -17.71 19.95
N HIS A 928 -21.54 -18.63 20.89
CA HIS A 928 -20.40 -19.57 20.84
C HIS A 928 -20.94 -20.94 20.49
N VAL A 929 -20.54 -21.47 19.34
CA VAL A 929 -20.97 -22.85 19.06
C VAL A 929 -19.73 -23.72 19.13
N LEU A 930 -19.71 -24.52 20.16
CA LEU A 930 -18.63 -25.51 20.42
C LEU A 930 -18.62 -26.64 19.41
N ALA A 931 -17.40 -27.02 19.04
CA ALA A 931 -17.11 -28.21 18.23
C ALA A 931 -17.62 -29.50 18.94
N ARG A 932 -18.00 -30.50 18.15
CA ARG A 932 -18.39 -31.84 18.62
C ARG A 932 -17.55 -32.28 19.78
N GLU A 933 -16.24 -32.28 19.62
CA GLU A 933 -15.36 -32.79 20.70
C GLU A 933 -15.08 -31.89 21.94
N MET A 934 -15.13 -30.55 21.87
CA MET A 934 -14.72 -29.65 23.03
C MET A 934 -15.61 -29.85 24.23
N ASP A 935 -15.06 -29.79 25.45
CA ASP A 935 -15.91 -30.10 26.66
C ASP A 935 -16.54 -28.82 27.33
N SER A 936 -16.08 -27.61 26.95
CA SER A 936 -16.66 -26.31 27.40
C SER A 936 -15.61 -25.32 27.89
N ASN A 950 4.33 -13.52 14.83
CA ASN A 950 3.43 -13.83 15.96
C ASN A 950 2.52 -12.57 16.31
N LEU A 951 1.73 -12.68 17.38
CA LEU A 951 0.39 -12.06 17.51
C LEU A 951 0.30 -10.70 18.16
N SER A 952 -0.46 -9.78 17.56
CA SER A 952 -0.83 -8.53 18.26
C SER A 952 -1.59 -8.76 19.59
N GLN A 953 -1.66 -7.74 20.40
CA GLN A 953 -1.99 -7.91 21.80
C GLN A 953 -3.55 -7.80 22.09
N ALA A 954 -4.16 -8.87 22.66
CA ALA A 954 -5.61 -8.91 22.94
C ALA A 954 -5.96 -8.18 24.26
N PRO A 955 -6.97 -7.27 24.24
CA PRO A 955 -7.29 -6.48 25.45
C PRO A 955 -7.93 -7.35 26.50
N ALA A 956 -7.89 -6.96 27.78
CA ALA A 956 -8.61 -7.70 28.86
C ALA A 956 -10.12 -7.55 28.65
N LEU A 957 -10.85 -8.65 28.77
CA LEU A 957 -12.27 -8.52 28.59
C LEU A 957 -13.06 -8.68 29.91
N PRO A 958 -14.26 -8.05 30.01
CA PRO A 958 -15.02 -8.23 31.26
C PRO A 958 -15.61 -9.62 31.35
N GLN A 959 -16.16 -9.96 32.52
CA GLN A 959 -16.92 -11.20 32.68
C GLN A 959 -18.19 -11.07 31.82
N PRO A 960 -18.45 -12.03 30.89
CA PRO A 960 -19.71 -11.90 30.12
C PRO A 960 -20.87 -12.35 30.99
N GLU A 961 -22.07 -11.87 30.73
CA GLU A 961 -23.21 -12.51 31.31
C GLU A 961 -23.66 -13.73 30.44
N VAL A 962 -23.63 -14.92 31.01
CA VAL A 962 -23.97 -16.08 30.21
C VAL A 962 -25.49 -16.22 30.12
N ILE A 963 -26.05 -16.24 28.91
CA ILE A 963 -27.47 -16.35 28.73
C ILE A 963 -27.95 -17.77 29.01
N GLN A 964 -28.89 -17.93 29.89
CA GLN A 964 -29.22 -19.29 30.30
C GLN A 964 -30.46 -19.71 29.53
N ASN A 965 -31.33 -18.77 29.17
CA ASN A 965 -32.62 -19.10 28.61
C ASN A 965 -33.05 -17.94 27.74
N MET A 966 -33.33 -18.23 26.49
CA MET A 966 -33.62 -17.21 25.52
C MET A 966 -34.78 -16.33 25.88
N THR A 967 -35.86 -16.98 26.32
CA THR A 967 -37.06 -16.23 26.74
C THR A 967 -36.77 -15.22 27.89
N GLU A 968 -36.01 -15.62 28.90
CA GLU A 968 -35.66 -14.72 30.00
C GLU A 968 -34.84 -13.53 29.57
N PHE A 969 -33.80 -13.82 28.83
CA PHE A 969 -32.98 -12.82 28.25
C PHE A 969 -33.81 -11.73 27.58
N LYS A 970 -34.79 -12.12 26.74
CA LYS A 970 -35.61 -11.16 26.02
C LYS A 970 -36.49 -10.38 26.96
N ARG A 971 -37.13 -11.08 27.92
CA ARG A 971 -38.07 -10.48 28.85
C ARG A 971 -37.40 -9.36 29.62
N GLY A 972 -36.12 -9.57 29.94
CA GLY A 972 -35.38 -8.68 30.80
C GLY A 972 -34.78 -7.48 30.09
N LEU A 973 -35.03 -7.32 28.78
CA LEU A 973 -34.45 -6.20 28.08
C LEU A 973 -35.53 -5.37 27.42
N PRO A 974 -35.25 -4.07 27.15
CA PRO A 974 -36.18 -3.26 26.35
C PRO A 974 -36.26 -3.74 24.89
N LEU A 975 -37.24 -3.24 24.12
CA LEU A 975 -37.26 -3.51 22.68
C LEU A 975 -37.08 -2.16 21.98
N PHE A 976 -36.38 -2.14 20.83
CA PHE A 976 -36.20 -0.88 20.09
C PHE A 976 -37.56 -0.45 19.45
N PRO A 977 -37.68 0.84 19.09
CA PRO A 977 -38.80 1.18 18.24
C PRO A 977 -38.60 0.44 16.93
N LEU A 978 -39.64 0.44 16.06
CA LEU A 978 -39.53 0.28 14.60
C LEU A 978 -39.13 1.60 13.90
N VAL A 979 -38.54 1.50 12.70
CA VAL A 979 -38.00 2.63 11.90
C VAL A 979 -39.16 3.32 11.22
N LYS A 980 -39.13 4.66 11.13
CA LYS A 980 -40.25 5.36 10.46
C LYS A 980 -40.17 5.27 8.95
N PRO A 981 -41.32 5.11 8.31
CA PRO A 981 -41.34 5.13 6.84
C PRO A 981 -40.73 6.40 6.21
N HIS A 982 -40.17 6.33 5.00
CA HIS A 982 -39.89 7.56 4.22
C HIS A 982 -41.24 8.12 3.72
N ILE A 983 -41.60 9.22 4.13
N ASN B 15 -11.36 29.22 21.22
CA ASN B 15 -11.84 30.48 20.73
C ASN B 15 -10.80 31.50 21.01
N PRO B 16 -11.00 32.68 20.45
CA PRO B 16 -11.80 32.89 19.25
C PRO B 16 -10.82 33.60 18.37
N ALA B 17 -9.60 33.55 18.84
CA ALA B 17 -8.46 33.97 18.10
C ALA B 17 -8.14 32.78 17.29
N ILE B 18 -8.91 31.73 17.44
CA ILE B 18 -8.64 30.51 16.74
C ILE B 18 -9.72 30.22 15.73
N LYS B 19 -9.43 30.40 14.47
CA LYS B 19 -10.42 30.05 13.44
C LYS B 19 -10.75 28.55 13.41
N ARG B 20 -9.74 27.71 13.54
CA ARG B 20 -9.95 26.27 13.50
C ARG B 20 -8.79 25.50 14.14
N ILE B 21 -9.01 24.21 14.35
CA ILE B 21 -7.99 23.35 14.95
C ILE B 21 -7.83 22.06 14.15
N GLY B 22 -6.62 21.52 14.14
CA GLY B 22 -6.34 20.29 13.41
C GLY B 22 -6.78 19.05 14.16
N ASN B 23 -7.77 18.35 13.61
CA ASN B 23 -8.27 17.14 14.22
C ASN B 23 -7.63 15.82 14.67
N HIS B 24 -6.93 15.17 13.74
CA HIS B 24 -5.88 14.18 13.98
C HIS B 24 -4.78 14.31 12.92
N ILE B 25 -3.62 14.82 13.33
CA ILE B 25 -2.52 15.01 12.45
C ILE B 25 -1.87 13.65 12.21
N THR B 26 -1.85 13.19 10.97
CA THR B 26 -1.44 11.85 10.68
C THR B 26 0.06 11.77 10.85
N LYS B 27 0.49 10.85 11.70
CA LYS B 27 1.89 10.70 11.97
C LYS B 27 2.38 9.26 11.84
N SER B 28 3.69 9.08 11.96
CA SER B 28 4.28 7.79 11.80
C SER B 28 3.80 6.94 12.93
N PRO B 29 3.53 5.67 12.64
CA PRO B 29 3.03 4.78 13.70
C PRO B 29 3.97 4.77 14.87
N GLU B 30 5.28 4.95 14.60
CA GLU B 30 6.35 4.89 15.65
C GLU B 30 6.49 6.19 16.46
N ASP B 31 5.85 7.25 16.01
CA ASP B 31 6.15 8.56 16.54
C ASP B 31 5.27 8.79 17.77
N LYS B 32 5.94 8.93 18.91
CA LYS B 32 5.28 9.14 20.23
C LYS B 32 5.08 10.63 20.55
N ARG B 33 5.66 11.52 19.76
CA ARG B 33 5.28 12.91 19.91
C ARG B 33 3.79 13.10 19.58
N GLU B 34 3.25 14.19 20.10
CA GLU B 34 1.89 14.57 19.82
C GLU B 34 1.75 15.89 19.12
N TYR B 35 0.69 15.98 18.32
CA TYR B 35 0.54 17.03 17.36
C TYR B 35 -0.85 17.69 17.36
N ARG B 36 -0.91 19.00 17.10
CA ARG B 36 -2.18 19.68 16.89
C ARG B 36 -2.02 20.83 15.87
N GLY B 37 -2.93 20.90 14.90
CA GLY B 37 -2.89 21.94 13.91
C GLY B 37 -3.88 23.04 14.26
N LEU B 38 -3.55 24.28 13.93
CA LEU B 38 -4.46 25.44 14.17
C LEU B 38 -4.39 26.30 13.00
N GLU B 39 -5.52 26.92 12.71
CA GLU B 39 -5.48 28.13 11.95
C GLU B 39 -5.99 29.25 12.84
N LEU B 40 -5.19 30.26 13.06
CA LEU B 40 -5.58 31.36 13.89
C LEU B 40 -6.51 32.30 13.12
N ALA B 41 -7.21 33.16 13.88
CA ALA B 41 -8.16 34.16 13.33
C ALA B 41 -7.49 35.05 12.24
N ASN B 42 -6.24 35.47 12.46
CA ASN B 42 -5.50 36.29 11.52
C ASN B 42 -4.97 35.49 10.32
N GLY B 43 -5.12 34.17 10.31
CA GLY B 43 -4.75 33.37 9.09
C GLY B 43 -3.44 32.58 9.26
N ILE B 44 -2.73 32.75 10.37
CA ILE B 44 -1.50 32.02 10.56
C ILE B 44 -1.82 30.50 10.69
N LYS B 45 -1.21 29.65 9.83
CA LYS B 45 -1.32 28.17 9.90
C LYS B 45 -0.30 27.68 10.95
N VAL B 46 -0.75 26.90 11.95
CA VAL B 46 0.12 26.49 13.07
C VAL B 46 0.21 24.95 13.25
N LEU B 47 1.39 24.40 13.51
CA LEU B 47 1.49 23.00 14.04
C LEU B 47 2.08 23.06 15.45
N LEU B 48 1.40 22.48 16.43
CA LEU B 48 2.09 22.34 17.73
C LEU B 48 2.55 20.92 17.89
N ILE B 49 3.75 20.79 18.47
CA ILE B 49 4.40 19.52 18.66
C ILE B 49 4.75 19.39 20.13
N SER B 50 4.04 18.49 20.78
CA SER B 50 4.36 18.17 22.17
C SER B 50 5.29 16.95 22.33
N ASP B 51 6.51 17.23 22.82
CA ASP B 51 7.48 16.19 23.12
C ASP B 51 7.96 16.31 24.55
N PRO B 52 7.28 15.58 25.44
CA PRO B 52 7.69 15.75 26.86
C PRO B 52 9.14 15.31 27.16
N THR B 53 9.82 14.61 26.25
CA THR B 53 11.19 14.17 26.53
C THR B 53 12.25 15.18 26.00
N THR B 54 11.84 16.18 25.22
CA THR B 54 12.81 16.96 24.46
C THR B 54 13.79 17.78 25.35
N ASP B 55 15.07 17.82 25.01
CA ASP B 55 15.98 18.71 25.75
C ASP B 55 15.96 20.17 25.28
N LYS B 56 15.73 20.35 23.98
CA LYS B 56 15.68 21.68 23.40
C LYS B 56 14.30 21.85 22.81
N SER B 57 13.69 22.98 23.10
CA SER B 57 12.47 23.35 22.42
C SER B 57 12.84 24.22 21.21
N SER B 58 11.86 24.60 20.40
CA SER B 58 12.12 25.19 19.12
C SER B 58 10.84 25.81 18.55
N ALA B 59 11.00 26.90 17.83
CA ALA B 59 9.96 27.35 16.93
C ALA B 59 10.55 27.83 15.58
N ALA B 60 9.72 27.80 14.56
CA ALA B 60 10.08 28.39 13.27
C ALA B 60 8.86 29.10 12.71
N LEU B 61 9.10 30.21 12.02
CA LEU B 61 8.01 30.88 11.29
C LEU B 61 8.49 31.05 9.85
N ASP B 62 7.65 30.63 8.92
CA ASP B 62 7.90 30.80 7.49
C ASP B 62 6.90 31.76 6.85
N VAL B 63 7.43 32.83 6.23
CA VAL B 63 6.61 33.83 5.55
C VAL B 63 6.64 33.47 4.08
N HIS B 64 5.50 33.38 3.43
CA HIS B 64 5.52 32.98 2.05
C HIS B 64 5.82 34.13 1.09
N ILE B 65 6.84 34.91 1.43
CA ILE B 65 7.41 35.88 0.57
C ILE B 65 8.93 35.76 0.54
N GLY B 66 9.51 36.08 -0.61
CA GLY B 66 10.99 36.03 -0.70
C GLY B 66 11.51 36.88 -1.84
N SER B 67 12.65 36.54 -2.38
CA SER B 67 13.30 37.55 -3.21
C SER B 67 12.68 37.77 -4.62
N LEU B 68 11.86 36.84 -5.07
CA LEU B 68 11.18 37.01 -6.33
C LEU B 68 10.24 38.20 -6.23
N SER B 69 9.99 38.69 -5.01
CA SER B 69 9.15 39.83 -4.81
C SER B 69 9.97 41.04 -4.49
N ASP B 70 11.29 40.95 -4.53
CA ASP B 70 12.08 42.15 -4.34
C ASP B 70 11.63 43.29 -5.32
N PRO B 71 11.64 44.57 -4.89
CA PRO B 71 11.48 45.67 -5.89
C PRO B 71 12.59 45.54 -6.92
N PRO B 72 12.27 45.69 -8.22
CA PRO B 72 13.18 45.59 -9.38
C PRO B 72 14.41 46.45 -9.23
N ASN B 73 14.27 47.61 -8.61
CA ASN B 73 15.41 48.49 -8.37
C ASN B 73 16.01 48.40 -6.98
N ILE B 74 15.70 47.40 -6.19
CA ILE B 74 16.49 47.21 -4.96
C ILE B 74 16.72 45.67 -4.75
N ALA B 75 17.56 45.08 -5.60
CA ALA B 75 17.79 43.67 -5.61
C ALA B 75 18.33 43.34 -4.21
N GLY B 76 17.78 42.32 -3.53
CA GLY B 76 18.30 41.93 -2.24
C GLY B 76 17.43 42.35 -1.09
N LEU B 77 16.35 43.09 -1.35
CA LEU B 77 15.67 43.70 -0.22
C LEU B 77 15.17 42.63 0.77
N SER B 78 14.51 41.61 0.27
CA SER B 78 13.99 40.64 1.20
C SER B 78 15.08 39.85 2.00
N HIS B 79 16.25 39.57 1.36
CA HIS B 79 17.39 38.97 2.06
C HIS B 79 17.86 39.91 3.19
N PHE B 80 18.04 41.18 2.81
CA PHE B 80 18.49 42.16 3.71
C PHE B 80 17.61 42.27 4.94
N LEU B 81 16.31 42.37 4.71
CA LEU B 81 15.32 42.36 5.77
C LEU B 81 15.47 41.19 6.76
N GLN B 82 15.64 39.98 6.18
CA GLN B 82 15.95 38.76 6.91
C GLN B 82 17.17 38.95 7.86
N HIS B 83 18.23 39.64 7.44
CA HIS B 83 19.33 39.90 8.36
C HIS B 83 18.87 40.88 9.42
N MET B 84 18.11 41.89 9.03
CA MET B 84 17.83 42.99 9.96
C MET B 84 16.85 42.56 11.03
N LEU B 85 16.02 41.54 10.77
CA LEU B 85 15.02 41.21 11.76
C LEU B 85 15.67 40.81 13.05
N PHE B 86 16.96 40.47 13.00
CA PHE B 86 17.65 39.89 14.16
C PHE B 86 18.20 40.95 15.08
N LEU B 87 18.12 42.22 14.68
CA LEU B 87 18.93 43.28 15.25
C LEU B 87 18.12 44.29 16.06
N GLY B 88 16.95 43.89 16.59
CA GLY B 88 16.25 44.58 17.66
C GLY B 88 14.83 44.90 17.27
N THR B 89 13.95 44.96 18.28
CA THR B 89 12.54 45.27 18.08
C THR B 89 12.06 46.32 19.13
N LYS B 90 10.78 46.67 19.13
CA LYS B 90 10.29 47.73 20.05
C LYS B 90 10.45 47.22 21.48
N LYS B 91 9.95 46.03 21.73
CA LYS B 91 10.01 45.39 23.05
C LYS B 91 11.44 44.99 23.49
N TYR B 92 12.29 44.57 22.54
CA TYR B 92 13.68 44.23 22.88
C TYR B 92 14.57 44.99 21.94
N PRO B 93 14.79 46.28 22.27
CA PRO B 93 15.66 47.11 21.41
C PRO B 93 17.16 46.78 21.43
N LYS B 94 17.65 46.17 22.52
CA LYS B 94 19.08 45.86 22.62
C LYS B 94 19.44 45.00 21.42
N GLU B 95 20.38 45.48 20.62
CA GLU B 95 20.62 44.96 19.24
C GLU B 95 20.89 43.44 19.19
N ASN B 96 21.43 42.87 20.25
CA ASN B 96 21.71 41.45 20.26
C ASN B 96 20.98 40.73 21.37
N GLU B 97 19.87 41.28 21.82
CA GLU B 97 19.16 40.73 22.95
C GLU B 97 18.74 39.32 22.58
N TYR B 98 18.34 39.16 21.33
CA TYR B 98 17.80 37.93 20.86
C TYR B 98 18.89 36.88 20.87
N SER B 99 20.00 37.13 20.21
CA SER B 99 20.96 36.08 20.16
C SER B 99 21.77 35.90 21.48
N GLN B 100 21.89 36.94 22.31
CA GLN B 100 22.48 36.73 23.64
C GLN B 100 21.57 35.87 24.53
N PHE B 101 20.26 36.16 24.49
CA PHE B 101 19.35 35.30 25.17
C PHE B 101 19.54 33.81 24.72
N LEU B 102 19.49 33.51 23.42
CA LEU B 102 19.56 32.10 23.03
C LEU B 102 20.90 31.49 23.50
N SER B 103 21.92 32.31 23.37
CA SER B 103 23.25 31.91 23.78
C SER B 103 23.31 31.45 25.24
N GLU B 104 22.76 32.26 26.14
CA GLU B 104 22.75 31.99 27.55
C GLU B 104 21.80 30.88 28.00
N HIS B 105 21.06 30.31 27.06
CA HIS B 105 20.03 29.32 27.38
C HIS B 105 20.15 28.20 26.42
N ALA B 106 21.38 28.07 25.91
CA ALA B 106 21.79 26.95 25.11
C ALA B 106 21.03 26.82 23.75
N GLY B 107 20.58 27.93 23.21
CA GLY B 107 19.88 27.86 21.96
C GLY B 107 20.73 28.41 20.87
N SER B 108 20.23 28.33 19.66
CA SER B 108 20.91 28.87 18.51
C SER B 108 19.81 29.25 17.52
N SER B 109 20.11 30.13 16.57
CA SER B 109 19.11 30.62 15.63
C SER B 109 19.70 30.87 14.30
N ASN B 110 18.84 30.84 13.27
CA ASN B 110 19.20 31.21 11.90
C ASN B 110 17.98 31.41 10.99
N ALA B 111 18.22 31.79 9.73
CA ALA B 111 17.15 31.98 8.79
C ALA B 111 17.65 31.90 7.41
N PHE B 112 16.75 31.70 6.47
CA PHE B 112 17.13 31.75 5.10
C PHE B 112 16.09 32.43 4.26
N THR B 113 16.56 32.98 3.14
CA THR B 113 15.72 33.61 2.17
C THR B 113 15.85 32.87 0.86
N SER B 114 14.72 32.38 0.35
CA SER B 114 14.68 31.90 -1.06
C SER B 114 13.74 32.80 -1.86
N GLY B 115 13.32 32.35 -3.05
CA GLY B 115 12.49 33.15 -3.97
C GLY B 115 11.04 33.38 -3.47
N GLU B 116 10.44 32.40 -2.80
CA GLU B 116 9.10 32.57 -2.27
C GLU B 116 8.92 32.42 -0.75
N HIS B 117 10.02 32.33 0.01
CA HIS B 117 9.91 32.02 1.43
C HIS B 117 10.99 32.76 2.21
N THR B 118 10.64 33.24 3.40
CA THR B 118 11.66 33.61 4.35
C THR B 118 11.38 32.84 5.62
N ASN B 119 12.36 32.04 6.06
CA ASN B 119 12.15 31.04 7.10
C ASN B 119 13.09 31.40 8.25
N TYR B 120 12.53 31.61 9.43
CA TYR B 120 13.29 31.90 10.60
C TYR B 120 13.07 30.80 11.68
N TYR B 121 14.14 30.46 12.40
CA TYR B 121 14.07 29.33 13.29
C TYR B 121 15.11 29.42 14.39
N PHE B 122 14.74 28.86 15.54
CA PHE B 122 15.62 28.81 16.69
C PHE B 122 15.34 27.57 17.53
N ASP B 123 16.34 27.20 18.33
CA ASP B 123 16.09 26.35 19.44
C ASP B 123 16.60 26.95 20.78
N VAL B 124 16.22 26.34 21.88
CA VAL B 124 16.57 26.85 23.17
C VAL B 124 16.36 25.74 24.18
N SER B 125 17.08 25.78 25.28
CA SER B 125 16.77 24.95 26.45
C SER B 125 15.23 24.84 26.65
N HIS B 126 14.73 23.62 26.83
CA HIS B 126 13.27 23.44 26.88
C HIS B 126 12.56 24.22 28.03
N GLU B 127 13.31 24.79 28.99
CA GLU B 127 12.65 25.59 30.07
C GLU B 127 12.48 27.05 29.71
N HIS B 128 12.90 27.44 28.52
CA HIS B 128 12.88 28.83 28.17
C HIS B 128 12.15 29.07 26.84
N LEU B 129 11.29 28.14 26.44
CA LEU B 129 10.45 28.30 25.27
C LEU B 129 9.83 29.69 25.26
N GLU B 130 9.12 30.06 26.32
CA GLU B 130 8.42 31.35 26.32
C GLU B 130 9.27 32.62 26.10
N GLY B 131 10.41 32.70 26.76
CA GLY B 131 11.24 33.89 26.64
C GLY B 131 11.78 34.01 25.24
N ALA B 132 12.18 32.87 24.66
CA ALA B 132 12.78 32.86 23.34
C ALA B 132 11.71 33.25 22.34
N LEU B 133 10.50 32.72 22.54
CA LEU B 133 9.47 32.79 21.52
C LEU B 133 8.88 34.20 21.51
N ASP B 134 8.82 34.80 22.68
CA ASP B 134 8.37 36.19 22.78
C ASP B 134 9.43 37.10 22.11
N ARG B 135 10.69 36.90 22.43
CA ARG B 135 11.72 37.65 21.70
C ARG B 135 11.61 37.52 20.17
N PHE B 136 11.41 36.27 19.74
CA PHE B 136 11.15 35.90 18.37
C PHE B 136 9.89 36.54 17.76
N ALA B 137 8.74 36.43 18.41
CA ALA B 137 7.49 36.96 17.83
C ALA B 137 7.59 38.47 17.47
N GLN B 138 8.37 39.25 18.22
CA GLN B 138 8.53 40.66 17.94
C GLN B 138 9.09 40.92 16.56
N PHE B 139 9.92 40.02 16.05
CA PHE B 139 10.45 40.14 14.65
C PHE B 139 9.34 40.48 13.66
N PHE B 140 8.14 40.05 14.01
CA PHE B 140 7.03 40.00 13.09
C PHE B 140 5.98 41.00 13.51
N LEU B 141 6.26 41.74 14.60
CA LEU B 141 5.42 42.85 15.02
C LEU B 141 6.08 44.23 14.84
N SER B 142 7.27 44.44 15.42
CA SER B 142 7.91 45.76 15.35
C SER B 142 9.45 45.75 15.36
N PRO B 143 10.01 45.26 14.28
CA PRO B 143 11.49 45.33 14.13
C PRO B 143 11.93 46.81 14.14
N LEU B 144 13.10 47.13 14.65
CA LEU B 144 13.56 48.53 14.63
C LEU B 144 14.00 48.97 13.23
N PHE B 145 14.65 48.07 12.49
CA PHE B 145 15.44 48.43 11.31
C PHE B 145 16.28 49.64 11.59
N ASP B 146 16.99 49.63 12.73
CA ASP B 146 17.82 50.72 13.18
C ASP B 146 18.78 51.22 12.10
N GLU B 147 18.92 52.55 12.01
CA GLU B 147 19.71 53.16 10.90
C GLU B 147 21.16 52.71 10.86
N SER B 148 21.74 52.65 12.03
CA SER B 148 23.13 52.45 12.06
C SER B 148 23.40 50.95 11.99
N ALA B 149 22.46 50.14 12.50
CA ALA B 149 22.54 48.69 12.32
C ALA B 149 22.44 48.34 10.82
N LYS B 150 21.63 49.07 10.09
CA LYS B 150 21.45 48.87 8.69
C LYS B 150 22.76 49.23 7.97
N ASP B 151 23.34 50.36 8.28
CA ASP B 151 24.68 50.70 7.65
C ASP B 151 25.78 49.70 7.92
N ARG B 152 25.70 48.97 9.03
CA ARG B 152 26.69 47.98 9.33
C ARG B 152 26.38 46.69 8.58
N GLU B 153 25.15 46.19 8.76
CA GLU B 153 24.79 44.85 8.31
C GLU B 153 24.76 44.65 6.77
N VAL B 154 24.59 45.77 6.01
CA VAL B 154 24.70 45.73 4.53
C VAL B 154 26.06 45.12 4.15
N ASN B 155 27.08 45.34 4.98
CA ASN B 155 28.38 44.72 4.77
C ASN B 155 28.37 43.20 4.90
N ALA B 156 27.54 42.70 5.80
CA ALA B 156 27.47 41.30 6.06
C ALA B 156 26.85 40.68 4.78
N VAL B 157 25.88 41.37 4.19
CA VAL B 157 25.21 40.83 3.01
C VAL B 157 26.20 40.85 1.87
N ASP B 158 26.94 41.95 1.78
CA ASP B 158 27.90 42.15 0.72
C ASP B 158 28.94 41.05 0.73
N SER B 159 29.38 40.76 1.95
CA SER B 159 30.35 39.74 2.19
C SER B 159 29.77 38.33 1.85
N GLU B 160 28.47 38.08 2.16
CA GLU B 160 27.74 36.84 1.77
C GLU B 160 27.94 36.79 0.25
N HIS B 161 27.61 37.86 -0.45
CA HIS B 161 27.66 37.75 -1.88
C HIS B 161 29.11 37.51 -2.33
N GLU B 162 30.04 38.20 -1.68
CA GLU B 162 31.41 38.16 -2.10
C GLU B 162 31.98 36.70 -2.04
N LYS B 163 31.68 35.95 -1.00
CA LYS B 163 32.17 34.63 -0.92
C LYS B 163 31.56 33.76 -2.07
N ASN B 164 30.43 34.18 -2.67
CA ASN B 164 29.75 33.38 -3.68
C ASN B 164 30.22 33.69 -5.08
N VAL B 165 30.82 34.86 -5.27
CA VAL B 165 31.06 35.36 -6.57
C VAL B 165 31.93 34.34 -7.36
N MET B 166 32.99 33.86 -6.77
CA MET B 166 33.85 32.95 -7.47
C MET B 166 33.44 31.47 -7.23
N ASN B 167 32.23 31.18 -6.73
CA ASN B 167 31.77 29.80 -6.61
C ASN B 167 31.03 29.32 -7.86
N ASP B 168 31.45 28.18 -8.41
CA ASP B 168 30.84 27.71 -9.68
C ASP B 168 29.32 27.50 -9.68
N ALA B 169 28.79 26.97 -8.59
CA ALA B 169 27.38 26.61 -8.54
C ALA B 169 26.53 27.89 -8.54
N TRP B 170 26.91 28.87 -7.73
CA TRP B 170 26.22 30.19 -7.79
C TRP B 170 26.29 30.91 -9.14
N ARG B 171 27.47 30.96 -9.77
CA ARG B 171 27.58 31.57 -11.09
C ARG B 171 26.53 30.97 -12.05
N LEU B 172 26.46 29.65 -12.00
CA LEU B 172 25.52 28.91 -12.81
C LEU B 172 24.04 29.18 -12.44
N PHE B 173 23.73 29.12 -11.13
CA PHE B 173 22.43 29.51 -10.63
C PHE B 173 22.08 30.88 -11.23
N GLN B 174 22.93 31.88 -11.11
CA GLN B 174 22.50 33.17 -11.63
C GLN B 174 22.46 33.28 -13.18
N LEU B 175 23.29 32.49 -13.86
CA LEU B 175 23.38 32.57 -15.31
C LEU B 175 22.10 32.02 -15.97
N GLU B 176 21.57 30.96 -15.40
CA GLU B 176 20.27 30.47 -15.85
C GLU B 176 19.19 31.61 -15.82
N LYS B 177 19.08 32.28 -14.69
CA LYS B 177 18.18 33.39 -14.53
C LYS B 177 18.42 34.47 -15.59
N ALA B 178 19.69 34.73 -15.87
CA ALA B 178 20.12 35.76 -16.81
C ALA B 178 19.80 35.40 -18.27
N THR B 179 19.62 34.12 -18.60
CA THR B 179 19.42 33.77 -19.98
C THR B 179 17.94 33.41 -20.27
N GLY B 180 17.08 33.57 -19.27
CA GLY B 180 15.64 33.42 -19.51
C GLY B 180 15.02 34.80 -19.76
N ASN B 181 13.71 34.91 -19.70
CA ASN B 181 13.06 36.16 -19.98
C ASN B 181 13.55 37.25 -19.00
N PRO B 182 14.15 38.36 -19.49
CA PRO B 182 14.64 39.39 -18.51
C PRO B 182 13.54 40.16 -17.84
N LYS B 183 12.33 40.03 -18.33
CA LYS B 183 11.24 40.75 -17.71
C LYS B 183 10.57 39.94 -16.62
N HIS B 184 10.99 38.70 -16.45
CA HIS B 184 10.38 37.77 -15.53
C HIS B 184 11.16 37.90 -14.23
N PRO B 185 10.44 37.92 -13.10
CA PRO B 185 11.07 37.97 -11.74
C PRO B 185 12.11 36.87 -11.49
N PHE B 186 12.05 35.80 -12.27
CA PHE B 186 13.02 34.78 -12.15
C PHE B 186 14.40 35.33 -12.44
N SER B 187 14.48 36.34 -13.29
CA SER B 187 15.78 36.89 -13.63
C SER B 187 16.46 37.72 -12.51
N LYS B 188 15.75 38.04 -11.45
CA LYS B 188 16.27 38.93 -10.42
C LYS B 188 17.47 38.38 -9.63
N PHE B 189 18.32 39.30 -9.16
CA PHE B 189 19.46 38.98 -8.36
C PHE B 189 18.99 38.93 -6.90
N GLY B 190 18.93 37.72 -6.34
CA GLY B 190 18.35 37.50 -5.01
C GLY B 190 19.17 37.95 -3.80
N THR B 191 20.50 37.76 -3.85
CA THR B 191 21.32 37.97 -2.68
C THR B 191 21.41 39.47 -2.32
N GLY B 192 21.48 40.35 -3.34
CA GLY B 192 21.89 41.73 -3.10
C GLY B 192 23.38 41.89 -2.70
N ASN B 193 23.81 43.14 -2.62
CA ASN B 193 25.16 43.52 -2.20
C ASN B 193 25.24 45.03 -1.91
N LYS B 194 26.42 45.52 -1.53
CA LYS B 194 26.60 46.91 -1.06
C LYS B 194 26.15 47.88 -2.15
N TYR B 195 26.33 47.47 -3.38
CA TYR B 195 25.96 48.28 -4.49
C TYR B 195 24.39 48.38 -4.61
N THR B 196 23.69 47.26 -4.58
CA THR B 196 22.22 47.28 -4.79
C THR B 196 21.47 47.70 -3.55
N LEU B 197 22.13 47.70 -2.41
CA LEU B 197 21.40 47.87 -1.18
C LEU B 197 21.88 49.15 -0.48
N GLU B 198 22.95 49.76 -0.98
CA GLU B 198 23.37 51.05 -0.47
C GLU B 198 23.75 52.04 -1.56
N THR B 199 24.76 51.74 -2.39
CA THR B 199 25.27 52.70 -3.33
C THR B 199 24.25 53.15 -4.39
N ARG B 200 23.63 52.23 -5.14
CA ARG B 200 22.62 52.64 -6.15
C ARG B 200 21.44 53.33 -5.51
N PRO B 201 20.90 52.79 -4.41
CA PRO B 201 19.77 53.49 -3.78
C PRO B 201 20.12 54.93 -3.31
N ASN B 202 21.29 55.13 -2.71
CA ASN B 202 21.70 56.50 -2.37
C ASN B 202 21.77 57.37 -3.62
N GLN B 203 22.32 56.82 -4.70
CA GLN B 203 22.39 57.59 -5.94
C GLN B 203 21.00 57.99 -6.48
N GLU B 204 19.97 57.13 -6.33
CA GLU B 204 18.64 57.36 -6.83
C GLU B 204 17.74 58.03 -5.78
N GLY B 205 18.26 58.46 -4.64
CA GLY B 205 17.42 59.18 -3.67
C GLY B 205 16.42 58.29 -2.93
N ILE B 206 16.75 57.01 -2.74
CA ILE B 206 15.88 56.01 -2.10
C ILE B 206 16.33 55.83 -0.67
N ASP B 207 15.36 55.78 0.25
CA ASP B 207 15.62 55.53 1.67
C ASP B 207 15.46 54.04 2.01
N VAL B 208 16.57 53.36 2.16
CA VAL B 208 16.55 51.91 2.26
C VAL B 208 15.85 51.42 3.52
N ARG B 209 15.93 52.16 4.60
CA ARG B 209 15.21 51.82 5.81
C ARG B 209 13.70 51.87 5.58
N GLN B 210 13.28 52.96 4.96
CA GLN B 210 11.88 53.19 4.69
C GLN B 210 11.44 51.96 3.85
N GLU B 211 12.26 51.57 2.87
CA GLU B 211 11.96 50.46 2.00
C GLU B 211 11.84 49.07 2.75
N LEU B 212 12.73 48.87 3.73
CA LEU B 212 12.63 47.70 4.58
C LEU B 212 11.30 47.66 5.32
N LEU B 213 10.95 48.82 5.92
CA LEU B 213 9.67 48.98 6.64
C LEU B 213 8.48 48.78 5.69
N LYS B 214 8.48 49.45 4.56
CA LYS B 214 7.46 49.24 3.62
C LYS B 214 7.34 47.76 3.17
N PHE B 215 8.48 47.10 2.96
CA PHE B 215 8.43 45.72 2.52
C PHE B 215 7.85 44.88 3.64
N HIS B 216 8.31 45.13 4.84
CA HIS B 216 7.84 44.36 5.98
C HIS B 216 6.34 44.59 6.19
N SER B 217 5.94 45.85 6.08
CA SER B 217 4.59 46.17 6.27
C SER B 217 3.70 45.60 5.20
N ALA B 218 4.12 45.61 3.95
CA ALA B 218 3.22 45.11 2.93
C ALA B 218 3.20 43.57 2.94
N TYR B 219 4.34 42.91 3.29
CA TYR B 219 4.42 41.48 2.94
C TYR B 219 4.51 40.58 4.15
N TYR B 220 4.91 41.14 5.27
CA TYR B 220 4.92 40.32 6.46
C TYR B 220 3.50 40.24 7.13
N SER B 221 2.55 39.72 6.37
CA SER B 221 1.17 39.60 6.79
C SER B 221 0.94 38.19 7.37
N SER B 222 0.15 38.14 8.41
CA SER B 222 -0.22 36.87 8.97
C SER B 222 -0.87 35.88 7.95
N ASN B 223 -1.62 36.38 6.95
CA ASN B 223 -2.28 35.42 6.03
C ASN B 223 -1.19 34.69 5.25
N LEU B 224 0.03 35.20 5.27
CA LEU B 224 1.13 34.53 4.51
C LEU B 224 2.13 33.78 5.40
N MET B 225 1.80 33.57 6.67
CA MET B 225 2.70 32.97 7.60
C MET B 225 2.27 31.59 8.10
N ALA B 226 3.26 30.72 8.35
CA ALA B 226 3.02 29.46 9.04
C ALA B 226 3.95 29.41 10.21
N VAL B 227 3.50 28.88 11.35
CA VAL B 227 4.35 28.80 12.54
C VAL B 227 4.37 27.37 13.04
N VAL B 228 5.52 26.94 13.59
CA VAL B 228 5.61 25.65 14.20
C VAL B 228 6.32 25.77 15.51
N VAL B 229 5.72 25.14 16.53
CA VAL B 229 6.24 25.22 17.89
C VAL B 229 6.38 23.85 18.55
N LEU B 230 7.58 23.57 19.06
CA LEU B 230 7.85 22.27 19.63
C LEU B 230 8.38 22.45 21.03
N GLY B 231 7.72 21.82 21.98
CA GLY B 231 8.16 21.90 23.38
C GLY B 231 7.68 20.75 24.26
N ARG B 232 7.98 20.84 25.53
CA ARG B 232 7.58 19.85 26.53
C ARG B 232 6.15 20.03 26.99
N GLU B 233 5.62 21.23 26.87
CA GLU B 233 4.27 21.56 27.30
C GLU B 233 3.23 20.71 26.63
N SER B 234 2.07 20.61 27.26
CA SER B 234 0.93 19.93 26.65
C SER B 234 0.52 20.74 25.41
N LEU B 235 -0.18 20.06 24.50
CA LEU B 235 -0.83 20.71 23.39
C LEU B 235 -1.61 21.97 23.80
N ASP B 236 -2.44 21.89 24.84
CA ASP B 236 -3.21 23.05 25.32
C ASP B 236 -2.37 24.21 25.72
N ASP B 237 -1.27 23.96 26.43
CA ASP B 237 -0.41 25.08 26.83
C ASP B 237 0.32 25.66 25.65
N LEU B 238 0.76 24.81 24.73
CA LEU B 238 1.36 25.30 23.53
C LEU B 238 0.34 26.12 22.77
N THR B 239 -0.90 25.66 22.75
CA THR B 239 -1.94 26.41 22.08
C THR B 239 -2.12 27.84 22.63
N ASN B 240 -2.11 27.99 23.96
CA ASN B 240 -2.30 29.29 24.59
C ASN B 240 -1.12 30.18 24.36
N LEU B 241 0.05 29.54 24.41
CA LEU B 241 1.29 30.23 24.25
C LEU B 241 1.31 30.87 22.81
N VAL B 242 0.97 30.09 21.79
CA VAL B 242 1.11 30.59 20.43
C VAL B 242 0.02 31.63 20.13
N VAL B 243 -1.21 31.36 20.54
CA VAL B 243 -2.27 32.38 20.51
C VAL B 243 -1.88 33.66 21.20
N LYS B 244 -1.41 33.52 22.42
CA LYS B 244 -0.92 34.66 23.13
C LYS B 244 0.09 35.40 22.27
N LEU B 245 1.08 34.71 21.70
CA LEU B 245 2.20 35.46 21.14
C LEU B 245 1.96 35.89 19.70
N PHE B 246 1.07 35.22 18.99
CA PHE B 246 1.01 35.42 17.52
C PHE B 246 -0.28 35.92 16.91
N SER B 247 -1.35 35.91 17.68
CA SER B 247 -2.62 36.40 17.11
C SER B 247 -2.70 37.91 16.98
N GLU B 248 -1.78 38.65 17.58
CA GLU B 248 -1.73 40.09 17.32
C GLU B 248 -1.08 40.42 16.01
N VAL B 249 -0.48 39.45 15.28
CA VAL B 249 0.16 39.78 13.97
C VAL B 249 -0.90 40.26 13.03
N GLU B 250 -0.64 41.34 12.36
CA GLU B 250 -1.65 41.96 11.51
C GLU B 250 -1.92 41.21 10.21
N ASN B 251 -3.14 41.26 9.74
CA ASN B 251 -3.48 40.53 8.53
C ASN B 251 -3.79 41.50 7.42
N LYS B 252 -3.02 41.51 6.36
CA LYS B 252 -3.23 42.49 5.32
C LYS B 252 -3.83 41.85 4.11
N ASN B 253 -4.15 40.57 4.18
CA ASN B 253 -4.71 39.88 3.08
C ASN B 253 -3.90 39.98 1.83
N VAL B 254 -2.61 39.70 1.93
CA VAL B 254 -1.76 39.84 0.78
C VAL B 254 -2.06 38.67 -0.17
N PRO B 255 -2.30 38.96 -1.44
CA PRO B 255 -2.42 37.80 -2.35
C PRO B 255 -1.11 37.07 -2.56
N LEU B 256 -1.16 35.76 -2.69
CA LEU B 256 0.04 35.00 -2.82
C LEU B 256 0.59 35.27 -4.18
N PRO B 257 1.85 35.68 -4.28
CA PRO B 257 2.39 35.86 -5.63
C PRO B 257 2.36 34.59 -6.47
N GLU B 258 2.01 34.66 -7.74
CA GLU B 258 2.10 33.44 -8.54
C GLU B 258 2.77 33.74 -9.87
N PHE B 259 3.39 32.72 -10.51
CA PHE B 259 4.14 33.04 -11.74
C PHE B 259 3.82 32.10 -12.90
N PRO B 260 2.54 32.12 -13.43
CA PRO B 260 2.10 31.06 -14.35
C PRO B 260 2.90 31.11 -15.65
N GLU B 261 3.45 32.27 -15.99
CA GLU B 261 4.21 32.32 -17.21
C GLU B 261 5.66 31.83 -16.99
N HIS B 262 6.08 30.85 -17.77
CA HIS B 262 7.38 30.27 -17.57
C HIS B 262 8.49 31.23 -17.98
N PRO B 263 9.53 31.37 -17.14
CA PRO B 263 10.59 32.29 -17.57
C PRO B 263 11.28 31.84 -18.86
N PHE B 264 11.16 30.57 -19.26
CA PHE B 264 11.65 30.20 -20.55
C PHE B 264 10.54 30.07 -21.55
N GLN B 265 10.53 31.00 -22.50
CA GLN B 265 9.56 31.03 -23.59
C GLN B 265 10.24 30.42 -24.83
N GLU B 266 9.57 30.41 -25.97
CA GLU B 266 10.12 29.84 -27.23
C GLU B 266 11.50 30.25 -27.60
N GLU B 267 11.75 31.55 -27.62
CA GLU B 267 13.08 32.06 -27.92
C GLU B 267 14.20 31.56 -26.96
N HIS B 268 13.85 31.06 -25.78
CA HIS B 268 14.89 30.58 -24.86
C HIS B 268 15.10 29.08 -24.99
N LEU B 269 14.42 28.43 -25.93
CA LEU B 269 14.54 26.99 -26.09
C LEU B 269 15.47 26.71 -27.27
N LYS B 270 15.92 25.43 -27.39
CA LYS B 270 16.91 24.99 -28.38
C LYS B 270 18.11 25.92 -28.35
N GLN B 271 18.58 26.23 -27.13
CA GLN B 271 19.72 27.14 -26.93
C GLN B 271 20.83 26.33 -26.29
N LEU B 272 22.06 26.74 -26.61
CA LEU B 272 23.30 26.13 -26.16
C LEU B 272 24.20 27.16 -25.52
N TYR B 273 24.75 26.81 -24.36
CA TYR B 273 25.49 27.79 -23.62
C TYR B 273 26.82 27.16 -23.34
N LYS B 274 27.88 27.88 -23.66
CA LYS B 274 29.23 27.42 -23.42
C LYS B 274 29.79 28.33 -22.35
N ILE B 275 30.22 27.72 -21.24
CA ILE B 275 30.56 28.50 -20.10
C ILE B 275 31.94 28.16 -19.57
N VAL B 276 32.69 29.19 -19.18
CA VAL B 276 33.95 29.02 -18.48
C VAL B 276 33.83 28.95 -16.96
N PRO B 277 34.24 27.82 -16.38
CA PRO B 277 34.20 27.71 -14.92
C PRO B 277 35.42 28.35 -14.23
N ILE B 278 35.34 28.47 -12.91
CA ILE B 278 36.47 28.84 -12.08
C ILE B 278 37.32 27.61 -11.79
N LYS B 279 36.75 26.62 -11.15
CA LYS B 279 37.44 25.35 -11.06
C LYS B 279 37.56 24.71 -12.45
N ASP B 280 38.42 23.69 -12.52
CA ASP B 280 38.58 22.95 -13.73
C ASP B 280 37.59 21.77 -13.62
N ILE B 281 36.37 22.05 -14.05
CA ILE B 281 35.30 21.04 -14.00
C ILE B 281 34.74 20.95 -15.37
N ARG B 282 34.28 19.77 -15.76
CA ARG B 282 33.68 19.74 -17.03
C ARG B 282 32.30 19.08 -16.90
N ASN B 283 31.26 19.86 -17.18
CA ASN B 283 29.87 19.44 -17.01
C ASN B 283 28.96 19.73 -18.13
N LEU B 284 27.88 18.95 -18.15
CA LEU B 284 26.80 19.15 -19.10
C LEU B 284 25.45 19.19 -18.32
N TYR B 285 24.66 20.23 -18.61
CA TYR B 285 23.39 20.51 -17.94
C TYR B 285 22.34 20.55 -18.99
N VAL B 286 21.41 19.60 -18.94
CA VAL B 286 20.26 19.63 -19.86
C VAL B 286 18.99 20.01 -19.10
N THR B 287 18.24 20.97 -19.63
CA THR B 287 17.09 21.49 -18.97
C THR B 287 15.84 21.53 -19.88
N PHE B 288 14.69 21.16 -19.31
CA PHE B 288 13.41 21.31 -19.97
C PHE B 288 12.54 22.07 -19.02
N PRO B 289 11.94 23.16 -19.49
CA PRO B 289 10.90 23.82 -18.72
C PRO B 289 9.67 22.96 -18.64
N ILE B 290 9.02 23.00 -17.50
CA ILE B 290 7.81 22.19 -17.31
C ILE B 290 6.87 23.01 -16.47
N PRO B 291 5.56 22.68 -16.50
CA PRO B 291 4.56 23.36 -15.63
C PRO B 291 4.81 23.04 -14.17
N ASP B 292 4.19 23.77 -13.26
CA ASP B 292 4.34 23.48 -11.88
C ASP B 292 3.65 22.12 -11.55
N LEU B 293 4.40 21.15 -11.07
CA LEU B 293 3.74 19.88 -10.76
C LEU B 293 3.30 19.81 -9.29
N GLN B 294 3.50 20.88 -8.53
CA GLN B 294 3.23 20.80 -7.09
C GLN B 294 1.81 20.26 -6.79
N LYS B 295 0.83 20.70 -7.57
CA LYS B 295 -0.52 20.27 -7.26
C LYS B 295 -0.72 18.78 -7.55
N TYR B 296 0.24 18.13 -8.20
CA TYR B 296 0.11 16.70 -8.40
C TYR B 296 0.81 15.87 -7.39
N TYR B 297 1.20 16.46 -6.29
CA TYR B 297 2.01 15.74 -5.29
C TYR B 297 1.51 14.34 -4.89
N LYS B 298 0.21 14.08 -5.03
CA LYS B 298 -0.37 12.82 -4.56
C LYS B 298 0.20 11.68 -5.40
N SER B 299 0.52 11.98 -6.65
CA SER B 299 0.97 10.99 -7.61
C SER B 299 2.43 11.23 -8.08
N ASN B 300 2.87 12.48 -7.96
CA ASN B 300 4.23 12.91 -8.15
C ASN B 300 4.86 12.35 -9.40
N PRO B 301 4.31 12.70 -10.56
CA PRO B 301 4.82 12.11 -11.80
C PRO B 301 6.33 12.40 -12.01
N GLY B 302 6.78 13.65 -11.72
CA GLY B 302 8.19 14.07 -11.78
C GLY B 302 9.14 13.28 -10.91
N HIS B 303 8.69 12.82 -9.75
CA HIS B 303 9.52 11.95 -8.96
C HIS B 303 9.65 10.60 -9.67
N TYR B 304 8.57 10.15 -10.30
CA TYR B 304 8.58 8.85 -10.95
C TYR B 304 9.58 8.84 -12.15
N LEU B 305 9.60 9.91 -12.92
CA LEU B 305 10.47 9.97 -14.08
C LEU B 305 11.90 10.27 -13.64
N GLY B 306 12.04 11.05 -12.55
CA GLY B 306 13.32 11.27 -11.92
C GLY B 306 13.93 9.94 -11.53
N HIS B 307 13.15 9.09 -10.88
CA HIS B 307 13.70 7.82 -10.42
C HIS B 307 14.24 6.96 -11.59
N LEU B 308 13.52 6.99 -12.69
CA LEU B 308 13.90 6.18 -13.80
C LEU B 308 15.04 6.82 -14.61
N ILE B 309 14.88 8.09 -15.02
CA ILE B 309 15.92 8.71 -15.79
C ILE B 309 17.19 8.77 -14.96
N GLY B 310 17.07 8.88 -13.64
CA GLY B 310 18.22 9.07 -12.78
C GLY B 310 18.74 7.77 -12.28
N HIS B 311 18.10 6.68 -12.67
CA HIS B 311 18.53 5.37 -12.15
C HIS B 311 20.02 5.03 -12.45
N GLU B 312 20.66 4.23 -11.59
CA GLU B 312 22.09 3.92 -11.76
C GLU B 312 22.43 2.40 -11.92
N GLY B 313 21.42 1.53 -11.83
CA GLY B 313 21.60 0.07 -11.92
C GLY B 313 21.66 -0.37 -13.36
N PRO B 314 21.74 -1.70 -13.58
CA PRO B 314 21.93 -2.27 -14.97
C PRO B 314 20.86 -1.72 -15.89
N GLY B 315 21.23 -1.37 -17.11
CA GLY B 315 20.22 -0.90 -18.06
C GLY B 315 19.99 0.59 -18.04
N SER B 316 20.47 1.28 -16.98
CA SER B 316 20.23 2.74 -16.93
C SER B 316 20.96 3.54 -18.00
N LEU B 317 20.45 4.73 -18.26
CA LEU B 317 21.18 5.79 -18.95
C LEU B 317 22.62 6.05 -18.41
N LEU B 318 22.79 6.21 -17.10
CA LEU B 318 24.12 6.32 -16.55
C LEU B 318 25.02 5.23 -17.11
N SER B 319 24.58 3.97 -16.93
CA SER B 319 25.44 2.84 -17.20
C SER B 319 26.03 2.87 -18.56
N GLU B 320 25.20 3.24 -19.55
CA GLU B 320 25.71 3.24 -20.91
C GLU B 320 26.71 4.40 -21.11
N LEU B 321 26.34 5.60 -20.64
CA LEU B 321 27.22 6.75 -20.76
C LEU B 321 28.56 6.49 -20.05
N LYS B 322 28.51 5.75 -18.95
CA LYS B 322 29.72 5.40 -18.25
C LYS B 322 30.53 4.42 -19.12
N SER B 323 29.88 3.38 -19.66
CA SER B 323 30.62 2.36 -20.42
C SER B 323 31.27 2.97 -21.60
N LYS B 324 30.66 3.99 -22.19
CA LYS B 324 31.17 4.59 -23.35
C LYS B 324 32.32 5.50 -22.93
N GLY B 325 32.57 5.68 -21.60
CA GLY B 325 33.67 6.54 -21.12
C GLY B 325 33.38 8.05 -21.27
N TRP B 326 32.11 8.41 -21.36
CA TRP B 326 31.71 9.77 -21.50
C TRP B 326 31.45 10.53 -20.19
N VAL B 327 30.94 9.84 -19.16
CA VAL B 327 30.52 10.51 -17.90
C VAL B 327 30.74 9.63 -16.71
N ASN B 328 30.94 10.21 -15.54
CA ASN B 328 31.00 9.41 -14.31
C ASN B 328 29.75 9.46 -13.43
N THR B 329 29.04 10.59 -13.43
CA THR B 329 27.93 10.75 -12.51
C THR B 329 26.80 11.42 -13.30
N LEU B 330 25.55 11.16 -12.88
CA LEU B 330 24.37 11.77 -13.46
C LEU B 330 23.27 12.12 -12.37
N VAL B 331 22.63 13.27 -12.42
CA VAL B 331 21.46 13.51 -11.55
C VAL B 331 20.37 13.85 -12.50
N GLY B 332 19.18 13.32 -12.24
CA GLY B 332 18.02 13.65 -13.05
C GLY B 332 16.79 13.84 -12.16
N GLY B 333 15.83 14.61 -12.66
CA GLY B 333 14.53 14.76 -11.99
C GLY B 333 14.00 16.19 -12.04
N GLN B 334 13.11 16.51 -11.11
CA GLN B 334 12.34 17.76 -11.22
C GLN B 334 13.00 18.74 -10.32
N LYS B 335 12.96 20.01 -10.66
CA LYS B 335 13.59 21.01 -9.85
C LYS B 335 12.58 22.15 -9.73
N GLU B 336 12.47 22.64 -8.52
CA GLU B 336 11.51 23.71 -8.27
C GLU B 336 11.89 24.96 -8.97
N GLY B 337 10.89 25.74 -9.38
CA GLY B 337 11.12 27.13 -9.82
C GLY B 337 10.33 28.02 -8.88
N ALA B 338 9.07 28.30 -9.17
CA ALA B 338 8.18 28.86 -8.15
C ALA B 338 6.77 28.45 -8.52
N ARG B 339 5.76 28.91 -7.76
CA ARG B 339 4.36 28.62 -8.05
C ARG B 339 4.10 28.99 -9.49
N GLY B 340 3.77 28.00 -10.30
CA GLY B 340 3.55 28.34 -11.68
C GLY B 340 4.53 27.78 -12.66
N PHE B 341 5.78 27.47 -12.22
CA PHE B 341 6.76 26.89 -13.16
C PHE B 341 7.85 26.06 -12.49
N MET B 342 8.32 25.04 -13.21
CA MET B 342 9.33 24.12 -12.75
C MET B 342 10.28 23.76 -13.85
N PHE B 343 11.27 22.93 -13.48
CA PHE B 343 12.19 22.44 -14.47
C PHE B 343 12.35 20.96 -14.29
N PHE B 344 12.76 20.32 -15.40
CA PHE B 344 13.22 18.96 -15.37
C PHE B 344 14.67 18.96 -15.91
N ILE B 345 15.57 18.36 -15.16
CA ILE B 345 16.96 18.39 -15.52
C ILE B 345 17.61 17.02 -15.65
N ILE B 346 18.67 16.99 -16.43
CA ILE B 346 19.54 15.83 -16.46
C ILE B 346 20.95 16.37 -16.57
N ASN B 347 21.72 16.16 -15.51
CA ASN B 347 23.06 16.75 -15.49
C ASN B 347 24.11 15.67 -15.38
N VAL B 348 25.20 15.79 -16.13
CA VAL B 348 26.27 14.78 -16.00
C VAL B 348 27.62 15.50 -15.87
N ASP B 349 28.63 14.86 -15.28
CA ASP B 349 29.98 15.40 -15.45
C ASP B 349 30.54 14.78 -16.74
N LEU B 350 31.64 15.27 -17.25
CA LEU B 350 32.11 14.83 -18.56
C LEU B 350 33.57 14.42 -18.43
N THR B 351 33.91 13.27 -19.02
CA THR B 351 35.30 12.85 -19.18
C THR B 351 35.85 13.70 -20.33
N GLU B 352 37.16 13.57 -20.57
CA GLU B 352 37.76 14.30 -21.73
C GLU B 352 37.14 13.91 -23.05
N GLU B 353 37.01 12.60 -23.26
CA GLU B 353 36.18 12.12 -24.36
C GLU B 353 34.73 12.65 -24.32
N GLY B 354 34.07 12.62 -23.13
CA GLY B 354 32.66 13.05 -23.00
C GLY B 354 32.48 14.43 -23.61
N LEU B 355 33.38 15.36 -23.30
CA LEU B 355 33.36 16.72 -23.85
C LEU B 355 33.33 16.67 -25.36
N LEU B 356 34.04 15.71 -25.98
CA LEU B 356 33.98 15.67 -27.47
C LEU B 356 32.69 14.99 -27.98
N HIS B 357 31.91 14.32 -27.13
CA HIS B 357 30.73 13.62 -27.54
C HIS B 357 29.40 14.12 -26.93
N VAL B 358 29.29 15.42 -26.69
CA VAL B 358 28.04 16.02 -26.20
C VAL B 358 26.77 15.69 -27.01
N GLU B 359 26.86 15.88 -28.31
CA GLU B 359 25.75 15.60 -29.13
C GLU B 359 25.37 14.12 -29.00
N ASP B 360 26.33 13.24 -28.82
CA ASP B 360 25.99 11.84 -28.69
C ASP B 360 25.36 11.53 -27.34
N ILE B 361 25.94 12.12 -26.27
CA ILE B 361 25.45 11.98 -24.93
C ILE B 361 23.99 12.40 -24.94
N ILE B 362 23.69 13.50 -25.63
CA ILE B 362 22.31 13.99 -25.60
C ILE B 362 21.38 13.09 -26.38
N LEU B 363 21.92 12.56 -27.50
CA LEU B 363 21.19 11.55 -28.28
C LEU B 363 20.83 10.41 -27.32
N HIS B 364 21.76 10.01 -26.49
CA HIS B 364 21.44 8.88 -25.66
C HIS B 364 20.35 9.26 -24.65
N MET B 365 20.36 10.52 -24.20
CA MET B 365 19.38 10.93 -23.27
C MET B 365 18.03 10.74 -23.92
N PHE B 366 17.90 11.23 -25.15
CA PHE B 366 16.60 11.10 -25.80
C PHE B 366 16.21 9.66 -26.10
N GLN B 367 17.20 8.82 -26.37
CA GLN B 367 16.87 7.42 -26.62
C GLN B 367 16.32 6.82 -25.36
N TYR B 368 16.91 7.11 -24.21
CA TYR B 368 16.39 6.55 -22.99
C TYR B 368 14.99 7.10 -22.72
N ILE B 369 14.79 8.39 -22.95
CA ILE B 369 13.48 8.91 -22.75
C ILE B 369 12.51 8.14 -23.65
N GLN B 370 13.00 7.82 -24.85
CA GLN B 370 12.08 7.31 -25.86
C GLN B 370 11.66 5.89 -25.48
N LYS B 371 12.55 5.20 -24.78
CA LYS B 371 12.29 3.87 -24.31
C LYS B 371 11.18 3.86 -23.23
N LEU B 372 11.10 4.96 -22.50
CA LEU B 372 10.05 5.11 -21.52
C LEU B 372 8.72 5.38 -22.22
N ARG B 373 8.76 6.18 -23.28
CA ARG B 373 7.57 6.39 -24.09
C ARG B 373 7.06 5.03 -24.60
N ALA B 374 7.95 4.22 -25.15
CA ALA B 374 7.54 2.98 -25.79
C ALA B 374 7.01 1.96 -24.78
N GLU B 375 7.60 1.88 -23.58
CA GLU B 375 7.12 0.93 -22.62
C GLU B 375 5.87 1.43 -21.92
N GLY B 376 5.61 2.74 -21.99
CA GLY B 376 4.56 3.34 -21.18
C GLY B 376 4.74 3.20 -19.66
N PRO B 377 3.95 3.98 -18.94
CA PRO B 377 4.08 4.04 -17.48
C PRO B 377 3.99 2.68 -16.80
N GLN B 378 4.75 2.49 -15.74
CA GLN B 378 4.90 1.17 -15.14
C GLN B 378 4.43 1.21 -13.75
N GLU B 379 3.21 0.68 -13.54
CA GLU B 379 2.67 0.61 -12.18
C GLU B 379 3.57 -0.06 -11.17
N TRP B 380 4.23 -1.15 -11.55
CA TRP B 380 4.99 -1.86 -10.50
C TRP B 380 6.09 -0.95 -9.93
N VAL B 381 6.68 -0.11 -10.80
CA VAL B 381 7.68 0.85 -10.39
C VAL B 381 7.10 1.80 -9.37
N PHE B 382 5.97 2.43 -9.73
CA PHE B 382 5.28 3.37 -8.86
C PHE B 382 4.95 2.71 -7.53
N GLN B 383 4.40 1.50 -7.60
CA GLN B 383 4.12 0.75 -6.39
C GLN B 383 5.35 0.50 -5.51
N GLU B 384 6.49 0.20 -6.13
CA GLU B 384 7.69 0.00 -5.36
C GLU B 384 8.14 1.33 -4.69
N LEU B 385 8.13 2.43 -5.44
CA LEU B 385 8.34 3.71 -4.77
C LEU B 385 7.39 3.92 -3.62
N LYS B 386 6.10 3.68 -3.84
CA LYS B 386 5.14 3.85 -2.73
C LYS B 386 5.45 3.01 -1.46
N ASP B 387 5.68 1.71 -1.61
CA ASP B 387 5.94 0.84 -0.49
C ASP B 387 7.21 1.20 0.27
N LEU B 388 8.22 1.63 -0.45
CA LEU B 388 9.48 2.02 0.16
C LEU B 388 9.28 3.29 0.96
N ASN B 389 8.55 4.25 0.40
CA ASN B 389 8.25 5.48 1.09
C ASN B 389 7.46 5.20 2.36
N ALA B 390 6.53 4.26 2.29
CA ALA B 390 5.75 3.93 3.48
C ALA B 390 6.68 3.39 4.57
N VAL B 391 7.60 2.49 4.19
CA VAL B 391 8.51 1.93 5.19
C VAL B 391 9.41 3.03 5.71
N ALA B 392 9.99 3.79 4.80
CA ALA B 392 10.79 4.95 5.24
C ALA B 392 10.01 5.82 6.23
N PHE B 393 8.76 6.13 5.89
CA PHE B 393 7.97 6.95 6.80
C PHE B 393 7.72 6.29 8.18
N ARG B 394 7.45 5.00 8.17
CA ARG B 394 7.15 4.33 9.38
C ARG B 394 8.41 4.31 10.30
N PHE B 395 9.59 4.13 9.72
CA PHE B 395 10.76 3.90 10.51
C PHE B 395 11.70 5.10 10.62
N LYS B 396 11.30 6.27 10.17
CA LYS B 396 12.24 7.40 10.12
C LYS B 396 12.81 7.79 11.45
N ASP B 397 14.02 8.29 11.41
CA ASP B 397 14.69 8.78 12.60
C ASP B 397 13.94 9.98 13.16
N LYS B 398 13.98 10.15 14.47
CA LYS B 398 13.50 11.35 15.09
C LYS B 398 14.42 12.50 14.68
N GLU B 399 13.82 13.59 14.24
CA GLU B 399 14.53 14.80 13.76
C GLU B 399 15.05 15.68 14.90
N ARG B 400 16.05 16.51 14.61
CA ARG B 400 16.40 17.58 15.55
C ARG B 400 15.34 18.64 15.51
N PRO B 401 14.92 19.14 16.67
CA PRO B 401 13.82 20.12 16.78
C PRO B 401 13.87 21.33 15.81
N ARG B 402 15.03 21.94 15.76
CA ARG B 402 15.25 23.12 14.94
C ARG B 402 15.03 22.88 13.42
N GLY B 403 15.51 21.74 12.89
CA GLY B 403 15.33 21.42 11.48
C GLY B 403 13.88 21.04 11.25
N TYR B 404 13.30 20.45 12.27
CA TYR B 404 11.98 19.88 12.13
C TYR B 404 10.98 21.01 11.98
N THR B 405 10.94 21.93 12.96
CA THR B 405 10.04 23.11 12.95
C THR B 405 10.21 23.94 11.67
N SER B 406 11.46 24.12 11.25
CA SER B 406 11.71 24.90 10.10
C SER B 406 11.15 24.23 8.86
N LYS B 407 11.39 22.94 8.74
CA LYS B 407 10.95 22.22 7.58
C LYS B 407 9.43 22.26 7.56
N ILE B 408 8.84 21.88 8.72
CA ILE B 408 7.39 21.91 8.82
C ILE B 408 6.80 23.31 8.53
N ALA B 409 7.36 24.39 9.07
CA ALA B 409 6.80 25.70 8.77
C ALA B 409 6.74 25.93 7.20
N GLY B 410 7.70 25.35 6.46
CA GLY B 410 7.72 25.49 5.03
C GLY B 410 6.55 24.70 4.43
N ILE B 411 6.40 23.42 4.83
CA ILE B 411 5.43 22.65 4.12
C ILE B 411 3.95 23.04 4.50
N LEU B 412 3.76 23.78 5.60
CA LEU B 412 2.39 24.13 5.98
C LEU B 412 1.70 25.01 4.94
N HIS B 413 2.47 25.63 4.07
CA HIS B 413 1.88 26.46 3.05
C HIS B 413 1.37 25.63 1.89
N TYR B 414 1.67 24.34 1.84
CA TYR B 414 1.36 23.58 0.65
C TYR B 414 0.37 22.50 0.93
N TYR B 415 0.14 22.16 2.21
CA TYR B 415 -0.69 20.99 2.55
C TYR B 415 -1.69 21.29 3.64
N PRO B 416 -2.90 20.71 3.59
CA PRO B 416 -3.84 20.87 4.78
C PRO B 416 -3.13 20.48 6.06
N LEU B 417 -3.43 21.13 7.17
CA LEU B 417 -2.85 20.81 8.49
C LEU B 417 -2.72 19.30 8.77
N GLU B 418 -3.68 18.49 8.34
CA GLU B 418 -3.67 17.08 8.80
C GLU B 418 -2.67 16.24 8.02
N GLU B 419 -2.21 16.76 6.88
CA GLU B 419 -1.32 16.00 6.01
C GLU B 419 0.10 16.49 6.02
N VAL B 420 0.45 17.46 6.88
CA VAL B 420 1.81 18.05 6.80
C VAL B 420 2.93 17.07 7.08
N LEU B 421 2.73 16.12 7.98
CA LEU B 421 3.81 15.21 8.27
C LEU B 421 3.98 14.16 7.22
N THR B 422 2.91 13.89 6.48
CA THR B 422 2.90 12.78 5.55
C THR B 422 3.16 13.18 4.12
N ALA B 423 2.87 14.44 3.85
CA ALA B 423 2.84 14.92 2.47
C ALA B 423 4.23 14.87 1.86
N GLU B 424 5.28 15.09 2.59
CA GLU B 424 6.42 15.00 1.74
C GLU B 424 7.05 13.63 1.73
N TYR B 425 6.22 12.63 2.00
CA TYR B 425 6.66 11.24 2.08
C TYR B 425 5.85 10.22 1.33
N LEU B 426 4.55 10.39 1.33
CA LEU B 426 3.71 9.26 0.89
C LEU B 426 3.29 9.56 -0.54
N LEU B 427 2.96 8.50 -1.26
CA LEU B 427 2.64 8.55 -2.66
C LEU B 427 1.37 7.83 -2.67
N GLU B 428 0.44 8.24 -3.50
CA GLU B 428 -0.88 7.75 -3.28
C GLU B 428 -1.59 7.16 -4.48
N GLU B 429 -1.69 7.87 -5.57
CA GLU B 429 -2.42 7.32 -6.70
C GLU B 429 -1.48 7.36 -7.89
N PHE B 430 -1.39 6.25 -8.59
CA PHE B 430 -0.61 6.17 -9.79
C PHE B 430 -1.29 6.98 -10.90
N ARG B 431 -0.61 7.90 -11.58
CA ARG B 431 -1.38 8.62 -12.55
C ARG B 431 -0.73 8.59 -13.89
N PRO B 432 -0.99 7.53 -14.64
CA PRO B 432 -0.28 7.29 -15.90
C PRO B 432 -0.33 8.50 -16.83
N ASP B 433 -1.46 9.20 -16.84
CA ASP B 433 -1.68 10.30 -17.77
C ASP B 433 -0.83 11.54 -17.39
N LEU B 434 -0.63 11.80 -16.08
CA LEU B 434 0.30 12.87 -15.66
C LEU B 434 1.76 12.51 -16.02
N ILE B 435 2.07 11.24 -15.89
CA ILE B 435 3.38 10.80 -16.28
C ILE B 435 3.54 11.10 -17.76
N GLU B 436 2.60 10.68 -18.60
CA GLU B 436 2.71 11.01 -20.03
C GLU B 436 2.72 12.52 -20.32
N MET B 437 1.97 13.32 -19.58
CA MET B 437 1.98 14.70 -19.85
C MET B 437 3.39 15.31 -19.59
N VAL B 438 4.05 14.85 -18.53
CA VAL B 438 5.39 15.30 -18.24
C VAL B 438 6.38 14.75 -19.27
N LEU B 439 6.27 13.46 -19.58
CA LEU B 439 7.26 12.86 -20.50
C LEU B 439 7.20 13.52 -21.84
N ASP B 440 6.06 14.07 -22.16
CA ASP B 440 5.81 14.72 -23.42
C ASP B 440 6.45 16.11 -23.48
N LYS B 441 6.74 16.67 -22.33
CA LYS B 441 7.48 17.92 -22.25
C LYS B 441 9.02 17.69 -22.46
N LEU B 442 9.48 16.45 -22.33
CA LEU B 442 10.92 16.20 -22.37
C LEU B 442 11.37 15.90 -23.78
N ARG B 443 11.28 16.88 -24.65
CA ARG B 443 11.62 16.65 -26.03
C ARG B 443 12.60 17.71 -26.54
N PRO B 444 13.30 17.35 -27.63
CA PRO B 444 14.36 18.21 -28.21
C PRO B 444 13.89 19.65 -28.44
N GLU B 445 12.70 19.87 -28.96
CA GLU B 445 12.28 21.24 -29.17
C GLU B 445 12.12 22.08 -27.88
N ASN B 446 12.06 21.47 -26.68
CA ASN B 446 12.15 22.33 -25.50
C ASN B 446 13.29 22.08 -24.58
N VAL B 447 14.45 21.89 -25.21
CA VAL B 447 15.65 21.62 -24.47
C VAL B 447 16.53 22.87 -24.41
N ARG B 448 17.23 22.95 -23.30
CA ARG B 448 18.26 23.94 -23.08
C ARG B 448 19.49 23.16 -22.65
N VAL B 449 20.66 23.58 -23.14
CA VAL B 449 21.88 22.77 -23.01
C VAL B 449 22.99 23.70 -22.64
N ALA B 450 23.63 23.42 -21.52
CA ALA B 450 24.77 24.20 -21.12
C ALA B 450 25.95 23.25 -20.89
N ILE B 451 27.11 23.70 -21.38
CA ILE B 451 28.36 22.98 -21.24
C ILE B 451 29.35 23.86 -20.51
N VAL B 452 29.97 23.35 -19.44
CA VAL B 452 30.99 24.14 -18.76
C VAL B 452 32.35 23.47 -18.83
N SER B 453 33.33 24.24 -19.34
CA SER B 453 34.66 23.71 -19.57
C SER B 453 35.70 24.79 -19.72
N LYS B 454 36.87 24.56 -19.11
CA LYS B 454 38.04 25.47 -19.23
C LYS B 454 38.43 25.65 -20.71
N SER B 455 38.05 24.70 -21.56
CA SER B 455 38.38 24.80 -22.95
C SER B 455 37.64 25.93 -23.67
N PHE B 456 36.78 26.69 -22.99
CA PHE B 456 36.07 27.78 -23.72
C PHE B 456 36.73 29.11 -23.36
N GLU B 457 37.74 29.02 -22.50
CA GLU B 457 38.52 30.17 -22.08
C GLU B 457 38.99 30.88 -23.36
N GLY B 458 38.74 32.19 -23.43
CA GLY B 458 39.09 32.99 -24.56
C GLY B 458 38.23 32.77 -25.78
N LYS B 459 37.13 32.04 -25.68
CA LYS B 459 36.29 31.81 -26.87
C LYS B 459 34.84 32.23 -26.68
N THR B 460 34.60 33.00 -25.63
CA THR B 460 33.26 33.47 -25.28
C THR B 460 33.17 34.96 -25.54
N ASP B 461 31.96 35.46 -25.58
CA ASP B 461 31.72 36.81 -26.02
C ASP B 461 30.60 37.51 -25.17
N ARG B 462 30.12 36.84 -24.12
CA ARG B 462 29.17 37.44 -23.20
C ARG B 462 29.66 37.37 -21.79
N THR B 463 29.07 38.20 -20.93
CA THR B 463 29.48 38.15 -19.55
C THR B 463 28.38 38.55 -18.62
N GLU B 464 27.91 37.64 -17.76
CA GLU B 464 26.80 37.89 -16.81
C GLU B 464 27.17 38.93 -15.78
N GLU B 465 26.29 39.89 -15.60
CA GLU B 465 26.62 41.13 -14.84
C GLU B 465 26.87 40.97 -13.35
N TRP B 466 26.13 40.13 -12.66
CA TRP B 466 26.39 40.01 -11.21
C TRP B 466 27.60 39.20 -10.80
N TYR B 467 27.89 38.12 -11.52
CA TYR B 467 29.05 37.31 -11.15
C TYR B 467 30.27 37.46 -12.06
N GLY B 468 30.11 38.04 -13.26
CA GLY B 468 31.19 38.12 -14.23
C GLY B 468 31.40 36.87 -15.10
N THR B 469 30.51 35.90 -14.99
CA THR B 469 30.65 34.64 -15.71
C THR B 469 30.86 34.88 -17.18
N GLN B 470 31.87 34.22 -17.74
CA GLN B 470 32.15 34.30 -19.19
C GLN B 470 31.43 33.19 -19.97
N TYR B 471 30.81 33.51 -21.11
CA TYR B 471 30.03 32.48 -21.80
C TYR B 471 29.58 32.94 -23.20
N LYS B 472 29.09 31.99 -23.96
CA LYS B 472 28.66 32.26 -25.27
C LYS B 472 27.32 31.56 -25.42
N GLN B 473 26.48 32.09 -26.31
CA GLN B 473 25.17 31.50 -26.54
C GLN B 473 24.97 31.24 -28.01
N GLU B 474 24.42 30.09 -28.37
CA GLU B 474 24.18 29.81 -29.77
C GLU B 474 22.85 29.07 -29.89
N ALA B 475 22.24 29.11 -31.04
CA ALA B 475 21.07 28.32 -31.32
C ALA B 475 21.52 26.87 -31.54
N ILE B 476 20.78 25.89 -31.08
CA ILE B 476 21.16 24.56 -31.47
C ILE B 476 20.67 24.41 -32.91
N PRO B 477 21.54 23.97 -33.84
CA PRO B 477 21.16 23.82 -35.27
C PRO B 477 19.98 22.86 -35.46
N ASP B 478 19.10 23.17 -36.43
CA ASP B 478 17.92 22.35 -36.69
C ASP B 478 18.29 20.94 -36.95
N GLU B 479 19.45 20.73 -37.58
CA GLU B 479 19.79 19.37 -37.92
C GLU B 479 20.14 18.56 -36.67
N VAL B 480 20.56 19.27 -35.63
CA VAL B 480 20.89 18.55 -34.42
C VAL B 480 19.57 18.26 -33.68
N ILE B 481 18.66 19.23 -33.70
CA ILE B 481 17.36 19.00 -33.11
C ILE B 481 16.64 17.82 -33.80
N LYS B 482 16.64 17.77 -35.16
CA LYS B 482 15.88 16.68 -35.86
C LYS B 482 16.46 15.34 -35.54
N LYS B 483 17.79 15.25 -35.43
CA LYS B 483 18.40 13.94 -35.13
C LYS B 483 18.04 13.44 -33.75
N TRP B 484 18.05 14.37 -32.78
CA TRP B 484 17.58 14.06 -31.45
C TRP B 484 16.09 13.65 -31.44
N GLN B 485 15.25 14.34 -32.23
CA GLN B 485 13.82 13.99 -32.38
C GLN B 485 13.65 12.64 -32.97
N ASN B 486 14.62 12.16 -33.75
CA ASN B 486 14.51 10.81 -34.28
C ASN B 486 15.10 9.71 -33.45
N ALA B 487 15.49 10.04 -32.22
CA ALA B 487 16.15 9.03 -31.39
C ALA B 487 15.42 7.69 -31.46
N ASP B 488 16.12 6.65 -31.87
CA ASP B 488 15.47 5.37 -31.94
C ASP B 488 15.67 4.61 -30.64
N LEU B 489 15.23 3.36 -30.55
CA LEU B 489 15.48 2.53 -29.37
C LEU B 489 16.89 1.95 -29.40
N ASN B 490 17.56 1.95 -28.26
CA ASN B 490 18.92 1.43 -28.09
C ASN B 490 18.85 0.24 -27.12
N GLY B 491 19.22 -0.95 -27.57
CA GLY B 491 19.06 -2.17 -26.75
C GLY B 491 19.93 -2.16 -25.51
N LYS B 492 20.66 -1.05 -25.32
CA LYS B 492 21.46 -0.96 -24.10
C LYS B 492 20.60 -0.42 -22.92
N PHE B 493 19.41 0.10 -23.22
CA PHE B 493 18.55 0.61 -22.13
C PHE B 493 17.35 -0.26 -21.79
N LYS B 494 17.26 -0.58 -20.51
CA LYS B 494 16.25 -1.46 -19.93
C LYS B 494 15.69 -0.74 -18.70
N LEU B 495 14.42 -0.93 -18.42
CA LEU B 495 13.89 -0.44 -17.16
C LEU B 495 14.63 -1.18 -16.10
N PRO B 496 14.68 -0.66 -14.86
CA PRO B 496 15.30 -1.45 -13.78
C PRO B 496 14.48 -2.69 -13.51
N THR B 497 15.14 -3.71 -13.05
CA THR B 497 14.48 -4.85 -12.50
C THR B 497 14.05 -4.59 -11.05
N LYS B 498 13.20 -5.45 -10.55
CA LYS B 498 12.64 -5.35 -9.23
C LYS B 498 13.76 -5.21 -8.21
N ASN B 499 13.56 -4.39 -7.20
CA ASN B 499 14.60 -4.13 -6.25
C ASN B 499 14.59 -5.23 -5.22
N GLU B 500 15.68 -5.99 -5.21
CA GLU B 500 15.82 -7.15 -4.31
C GLU B 500 16.29 -6.72 -2.95
N PHE B 501 16.65 -5.46 -2.78
CA PHE B 501 17.14 -5.12 -1.45
C PHE B 501 16.10 -4.62 -0.51
N ILE B 502 14.84 -4.56 -0.96
CA ILE B 502 13.77 -4.06 -0.10
C ILE B 502 13.81 -4.89 1.17
N PRO B 503 13.90 -4.24 2.34
CA PRO B 503 13.82 -5.01 3.60
C PRO B 503 12.39 -5.53 3.88
N THR B 504 12.27 -6.71 4.48
CA THR B 504 10.99 -7.32 4.82
C THR B 504 11.03 -7.66 6.29
N ASN B 505 12.22 -7.81 6.85
CA ASN B 505 12.24 -8.14 8.25
C ASN B 505 12.54 -6.96 9.21
N PHE B 506 11.54 -6.58 10.04
CA PHE B 506 11.63 -5.37 10.87
C PHE B 506 11.46 -5.76 12.30
N GLU B 507 11.63 -7.03 12.58
CA GLU B 507 11.59 -7.45 13.96
C GLU B 507 12.63 -6.71 14.81
N ILE B 508 12.18 -6.08 15.87
CA ILE B 508 13.13 -5.62 16.85
C ILE B 508 13.42 -6.71 17.87
N LEU B 509 14.66 -7.20 17.88
CA LEU B 509 15.08 -8.28 18.77
C LEU B 509 14.98 -7.82 20.23
N PRO B 510 14.53 -8.73 21.11
CA PRO B 510 14.37 -8.36 22.57
C PRO B 510 15.71 -7.94 23.20
N LEU B 511 15.69 -7.02 24.13
CA LEU B 511 16.92 -6.62 24.76
C LEU B 511 17.57 -7.82 25.47
N GLU B 512 18.80 -8.16 25.12
CA GLU B 512 19.51 -9.32 25.75
C GLU B 512 19.75 -9.18 27.27
N LYS B 513 19.73 -10.32 28.02
CA LYS B 513 19.96 -10.27 29.48
C LYS B 513 21.29 -9.52 29.77
N GLU B 514 22.34 -9.81 28.99
CA GLU B 514 23.65 -9.16 29.21
C GLU B 514 23.83 -7.74 28.51
N ALA B 515 22.76 -7.07 28.09
CA ALA B 515 22.89 -5.82 27.31
C ALA B 515 23.52 -4.69 28.15
N THR B 516 24.24 -3.75 27.52
CA THR B 516 24.95 -2.66 28.25
C THR B 516 24.53 -1.28 27.82
N PRO B 517 24.63 -0.29 28.72
CA PRO B 517 24.22 1.06 28.33
C PRO B 517 25.19 1.71 27.34
N TYR B 518 26.49 1.34 27.41
CA TYR B 518 27.54 1.83 26.51
C TYR B 518 28.11 0.66 25.75
N PRO B 519 28.93 0.92 24.71
CA PRO B 519 29.43 -0.25 23.99
C PRO B 519 30.40 -1.05 24.83
N ALA B 520 30.25 -2.36 24.77
CA ALA B 520 31.16 -3.27 25.42
C ALA B 520 32.13 -3.81 24.41
N LEU B 521 33.31 -4.16 24.92
CA LEU B 521 34.34 -4.75 24.11
C LEU B 521 34.25 -6.27 24.10
N ILE B 522 33.76 -6.84 23.03
CA ILE B 522 33.34 -8.20 23.12
C ILE B 522 34.20 -9.13 22.33
N LYS B 523 35.23 -8.61 21.68
CA LYS B 523 36.27 -9.42 21.02
C LYS B 523 37.48 -8.50 20.95
N ASP B 524 38.67 -9.07 21.14
CA ASP B 524 39.90 -8.26 21.34
C ASP B 524 41.06 -9.13 21.00
N THR B 525 41.24 -9.39 19.71
CA THR B 525 42.31 -10.24 19.30
C THR B 525 43.34 -9.36 18.62
N ALA B 526 44.36 -9.98 18.05
CA ALA B 526 45.41 -9.22 17.36
C ALA B 526 44.80 -8.63 16.11
N MET B 527 43.96 -9.42 15.45
CA MET B 527 43.32 -9.05 14.22
C MET B 527 42.26 -7.96 14.44
N SER B 528 41.53 -8.01 15.55
CA SER B 528 40.44 -7.14 15.61
C SER B 528 39.90 -6.81 16.99
N LYS B 529 39.55 -5.54 17.17
CA LYS B 529 38.93 -5.05 18.39
C LYS B 529 37.45 -4.69 18.08
N LEU B 530 36.52 -5.31 18.79
CA LEU B 530 35.09 -5.22 18.50
C LEU B 530 34.30 -4.63 19.61
N TRP B 531 33.72 -3.46 19.33
CA TRP B 531 32.89 -2.76 20.29
C TRP B 531 31.44 -2.97 19.85
N PHE B 532 30.55 -3.30 20.81
CA PHE B 532 29.19 -3.68 20.45
C PHE B 532 28.19 -3.11 21.40
N LYS B 533 27.07 -2.64 20.86
CA LYS B 533 25.99 -2.23 21.73
C LYS B 533 24.67 -2.45 21.06
N GLN B 534 23.76 -3.12 21.77
CA GLN B 534 22.43 -3.36 21.27
C GLN B 534 21.64 -2.10 21.50
N ASP B 535 21.00 -1.56 20.46
CA ASP B 535 20.22 -0.32 20.64
C ASP B 535 19.28 -0.48 21.83
N ASP B 536 19.26 0.47 22.75
CA ASP B 536 18.25 0.44 23.83
C ASP B 536 17.48 1.73 23.92
N LYS B 537 17.60 2.60 22.93
CA LYS B 537 16.83 3.85 22.93
C LYS B 537 15.78 3.92 21.82
N PHE B 538 16.14 3.50 20.58
CA PHE B 538 15.35 3.96 19.45
C PHE B 538 14.44 2.89 18.96
N PHE B 539 14.82 1.63 19.15
CA PHE B 539 13.94 0.51 18.83
C PHE B 539 13.42 0.57 17.45
N LEU B 540 14.26 0.98 16.49
CA LEU B 540 13.95 0.90 15.03
C LEU B 540 14.71 -0.22 14.35
N PRO B 541 14.20 -0.77 13.24
CA PRO B 541 14.90 -1.93 12.64
C PRO B 541 16.15 -1.51 11.81
N LYS B 542 17.18 -1.08 12.51
CA LYS B 542 18.36 -0.48 11.86
C LYS B 542 19.60 -0.67 12.66
N ALA B 543 20.73 -0.63 11.97
CA ALA B 543 21.99 -0.80 12.66
C ALA B 543 23.05 0.04 11.95
N ASN B 544 24.06 0.41 12.71
CA ASN B 544 25.25 1.02 12.23
C ASN B 544 26.42 0.08 12.45
N LEU B 545 27.11 -0.19 11.36
CA LEU B 545 28.25 -1.07 11.42
C LEU B 545 29.50 -0.30 10.99
N ASN B 546 30.38 -0.01 11.95
CA ASN B 546 31.54 0.82 11.61
C ASN B 546 32.82 0.07 11.84
N PHE B 547 33.70 0.23 10.85
CA PHE B 547 35.00 -0.41 10.82
C PHE B 547 36.13 0.53 10.45
N GLU B 548 37.18 0.56 11.26
CA GLU B 548 38.47 1.20 10.84
C GLU B 548 39.45 0.06 10.54
N PHE B 549 39.97 0.02 9.31
CA PHE B 549 40.97 -0.99 8.88
C PHE B 549 42.34 -0.30 8.91
N PHE B 550 43.20 -0.59 9.89
CA PHE B 550 44.52 0.04 9.99
C PHE B 550 45.55 -0.62 9.10
N SER B 551 46.28 0.19 8.37
CA SER B 551 47.46 -0.27 7.65
C SER B 551 48.35 0.88 7.45
N PRO B 552 49.64 0.72 7.81
CA PRO B 552 50.62 1.84 7.65
C PRO B 552 50.90 2.13 6.17
N PHE B 553 50.53 1.19 5.30
CA PHE B 553 50.61 1.44 3.86
C PHE B 553 49.62 2.39 3.26
N ALA B 554 48.58 2.73 3.99
CA ALA B 554 47.61 3.65 3.43
C ALA B 554 48.15 5.09 3.36
N TYR B 555 49.13 5.43 4.19
CA TYR B 555 49.57 6.79 4.23
C TYR B 555 51.11 6.93 4.36
N VAL B 556 51.79 5.80 4.14
CA VAL B 556 53.23 5.81 4.24
C VAL B 556 53.84 6.98 3.45
N ASP B 557 53.39 7.20 2.23
CA ASP B 557 53.90 8.28 1.43
C ASP B 557 52.83 8.80 0.41
N PRO B 558 53.03 10.00 -0.14
CA PRO B 558 52.11 10.52 -1.12
C PRO B 558 51.62 9.53 -2.18
N LEU B 559 52.52 8.75 -2.76
CA LEU B 559 52.16 7.73 -3.75
C LEU B 559 51.07 6.80 -3.19
N HIS B 560 51.31 6.38 -1.96
CA HIS B 560 50.52 5.39 -1.34
C HIS B 560 49.21 5.92 -0.90
N SER B 561 49.25 7.17 -0.48
CA SER B 561 48.04 7.81 -0.14
C SER B 561 47.22 8.02 -1.45
N ASN B 562 47.84 8.42 -2.55
CA ASN B 562 47.09 8.43 -3.78
C ASN B 562 46.48 7.08 -4.09
N MET B 563 47.17 6.01 -3.80
CA MET B 563 46.72 4.75 -4.33
C MET B 563 45.62 4.21 -3.44
N ALA B 564 45.75 4.36 -2.11
CA ALA B 564 44.63 4.12 -1.22
C ALA B 564 43.35 4.88 -1.75
N TYR B 565 43.49 6.13 -2.19
CA TYR B 565 42.34 6.89 -2.54
C TYR B 565 41.73 6.25 -3.79
N LEU B 566 42.56 6.06 -4.80
CA LEU B 566 42.17 5.64 -6.09
C LEU B 566 41.51 4.24 -6.04
N TYR B 567 42.11 3.41 -5.23
CA TYR B 567 41.64 2.05 -5.05
C TYR B 567 40.17 2.06 -4.56
N LEU B 568 39.93 2.78 -3.44
CA LEU B 568 38.57 2.91 -2.91
C LEU B 568 37.59 3.55 -3.88
N GLU B 569 38.00 4.55 -4.65
CA GLU B 569 37.11 5.17 -5.59
C GLU B 569 36.75 4.17 -6.61
N LEU B 570 37.74 3.37 -6.98
CA LEU B 570 37.56 2.41 -8.09
C LEU B 570 36.60 1.33 -7.66
N LEU B 571 36.76 0.88 -6.41
CA LEU B 571 35.89 -0.08 -5.80
C LEU B 571 34.42 0.38 -5.82
N LYS B 572 34.17 1.59 -5.30
CA LYS B 572 32.80 2.16 -5.23
C LYS B 572 32.25 2.27 -6.66
N ASP B 573 33.11 2.64 -7.57
CA ASP B 573 32.71 2.82 -8.91
C ASP B 573 32.21 1.51 -9.44
N SER B 574 32.88 0.41 -9.09
CA SER B 574 32.48 -0.84 -9.69
C SER B 574 31.35 -1.48 -8.90
N LEU B 575 31.18 -1.13 -7.64
CA LEU B 575 30.05 -1.62 -6.89
C LEU B 575 28.82 -0.77 -7.15
N ASN B 576 28.99 0.37 -7.81
CA ASN B 576 27.90 1.32 -7.91
C ASN B 576 26.57 0.73 -8.49
N GLU B 577 26.64 0.05 -9.63
CA GLU B 577 25.39 -0.51 -10.20
C GLU B 577 24.67 -1.40 -9.21
N TYR B 578 25.39 -2.11 -8.37
CA TYR B 578 24.80 -3.01 -7.46
C TYR B 578 24.34 -2.33 -6.16
N ALA B 579 25.12 -1.40 -5.62
CA ALA B 579 24.71 -0.75 -4.34
C ALA B 579 23.63 0.34 -4.48
N TYR B 580 23.38 0.77 -5.71
CA TYR B 580 22.39 1.79 -5.95
C TYR B 580 21.01 1.36 -5.41
N ALA B 581 20.67 0.10 -5.74
CA ALA B 581 19.43 -0.48 -5.35
C ALA B 581 19.37 -0.60 -3.84
N ALA B 582 20.47 -1.02 -3.23
CA ALA B 582 20.44 -1.11 -1.77
C ALA B 582 20.17 0.27 -1.21
N GLU B 583 20.74 1.28 -1.84
CA GLU B 583 20.55 2.60 -1.33
C GLU B 583 19.10 3.10 -1.47
N LEU B 584 18.51 2.84 -2.64
CA LEU B 584 17.10 3.11 -2.82
C LEU B 584 16.33 2.40 -1.67
N ALA B 585 16.81 1.26 -1.22
CA ALA B 585 16.10 0.54 -0.23
C ALA B 585 16.54 0.91 1.16
N GLY B 586 17.10 2.10 1.36
CA GLY B 586 17.43 2.48 2.77
C GLY B 586 18.63 1.75 3.38
N LEU B 587 19.49 1.13 2.56
CA LEU B 587 20.77 0.50 2.99
C LEU B 587 21.97 1.21 2.36
N SER B 588 22.74 1.88 3.18
CA SER B 588 23.80 2.73 2.72
C SER B 588 25.19 2.28 3.17
N TYR B 589 26.17 2.65 2.34
CA TYR B 589 27.56 2.58 2.81
C TYR B 589 28.45 3.74 2.36
N ASP B 590 29.40 3.96 3.23
CA ASP B 590 30.45 4.91 3.13
C ASP B 590 31.82 4.15 3.22
N LEU B 591 32.72 4.44 2.29
CA LEU B 591 34.01 3.78 2.22
C LEU B 591 35.04 4.80 1.80
N GLN B 592 36.04 5.00 2.62
CA GLN B 592 37.09 5.93 2.26
C GLN B 592 38.41 5.71 2.93
N ASN B 593 39.45 6.18 2.22
CA ASN B 593 40.80 6.06 2.76
C ASN B 593 41.01 7.09 3.85
N THR B 594 41.63 6.69 4.96
CA THR B 594 42.03 7.65 6.00
C THR B 594 43.58 7.79 6.12
N ILE B 595 44.04 8.63 7.04
CA ILE B 595 45.46 8.79 7.23
C ILE B 595 46.05 7.56 7.95
N TYR B 596 45.19 6.64 8.39
CA TYR B 596 45.58 5.39 9.05
C TYR B 596 45.28 4.11 8.29
N GLY B 597 44.54 4.24 7.19
CA GLY B 597 43.92 3.10 6.54
C GLY B 597 42.60 3.34 5.81
N MET B 598 41.57 2.57 6.15
CA MET B 598 40.28 2.67 5.47
C MET B 598 39.19 2.72 6.46
N TYR B 599 38.12 3.38 6.05
CA TYR B 599 36.93 3.48 6.87
C TYR B 599 35.77 2.99 6.06
N LEU B 600 34.96 2.14 6.71
CA LEU B 600 33.73 1.57 6.19
C LEU B 600 32.64 1.68 7.24
N SER B 601 31.52 2.28 6.84
CA SER B 601 30.27 2.01 7.57
C SER B 601 29.12 1.71 6.66
N VAL B 602 28.30 0.82 7.19
CA VAL B 602 27.09 0.36 6.59
C VAL B 602 26.01 0.75 7.55
N LYS B 603 25.04 1.51 7.02
CA LYS B 603 23.94 2.08 7.78
C LYS B 603 22.59 1.71 7.14
N GLY B 604 21.53 1.59 7.96
CA GLY B 604 20.20 1.44 7.37
C GLY B 604 19.47 0.32 8.05
N TYR B 605 18.51 -0.24 7.33
CA TYR B 605 17.75 -1.34 7.84
C TYR B 605 18.65 -2.56 8.04
N ASN B 606 18.51 -3.24 9.16
CA ASN B 606 19.51 -4.26 9.48
C ASN B 606 19.34 -5.51 8.64
N ASP B 607 18.10 -5.77 8.18
CA ASP B 607 17.71 -6.99 7.50
C ASP B 607 18.71 -7.45 6.45
N LYS B 608 19.06 -6.60 5.49
CA LYS B 608 19.94 -7.05 4.41
C LYS B 608 21.38 -6.57 4.53
N GLN B 609 21.74 -6.00 5.67
CA GLN B 609 23.09 -5.47 5.88
C GLN B 609 24.16 -6.54 5.70
N PRO B 610 23.93 -7.73 6.24
CA PRO B 610 25.07 -8.67 5.99
C PRO B 610 25.34 -8.96 4.54
N ILE B 611 24.30 -9.06 3.69
CA ILE B 611 24.53 -9.35 2.28
C ILE B 611 25.44 -8.25 1.70
N LEU B 612 25.18 -6.98 2.03
CA LEU B 612 25.90 -5.92 1.31
C LEU B 612 27.34 -5.81 1.86
N LEU B 613 27.47 -5.85 3.18
CA LEU B 613 28.73 -5.95 3.83
C LEU B 613 29.59 -7.03 3.18
N LYS B 614 29.06 -8.28 3.06
CA LYS B 614 29.86 -9.40 2.58
C LYS B 614 30.32 -9.04 1.19
N LYS B 615 29.40 -8.50 0.40
CA LYS B 615 29.74 -8.17 -0.95
C LYS B 615 30.91 -7.14 -1.01
N ILE B 616 30.87 -6.16 -0.12
CA ILE B 616 31.90 -5.17 -0.10
C ILE B 616 33.32 -5.76 0.24
N ILE B 617 33.43 -6.52 1.34
CA ILE B 617 34.67 -7.14 1.75
C ILE B 617 35.14 -8.06 0.69
N GLU B 618 34.22 -8.82 0.13
CA GLU B 618 34.61 -9.67 -0.99
C GLU B 618 35.26 -8.92 -2.12
N LYS B 619 34.56 -7.88 -2.54
CA LYS B 619 34.99 -7.13 -3.68
C LYS B 619 36.34 -6.43 -3.35
N MET B 620 36.53 -6.02 -2.10
CA MET B 620 37.79 -5.38 -1.68
C MET B 620 38.95 -6.31 -1.94
N ALA B 621 38.75 -7.56 -1.54
CA ALA B 621 39.77 -8.54 -1.45
C ALA B 621 40.03 -9.29 -2.76
N THR B 622 39.31 -9.02 -3.85
CA THR B 622 39.42 -9.85 -5.08
C THR B 622 39.27 -8.89 -6.21
N PHE B 623 39.38 -7.60 -5.89
CA PHE B 623 39.10 -6.52 -6.86
C PHE B 623 39.93 -6.63 -8.14
N GLU B 624 39.31 -6.53 -9.31
CA GLU B 624 40.14 -6.38 -10.52
C GLU B 624 39.84 -5.11 -11.31
N ILE B 625 40.84 -4.29 -11.50
CA ILE B 625 40.62 -2.95 -12.04
C ILE B 625 40.37 -2.90 -13.54
N ASP B 626 39.39 -2.15 -14.00
CA ASP B 626 39.20 -1.90 -15.41
C ASP B 626 40.15 -0.77 -15.79
N GLU B 627 41.04 -0.99 -16.76
CA GLU B 627 42.01 0.04 -17.10
C GLU B 627 41.40 1.41 -17.47
N LYS B 628 40.24 1.40 -18.15
CA LYS B 628 39.59 2.60 -18.69
C LYS B 628 39.08 3.42 -17.53
N ARG B 629 38.41 2.73 -16.62
CA ARG B 629 37.88 3.33 -15.39
C ARG B 629 38.99 4.03 -14.58
N PHE B 630 40.17 3.39 -14.59
CA PHE B 630 41.35 3.79 -13.83
C PHE B 630 41.88 5.07 -14.40
N GLU B 631 42.05 5.11 -15.72
CA GLU B 631 42.52 6.33 -16.35
C GLU B 631 41.58 7.51 -16.02
N ILE B 632 40.26 7.24 -16.06
CA ILE B 632 39.29 8.28 -15.93
C ILE B 632 39.23 8.86 -14.51
N ILE B 633 39.27 7.98 -13.54
CA ILE B 633 39.21 8.42 -12.18
C ILE B 633 40.52 9.15 -11.78
N LYS B 634 41.66 8.70 -12.30
CA LYS B 634 42.93 9.36 -12.04
C LYS B 634 42.82 10.79 -12.55
N GLU B 635 42.31 10.96 -13.77
CA GLU B 635 42.22 12.30 -14.33
C GLU B 635 41.26 13.23 -13.53
N ALA B 636 40.18 12.66 -12.96
CA ALA B 636 39.20 13.41 -12.19
C ALA B 636 39.86 13.80 -10.88
N TYR B 637 40.62 12.88 -10.32
CA TYR B 637 41.37 13.11 -9.07
C TYR B 637 42.47 14.26 -9.16
N MET B 638 43.20 14.26 -10.26
CA MET B 638 44.19 15.26 -10.54
C MET B 638 43.47 16.61 -10.52
N ARG B 639 42.36 16.72 -11.26
CA ARG B 639 41.60 17.97 -11.32
C ARG B 639 41.09 18.34 -9.94
N SER B 640 40.62 17.39 -9.14
CA SER B 640 40.19 17.81 -7.84
C SER B 640 41.32 18.23 -6.91
N LEU B 641 42.53 17.64 -7.02
CA LEU B 641 43.68 18.22 -6.25
C LEU B 641 43.99 19.64 -6.73
N ASN B 642 44.09 19.92 -8.01
CA ASN B 642 44.21 21.31 -8.43
C ASN B 642 43.04 22.23 -8.00
N ASN B 643 41.79 21.71 -8.06
CA ASN B 643 40.68 22.60 -7.76
C ASN B 643 40.77 23.11 -6.33
N PHE B 644 41.69 22.59 -5.53
CA PHE B 644 41.75 23.13 -4.21
C PHE B 644 42.10 24.63 -4.21
N ARG B 645 42.84 25.03 -5.24
CA ARG B 645 43.31 26.41 -5.52
C ARG B 645 42.06 27.35 -5.47
N ALA B 646 40.86 26.81 -5.79
CA ALA B 646 39.65 27.64 -5.80
C ALA B 646 38.77 27.57 -4.55
N GLU B 647 39.14 26.74 -3.56
CA GLU B 647 38.49 26.81 -2.28
C GLU B 647 38.60 28.21 -1.67
N GLN B 648 37.66 28.54 -0.82
CA GLN B 648 37.70 29.77 -0.04
C GLN B 648 38.93 30.01 0.89
N PRO B 649 39.29 31.30 1.04
CA PRO B 649 40.46 31.66 1.87
C PRO B 649 40.39 31.03 3.24
N HIS B 650 39.24 31.04 3.87
CA HIS B 650 39.16 30.47 5.23
C HIS B 650 39.33 28.94 5.18
N GLN B 651 38.96 28.34 4.06
CA GLN B 651 39.20 26.90 3.94
C GLN B 651 40.68 26.69 3.76
N HIS B 652 41.35 27.49 2.90
CA HIS B 652 42.78 27.45 2.84
C HIS B 652 43.43 27.58 4.23
N ALA B 653 43.00 28.55 5.02
CA ALA B 653 43.60 28.74 6.31
C ALA B 653 43.55 27.50 7.15
N MET B 654 42.41 26.81 7.14
CA MET B 654 42.19 25.71 8.06
C MET B 654 43.07 24.56 7.61
N TYR B 655 43.23 24.47 6.30
CA TYR B 655 43.95 23.37 5.71
C TYR B 655 45.47 23.54 6.03
N TYR B 656 45.98 24.76 5.85
CA TYR B 656 47.38 25.02 6.21
C TYR B 656 47.64 24.71 7.67
N LEU B 657 46.74 25.12 8.58
CA LEU B 657 46.92 24.82 9.98
C LEU B 657 47.01 23.31 10.25
N ARG B 658 46.15 22.50 9.60
CA ARG B 658 46.18 21.07 9.82
C ARG B 658 47.55 20.61 9.37
N LEU B 659 48.05 21.12 8.25
CA LEU B 659 49.34 20.71 7.78
C LEU B 659 50.42 21.13 8.76
N LEU B 660 50.38 22.34 9.26
CA LEU B 660 51.41 22.76 10.18
C LEU B 660 51.35 22.00 11.51
N MET B 661 50.17 21.63 12.01
CA MET B 661 50.13 21.15 13.39
C MET B 661 50.23 19.64 13.56
N THR B 662 50.15 18.87 12.47
CA THR B 662 50.16 17.41 12.55
C THR B 662 51.51 16.87 12.09
N GLU B 663 51.92 15.84 12.81
CA GLU B 663 53.21 15.23 12.64
C GLU B 663 53.41 14.84 11.21
N VAL B 664 52.46 14.11 10.64
CA VAL B 664 52.64 13.67 9.23
C VAL B 664 51.46 14.10 8.46
N ALA B 665 51.68 14.66 7.27
CA ALA B 665 50.63 15.26 6.48
C ALA B 665 51.34 15.32 5.15
N TRP B 666 50.67 14.88 4.10
CA TRP B 666 51.03 15.17 2.73
C TRP B 666 50.18 16.29 2.22
N THR B 667 50.76 17.21 1.46
CA THR B 667 50.06 18.33 0.93
C THR B 667 49.43 17.99 -0.44
N LYS B 668 48.46 18.80 -0.88
CA LYS B 668 47.89 18.65 -2.19
C LYS B 668 48.98 18.69 -3.24
N ASP B 669 50.00 19.54 -3.10
CA ASP B 669 51.09 19.54 -4.12
C ASP B 669 51.87 18.25 -4.14
N GLU B 670 52.14 17.71 -2.97
CA GLU B 670 52.87 16.45 -2.87
C GLU B 670 52.07 15.33 -3.52
N LEU B 671 50.79 15.28 -3.20
CA LEU B 671 49.91 14.28 -3.79
C LEU B 671 49.84 14.41 -5.30
N LYS B 672 49.76 15.64 -5.77
CA LYS B 672 49.58 15.87 -7.21
C LYS B 672 50.88 15.49 -7.96
N GLU B 673 52.02 15.81 -7.34
CA GLU B 673 53.29 15.38 -7.92
C GLU B 673 53.42 13.88 -8.03
N ALA B 674 53.13 13.17 -6.95
CA ALA B 674 53.23 11.72 -6.92
C ALA B 674 52.23 10.98 -7.80
N LEU B 675 51.21 11.66 -8.29
CA LEU B 675 50.15 10.99 -8.96
C LEU B 675 50.58 10.48 -10.32
N ASP B 676 51.39 11.25 -11.05
CA ASP B 676 51.87 10.77 -12.39
C ASP B 676 52.64 9.48 -12.33
N ASP B 677 53.21 9.15 -11.19
CA ASP B 677 53.78 7.86 -10.98
C ASP B 677 52.79 6.74 -10.76
N VAL B 678 51.51 7.05 -10.51
CA VAL B 678 50.57 5.92 -10.27
C VAL B 678 50.24 5.27 -11.59
N THR B 679 50.63 4.01 -11.72
CA THR B 679 50.42 3.20 -12.92
C THR B 679 49.45 2.09 -12.60
N LEU B 680 48.78 1.57 -13.63
CA LEU B 680 47.95 0.38 -13.40
C LEU B 680 48.74 -0.71 -12.64
N PRO B 681 49.95 -1.10 -13.14
CA PRO B 681 50.69 -2.15 -12.41
C PRO B 681 51.01 -1.79 -10.97
N ARG B 682 51.51 -0.58 -10.71
CA ARG B 682 51.77 -0.22 -9.29
C ARG B 682 50.48 -0.29 -8.40
N LEU B 683 49.31 0.07 -8.97
CA LEU B 683 48.02 -0.10 -8.25
C LEU B 683 47.63 -1.56 -7.97
N LYS B 684 47.72 -2.45 -8.97
CA LYS B 684 47.51 -3.91 -8.73
C LYS B 684 48.54 -4.41 -7.74
N ALA B 685 49.80 -3.99 -7.85
CA ALA B 685 50.70 -4.38 -6.74
C ALA B 685 50.28 -3.82 -5.38
N PHE B 686 49.78 -2.59 -5.37
CA PHE B 686 49.47 -1.97 -4.10
C PHE B 686 48.39 -2.71 -3.30
N ILE B 687 47.34 -3.17 -3.95
CA ILE B 687 46.19 -3.65 -3.18
C ILE B 687 46.51 -4.86 -2.26
N PRO B 688 47.11 -5.94 -2.81
CA PRO B 688 47.52 -7.01 -1.86
C PRO B 688 48.50 -6.53 -0.79
N GLN B 689 49.43 -5.63 -1.12
CA GLN B 689 50.30 -5.10 -0.04
C GLN B 689 49.41 -4.42 1.01
N LEU B 690 48.43 -3.63 0.58
CA LEU B 690 47.61 -2.97 1.60
C LEU B 690 46.76 -3.93 2.41
N LEU B 691 46.29 -5.02 1.82
CA LEU B 691 45.42 -5.88 2.63
C LEU B 691 46.09 -7.01 3.40
N SER B 692 47.37 -7.30 3.11
CA SER B 692 48.06 -8.47 3.70
C SER B 692 48.17 -8.35 5.19
N ARG B 693 48.07 -7.13 5.67
CA ARG B 693 48.25 -6.93 7.10
C ARG B 693 47.38 -5.80 7.68
N LEU B 694 46.48 -6.14 8.60
CA LEU B 694 45.47 -5.20 9.11
C LEU B 694 45.17 -5.39 10.59
N HIS B 695 44.83 -4.29 11.26
CA HIS B 695 44.04 -4.38 12.49
C HIS B 695 42.66 -3.80 12.09
N ILE B 696 41.62 -4.40 12.66
CA ILE B 696 40.30 -3.91 12.38
C ILE B 696 39.77 -3.49 13.70
N GLU B 697 39.30 -2.22 13.80
CA GLU B 697 38.49 -1.79 14.99
C GLU B 697 37.06 -1.37 14.57
N ALA B 698 36.06 -1.83 15.35
CA ALA B 698 34.69 -1.82 14.89
C ALA B 698 33.70 -1.47 15.98
N LEU B 699 32.64 -0.80 15.55
CA LEU B 699 31.49 -0.48 16.40
C LEU B 699 30.28 -1.04 15.69
N LEU B 700 29.59 -1.96 16.32
CA LEU B 700 28.40 -2.44 15.73
C LEU B 700 27.35 -2.08 16.75
N HIS B 701 26.38 -1.30 16.30
CA HIS B 701 25.44 -0.66 17.21
C HIS B 701 24.09 -0.58 16.51
N GLY B 702 23.07 -1.05 17.20
CA GLY B 702 21.76 -1.13 16.58
C GLY B 702 20.95 -2.31 17.07
N ASN B 703 20.06 -2.72 16.20
CA ASN B 703 19.11 -3.76 16.46
C ASN B 703 19.83 -5.01 16.08
N ILE B 704 20.65 -5.52 16.99
CA ILE B 704 21.50 -6.69 16.74
C ILE B 704 21.91 -7.27 18.07
N THR B 705 22.30 -8.54 18.04
CA THR B 705 22.58 -9.24 19.27
C THR B 705 24.08 -9.45 19.35
N LYS B 706 24.57 -9.71 20.57
CA LYS B 706 25.99 -9.95 20.79
C LYS B 706 26.52 -10.96 19.79
N GLN B 707 25.77 -12.05 19.78
CA GLN B 707 26.08 -13.15 19.00
C GLN B 707 26.07 -12.79 17.52
N ALA B 708 25.06 -12.07 17.00
CA ALA B 708 25.11 -11.64 15.60
C ALA B 708 26.30 -10.73 15.29
N ALA B 709 26.69 -9.91 16.24
CA ALA B 709 27.82 -9.01 15.98
C ALA B 709 29.10 -9.81 15.76
N LEU B 710 29.35 -10.78 16.68
CA LEU B 710 30.46 -11.73 16.54
C LEU B 710 30.40 -12.39 15.19
N GLY B 711 29.19 -12.73 14.72
CA GLY B 711 29.05 -13.31 13.40
C GLY B 711 29.43 -12.37 12.30
N ILE B 712 29.06 -11.09 12.42
CA ILE B 712 29.47 -10.08 11.43
C ILE B 712 31.01 -9.96 11.37
N MET B 713 31.62 -9.84 12.55
CA MET B 713 33.06 -9.62 12.64
C MET B 713 33.78 -10.78 12.00
N GLN B 714 33.39 -11.99 12.42
CA GLN B 714 34.00 -13.21 11.90
C GLN B 714 33.89 -13.24 10.40
N MET B 715 32.72 -12.87 9.88
CA MET B 715 32.57 -13.01 8.43
C MET B 715 33.54 -12.04 7.73
N VAL B 716 33.72 -10.84 8.33
CA VAL B 716 34.62 -9.85 7.78
C VAL B 716 36.04 -10.40 7.75
N GLU B 717 36.49 -10.85 8.92
CA GLU B 717 37.82 -11.47 9.00
C GLU B 717 37.97 -12.63 8.02
N ASP B 718 37.01 -13.55 8.02
CA ASP B 718 37.21 -14.76 7.25
C ASP B 718 37.32 -14.43 5.79
N THR B 719 36.63 -13.41 5.35
CA THR B 719 36.64 -13.09 3.93
C THR B 719 37.99 -12.50 3.56
N LEU B 720 38.55 -11.71 4.47
CA LEU B 720 39.85 -11.09 4.21
C LEU B 720 40.93 -12.15 4.24
N ILE B 721 40.94 -12.92 5.32
CA ILE B 721 41.82 -14.07 5.46
C ILE B 721 41.75 -14.96 4.22
N GLU B 722 40.54 -15.38 3.83
CA GLU B 722 40.28 -16.16 2.61
C GLU B 722 40.89 -15.56 1.40
N HIS B 723 40.64 -14.29 1.09
CA HIS B 723 40.90 -13.85 -0.26
C HIS B 723 42.15 -13.00 -0.35
N ALA B 724 42.55 -12.46 0.79
CA ALA B 724 43.63 -11.48 0.84
C ALA B 724 44.81 -11.99 1.63
N HIS B 725 44.59 -13.07 2.39
CA HIS B 725 45.62 -13.74 3.20
C HIS B 725 46.06 -12.85 4.32
N THR B 726 45.12 -11.99 4.73
CA THR B 726 45.37 -11.02 5.80
C THR B 726 45.86 -11.63 7.11
N LYS B 727 46.98 -11.14 7.66
CA LYS B 727 47.41 -11.50 9.05
C LYS B 727 47.47 -10.24 9.92
N PRO B 728 47.50 -10.44 11.25
CA PRO B 728 47.45 -9.26 12.11
C PRO B 728 48.69 -8.38 12.03
N LEU B 729 48.54 -7.10 12.43
CA LEU B 729 49.60 -6.09 12.52
C LEU B 729 50.33 -6.27 13.85
N LEU B 730 51.51 -5.73 13.98
CA LEU B 730 52.12 -5.74 15.31
C LEU B 730 51.51 -4.62 16.11
N PRO B 731 51.34 -4.83 17.42
CA PRO B 731 50.87 -3.73 18.31
C PRO B 731 51.69 -2.43 18.11
N SER B 732 52.97 -2.58 17.83
CA SER B 732 53.85 -1.40 17.68
C SER B 732 53.68 -0.71 16.32
N GLN B 733 52.91 -1.29 15.40
CA GLN B 733 52.65 -0.60 14.15
C GLN B 733 51.42 0.24 14.24
N LEU B 734 50.66 0.15 15.34
CA LEU B 734 49.40 0.94 15.47
C LEU B 734 49.72 2.38 15.91
N VAL B 735 50.41 3.08 15.02
CA VAL B 735 51.03 4.39 15.31
C VAL B 735 49.95 5.46 15.05
N ARG B 736 49.43 6.08 16.11
CA ARG B 736 48.65 7.34 16.02
C ARG B 736 49.55 8.62 15.90
N TYR B 737 49.15 9.64 15.12
CA TYR B 737 49.98 10.84 14.96
C TYR B 737 49.89 11.84 16.06
N ARG B 738 50.98 12.60 16.22
CA ARG B 738 51.10 13.61 17.26
C ARG B 738 50.91 15.06 16.74
N GLU B 739 50.58 15.93 17.68
CA GLU B 739 50.51 17.32 17.38
C GLU B 739 51.84 17.94 17.83
N VAL B 740 52.29 18.86 17.01
CA VAL B 740 53.38 19.79 17.29
C VAL B 740 53.19 20.52 18.60
N GLN B 741 54.25 20.62 19.37
CA GLN B 741 54.14 21.26 20.67
C GLN B 741 54.77 22.63 20.58
N LEU B 742 53.93 23.66 20.57
CA LEU B 742 54.33 25.04 20.50
C LEU B 742 55.03 25.50 21.79
N PRO B 743 56.12 26.32 21.67
CA PRO B 743 56.83 26.81 22.88
C PRO B 743 56.05 27.96 23.62
N ASP B 744 56.07 27.92 24.95
CA ASP B 744 55.70 29.08 25.77
C ASP B 744 56.08 30.46 25.20
N ARG B 745 55.09 31.36 25.07
CA ARG B 745 55.23 32.71 24.45
C ARG B 745 55.59 32.70 22.97
N GLY B 746 55.47 31.57 22.30
CA GLY B 746 55.81 31.59 20.88
C GLY B 746 54.70 32.21 20.04
N TRP B 747 55.07 32.85 18.92
CA TRP B 747 54.08 33.25 17.94
C TRP B 747 54.59 33.02 16.55
N PHE B 748 53.91 32.16 15.81
CA PHE B 748 54.31 31.80 14.48
C PHE B 748 53.22 32.16 13.49
N VAL B 749 53.62 32.70 12.36
CA VAL B 749 52.72 33.06 11.33
C VAL B 749 53.13 32.35 10.05
N TYR B 750 52.16 31.71 9.40
CA TYR B 750 52.38 31.16 8.09
C TYR B 750 51.46 31.93 7.13
N GLN B 751 51.99 32.26 5.97
CA GLN B 751 51.30 33.18 5.10
C GLN B 751 51.27 32.70 3.66
N GLN B 752 50.09 32.66 3.05
CA GLN B 752 49.93 32.24 1.67
C GLN B 752 48.98 33.18 1.02
N ARG B 753 48.81 33.00 -0.27
CA ARG B 753 47.88 33.78 -1.02
C ARG B 753 46.76 32.90 -1.65
N ASN B 754 45.50 33.33 -1.59
CA ASN B 754 44.47 32.67 -2.36
C ASN B 754 44.47 33.28 -3.76
N GLU B 755 44.56 32.52 -4.82
CA GLU B 755 44.74 33.18 -6.11
C GLU B 755 43.45 33.41 -6.82
N VAL B 756 42.32 33.08 -6.20
CA VAL B 756 41.06 33.09 -6.90
C VAL B 756 40.09 34.06 -6.26
N HIS B 757 39.97 34.05 -4.95
CA HIS B 757 39.06 34.90 -4.22
C HIS B 757 39.73 36.22 -3.83
N ASN B 758 39.09 37.35 -4.06
CA ASN B 758 39.60 38.56 -3.55
C ASN B 758 39.11 38.86 -2.11
N ASN B 759 39.11 37.87 -1.23
CA ASN B 759 39.00 38.10 0.21
C ASN B 759 40.16 37.41 0.95
N SER B 760 40.40 37.73 2.20
CA SER B 760 41.45 37.05 2.88
C SER B 760 40.80 36.16 3.92
N GLY B 761 41.54 35.16 4.44
CA GLY B 761 41.09 34.38 5.55
C GLY B 761 42.24 34.23 6.55
N ILE B 762 41.89 33.92 7.80
CA ILE B 762 42.81 33.77 8.86
C ILE B 762 42.28 32.68 9.78
N GLU B 763 43.18 31.88 10.35
CA GLU B 763 42.81 31.07 11.48
C GLU B 763 43.86 31.34 12.52
N ILE B 764 43.43 31.71 13.72
CA ILE B 764 44.36 31.94 14.81
C ILE B 764 44.15 30.83 15.82
N TYR B 765 45.19 30.18 16.30
CA TYR B 765 45.03 29.04 17.21
C TYR B 765 45.86 29.27 18.46
N TYR B 766 45.17 29.27 19.62
CA TYR B 766 45.83 29.38 20.90
C TYR B 766 45.83 27.99 21.50
N GLN B 767 46.98 27.31 21.33
CA GLN B 767 47.14 25.93 21.80
C GLN B 767 47.17 25.96 23.31
N THR B 768 46.35 25.13 23.95
CA THR B 768 46.40 25.01 25.41
C THR B 768 47.16 23.82 25.91
N ASP B 769 46.63 22.60 25.81
CA ASP B 769 47.31 21.45 26.36
C ASP B 769 46.65 20.19 25.92
N MET B 770 47.20 19.08 26.38
CA MET B 770 46.69 17.75 26.15
C MET B 770 45.25 17.73 26.66
N GLN B 771 44.38 16.96 26.01
CA GLN B 771 43.00 16.93 26.46
C GLN B 771 42.96 16.24 27.81
N SER B 772 42.05 16.68 28.68
CA SER B 772 41.74 16.02 29.96
C SER B 772 40.45 16.67 30.52
N THR B 773 39.71 15.97 31.37
CA THR B 773 38.52 16.52 32.02
C THR B 773 38.64 18.00 32.37
N SER B 774 39.71 18.39 33.05
CA SER B 774 39.78 19.77 33.50
C SER B 774 40.17 20.77 32.40
N GLU B 775 41.17 20.42 31.58
CA GLU B 775 41.55 21.25 30.46
C GLU B 775 40.39 21.34 29.49
N ASN B 776 39.71 20.23 29.25
CA ASN B 776 38.60 20.28 28.34
C ASN B 776 37.59 21.32 28.79
N MET B 777 37.32 21.33 30.09
CA MET B 777 36.24 22.14 30.58
C MET B 777 36.62 23.63 30.79
N PHE B 778 37.86 23.92 31.16
CA PHE B 778 38.29 25.30 31.13
C PHE B 778 38.01 25.85 29.72
N LEU B 779 38.50 25.12 28.74
CA LEU B 779 38.44 25.59 27.42
C LEU B 779 37.02 25.66 26.91
N GLU B 780 36.18 24.71 27.29
CA GLU B 780 34.80 24.69 26.76
C GLU B 780 34.01 25.77 27.41
N LEU B 781 34.26 26.09 28.69
CA LEU B 781 33.54 27.17 29.38
C LEU B 781 33.94 28.54 28.85
N PHE B 782 35.24 28.78 28.76
CA PHE B 782 35.67 29.97 28.17
C PHE B 782 35.05 30.14 26.74
N ALA B 783 35.08 29.07 25.91
CA ALA B 783 34.49 29.18 24.56
C ALA B 783 33.01 29.58 24.62
N GLN B 784 32.26 28.91 25.48
CA GLN B 784 30.86 29.17 25.65
C GLN B 784 30.70 30.67 26.01
N ILE B 785 31.55 31.18 26.93
CA ILE B 785 31.35 32.53 27.39
C ILE B 785 31.52 33.60 26.27
N ILE B 786 32.49 33.37 25.39
CA ILE B 786 32.95 34.41 24.47
C ILE B 786 32.26 34.18 23.18
N SER B 787 31.57 33.06 23.11
CA SER B 787 30.90 32.68 21.90
C SER B 787 30.07 33.76 21.19
N GLU B 788 28.92 34.15 21.78
CA GLU B 788 28.12 35.16 21.03
C GLU B 788 28.80 36.53 21.11
N PRO B 789 29.44 36.85 22.25
CA PRO B 789 30.22 38.13 22.10
C PRO B 789 31.16 38.17 20.91
N ALA B 790 31.82 37.06 20.58
CA ALA B 790 32.81 37.10 19.50
C ALA B 790 32.12 37.49 18.22
N PHE B 791 30.96 36.89 18.01
CA PHE B 791 30.19 37.07 16.82
C PHE B 791 29.64 38.54 16.77
N ASN B 792 29.14 38.97 17.92
CA ASN B 792 28.54 40.27 17.98
C ASN B 792 29.54 41.41 17.70
N THR B 793 30.78 41.22 18.19
CA THR B 793 31.80 42.20 18.10
C THR B 793 32.44 42.17 16.72
N LEU B 794 32.98 41.02 16.36
CA LEU B 794 33.79 40.96 15.16
C LEU B 794 32.92 41.03 13.92
N ARG B 795 31.70 40.49 14.02
CA ARG B 795 30.82 40.55 12.89
C ARG B 795 29.79 41.71 12.96
N THR B 796 28.82 41.64 13.90
CA THR B 796 27.74 42.61 14.00
C THR B 796 28.24 44.03 14.22
N LYS B 797 29.08 44.25 15.22
CA LYS B 797 29.69 45.55 15.42
C LYS B 797 30.68 45.93 14.37
N GLU B 798 31.77 45.19 14.26
CA GLU B 798 32.92 45.68 13.49
C GLU B 798 32.76 45.29 12.03
N GLN B 799 31.86 44.36 11.74
CA GLN B 799 31.65 43.96 10.33
C GLN B 799 32.94 43.54 9.57
N LEU B 800 33.74 42.69 10.19
CA LEU B 800 34.97 42.18 9.53
C LEU B 800 34.65 41.30 8.31
N GLY B 801 33.59 40.52 8.39
CA GLY B 801 33.18 39.71 7.23
C GLY B 801 32.02 38.88 7.66
N TYR B 802 31.44 38.19 6.69
CA TYR B 802 30.30 37.34 6.97
C TYR B 802 30.69 36.07 7.77
N ILE B 803 31.88 35.54 7.52
CA ILE B 803 32.35 34.45 8.33
C ILE B 803 33.22 34.88 9.50
N VAL B 804 32.76 34.58 10.70
CA VAL B 804 33.48 34.78 11.94
C VAL B 804 33.12 33.57 12.81
N PHE B 805 34.08 32.79 13.24
CA PHE B 805 33.82 31.61 13.99
C PHE B 805 34.83 31.67 15.11
N SER B 806 34.43 31.23 16.31
CA SER B 806 35.38 31.00 17.41
C SER B 806 35.00 29.68 18.12
N GLY B 807 35.90 29.04 18.87
CA GLY B 807 35.56 27.81 19.57
C GLY B 807 36.72 26.86 19.79
N PRO B 808 36.48 25.72 20.47
CA PRO B 808 37.55 24.71 20.69
C PRO B 808 38.13 24.09 19.42
N ARG B 809 39.45 23.90 19.34
CA ARG B 809 40.02 23.04 18.31
C ARG B 809 40.54 21.79 19.03
N ARG B 810 40.16 20.61 18.54
CA ARG B 810 40.71 19.32 19.07
C ARG B 810 41.29 18.55 17.92
N ALA B 811 42.56 18.22 18.03
CA ALA B 811 43.25 17.35 17.09
C ALA B 811 44.27 16.52 17.91
N ASN B 812 44.27 15.20 17.64
CA ASN B 812 45.39 14.31 18.00
C ASN B 812 45.64 14.30 19.48
N GLY B 813 44.61 14.48 20.28
CA GLY B 813 44.66 14.48 21.74
C GLY B 813 44.90 15.82 22.36
N ILE B 814 45.21 16.82 21.53
CA ILE B 814 45.58 18.14 22.01
C ILE B 814 44.42 19.07 21.65
N GLN B 815 44.48 20.30 22.20
CA GLN B 815 43.43 21.27 22.04
C GLN B 815 43.84 22.72 22.30
N GLY B 816 42.96 23.60 21.86
CA GLY B 816 43.10 25.02 22.17
C GLY B 816 41.96 25.82 21.58
N LEU B 817 42.16 27.12 21.54
CA LEU B 817 41.09 27.97 21.17
C LEU B 817 41.38 28.51 19.78
N ARG B 818 40.37 28.50 18.90
CA ARG B 818 40.56 29.06 17.58
C ARG B 818 39.59 30.16 17.13
N PHE B 819 40.06 31.00 16.22
CA PHE B 819 39.21 31.95 15.57
C PHE B 819 39.46 31.77 14.12
N ILE B 820 38.38 31.86 13.33
CA ILE B 820 38.43 31.81 11.87
C ILE B 820 37.60 33.00 11.35
N ILE B 821 38.18 33.84 10.51
CA ILE B 821 37.50 34.97 9.95
C ILE B 821 37.78 35.03 8.49
N GLN B 822 36.78 35.42 7.69
CA GLN B 822 37.06 35.72 6.32
C GLN B 822 36.57 37.15 6.06
N SER B 823 37.36 37.91 5.33
CA SER B 823 37.26 39.37 5.36
C SER B 823 37.92 40.03 4.14
N GLU B 824 37.66 41.31 3.99
CA GLU B 824 38.29 42.03 2.95
C GLU B 824 39.45 42.80 3.56
N LYS B 825 39.42 43.02 4.86
CA LYS B 825 40.56 43.58 5.55
C LYS B 825 41.78 42.57 5.55
N PRO B 826 43.02 43.09 5.49
CA PRO B 826 44.23 42.25 5.62
C PRO B 826 44.31 41.50 6.96
N PRO B 827 44.84 40.26 6.95
CA PRO B 827 44.94 39.46 8.14
C PRO B 827 45.65 40.12 9.30
N HIS B 828 46.68 40.95 9.05
CA HIS B 828 47.35 41.61 10.20
C HIS B 828 46.37 42.54 10.95
N TYR B 829 45.43 43.11 10.22
CA TYR B 829 44.41 43.93 10.84
C TYR B 829 43.48 43.04 11.65
N LEU B 830 43.08 41.95 10.99
CA LEU B 830 42.14 40.99 11.56
C LEU B 830 42.69 40.55 12.90
N GLU B 831 43.98 40.32 12.89
CA GLU B 831 44.69 39.87 14.09
C GLU B 831 44.66 40.86 15.28
N SER B 832 44.76 42.16 15.04
CA SER B 832 44.69 43.08 16.19
C SER B 832 43.29 43.11 16.73
N ARG B 833 42.32 43.05 15.84
CA ARG B 833 40.90 43.07 16.25
C ARG B 833 40.53 41.88 17.16
N VAL B 834 40.95 40.68 16.80
CA VAL B 834 40.80 39.53 17.69
C VAL B 834 41.48 39.78 19.04
N GLU B 835 42.67 40.35 19.02
CA GLU B 835 43.36 40.58 20.29
C GLU B 835 42.66 41.67 21.04
N ALA B 836 42.20 42.73 20.37
CA ALA B 836 41.42 43.78 21.11
C ALA B 836 40.25 43.09 21.80
N PHE B 837 39.53 42.32 21.01
CA PHE B 837 38.42 41.57 21.49
C PHE B 837 38.72 40.74 22.73
N LEU B 838 39.88 40.09 22.77
CA LEU B 838 40.21 39.23 23.91
C LEU B 838 40.28 40.04 25.20
N ILE B 839 40.90 41.22 25.11
CA ILE B 839 40.95 42.18 26.23
C ILE B 839 39.54 42.52 26.75
N THR B 840 38.72 43.03 25.83
CA THR B 840 37.28 43.25 26.05
C THR B 840 36.60 42.05 26.72
N MET B 841 36.90 40.84 26.26
CA MET B 841 36.38 39.64 26.96
C MET B 841 36.88 39.53 28.38
N GLU B 842 38.14 39.82 28.65
CA GLU B 842 38.65 39.64 30.01
C GLU B 842 37.90 40.56 31.01
N LYS B 843 37.79 41.82 30.62
CA LYS B 843 37.09 42.85 31.37
C LYS B 843 35.65 42.36 31.62
N SER B 844 34.99 41.90 30.56
CA SER B 844 33.59 41.51 30.65
C SER B 844 33.39 40.28 31.59
N ILE B 845 34.37 39.41 31.68
CA ILE B 845 34.32 38.33 32.66
C ILE B 845 34.62 38.83 34.09
N GLU B 846 35.52 39.79 34.20
CA GLU B 846 35.80 40.42 35.48
C GLU B 846 34.50 41.00 36.14
N ASP B 847 33.63 41.54 35.30
CA ASP B 847 32.47 42.30 35.74
C ASP B 847 31.21 41.49 35.69
N MET B 848 31.33 40.24 35.27
CA MET B 848 30.17 39.42 35.04
C MET B 848 29.64 38.97 36.40
N THR B 849 28.31 39.02 36.58
CA THR B 849 27.70 38.65 37.87
C THR B 849 27.79 37.14 38.05
N GLU B 850 27.84 36.72 39.29
CA GLU B 850 27.78 35.30 39.53
C GLU B 850 26.59 34.68 38.78
N GLU B 851 25.57 35.47 38.57
CA GLU B 851 24.41 34.88 37.96
C GLU B 851 24.63 34.65 36.48
N ALA B 852 25.20 35.66 35.79
CA ALA B 852 25.46 35.52 34.35
C ALA B 852 26.36 34.29 34.14
N PHE B 853 27.35 34.14 35.02
CA PHE B 853 28.27 33.05 35.00
C PHE B 853 27.61 31.66 35.02
N GLN B 854 26.75 31.46 36.02
CA GLN B 854 26.08 30.17 36.17
C GLN B 854 25.19 29.85 34.97
N LYS B 855 24.67 30.90 34.33
CA LYS B 855 23.83 30.70 33.15
C LYS B 855 24.68 30.01 32.02
N HIS B 856 25.89 30.56 31.81
CA HIS B 856 26.89 29.94 30.94
C HIS B 856 27.25 28.46 31.31
N ILE B 857 27.56 28.22 32.58
CA ILE B 857 27.71 26.84 33.05
C ILE B 857 26.49 26.01 32.62
N GLN B 858 25.31 26.60 32.85
CA GLN B 858 24.09 25.84 32.67
C GLN B 858 23.91 25.60 31.18
N ALA B 859 24.32 26.59 30.36
CA ALA B 859 24.08 26.51 28.93
C ALA B 859 25.00 25.44 28.29
N LEU B 860 26.27 25.44 28.68
CA LEU B 860 27.20 24.36 28.32
C LEU B 860 26.70 22.96 28.80
N ALA B 861 26.26 22.89 30.08
CA ALA B 861 25.71 21.64 30.59
C ALA B 861 24.57 21.12 29.70
N ILE B 862 23.57 21.96 29.42
CA ILE B 862 22.49 21.54 28.53
C ILE B 862 23.02 21.06 27.18
N ARG B 863 23.97 21.79 26.58
CA ARG B 863 24.50 21.37 25.25
C ARG B 863 25.22 20.00 25.32
N ARG B 864 26.08 19.80 26.32
CA ARG B 864 26.87 18.58 26.42
C ARG B 864 25.94 17.40 26.71
N LEU B 865 24.87 17.70 27.43
CA LEU B 865 24.02 16.63 27.97
C LEU B 865 22.87 16.35 27.07
N ASP B 866 22.69 17.17 26.05
CA ASP B 866 21.62 16.96 25.10
C ASP B 866 21.56 15.55 24.48
N LYS B 867 20.61 14.74 24.93
CA LYS B 867 20.40 13.39 24.39
C LYS B 867 20.34 13.25 22.84
N PRO B 868 20.99 12.22 22.27
CA PRO B 868 20.88 11.95 20.84
C PRO B 868 19.47 11.53 20.38
N LYS B 869 18.98 12.08 19.27
CA LYS B 869 17.59 11.78 18.88
C LYS B 869 17.49 10.63 17.90
N LYS B 870 18.61 10.29 17.23
CA LYS B 870 18.63 9.13 16.38
C LYS B 870 19.80 8.21 16.63
N LEU B 871 19.68 6.98 16.15
CA LEU B 871 20.75 5.97 16.32
C LEU B 871 22.13 6.50 15.89
N SER B 872 22.16 7.08 14.73
CA SER B 872 23.48 7.34 14.20
C SER B 872 24.11 8.55 14.87
N ALA B 873 23.33 9.42 15.51
CA ALA B 873 23.94 10.43 16.38
C ALA B 873 24.61 9.76 17.61
N GLU B 874 23.97 8.76 18.19
CA GLU B 874 24.57 8.04 19.27
C GLU B 874 25.83 7.25 18.82
N SER B 875 25.85 6.64 17.64
CA SER B 875 27.05 5.96 17.18
C SER B 875 28.19 6.90 16.91
N ALA B 876 27.90 8.06 16.33
CA ALA B 876 28.90 9.13 16.16
C ALA B 876 29.61 9.47 17.50
N LYS B 877 28.87 9.75 18.57
CA LYS B 877 29.50 9.88 19.89
C LYS B 877 30.42 8.71 20.22
N TYR B 878 29.90 7.46 20.18
CA TYR B 878 30.77 6.34 20.51
C TYR B 878 32.00 6.19 19.57
N TRP B 879 31.76 6.30 18.29
CA TRP B 879 32.82 6.33 17.31
C TRP B 879 33.93 7.37 17.56
N GLY B 880 33.55 8.56 18.05
CA GLY B 880 34.50 9.60 18.44
C GLY B 880 35.44 9.10 19.51
N GLU B 881 34.89 8.46 20.55
CA GLU B 881 35.67 7.94 21.61
C GLU B 881 36.59 6.83 21.06
N ILE B 882 36.10 6.06 20.08
CA ILE B 882 36.88 4.93 19.56
C ILE B 882 38.03 5.34 18.60
N ILE B 883 37.74 6.15 17.58
CA ILE B 883 38.82 6.54 16.71
C ILE B 883 39.76 7.50 17.43
N SER B 884 39.30 8.27 18.39
CA SER B 884 40.28 9.09 19.09
C SER B 884 41.04 8.24 20.08
N GLN B 885 40.58 7.01 20.29
CA GLN B 885 41.17 6.11 21.31
C GLN B 885 41.20 6.66 22.69
N GLN B 886 40.22 7.46 23.07
CA GLN B 886 40.08 7.85 24.45
C GLN B 886 39.02 6.97 25.11
N TYR B 887 38.19 6.32 24.31
CA TYR B 887 37.17 5.40 24.90
C TYR B 887 36.38 5.84 26.15
N ASN B 888 36.14 7.13 26.30
CA ASN B 888 35.46 7.62 27.47
C ASN B 888 33.92 7.75 27.24
N PHE B 889 33.24 6.62 27.22
CA PHE B 889 31.84 6.63 26.85
C PHE B 889 30.93 7.37 27.79
N ASP B 890 31.38 7.61 29.01
CA ASP B 890 30.55 8.28 30.00
C ASP B 890 31.00 9.74 30.16
N ARG B 891 31.74 10.25 29.15
CA ARG B 891 32.44 11.52 29.22
C ARG B 891 31.54 12.68 29.69
N ASP B 892 30.36 12.76 29.07
CA ASP B 892 29.40 13.86 29.24
C ASP B 892 29.04 14.03 30.68
N ASN B 893 28.74 12.92 31.35
CA ASN B 893 28.42 13.00 32.77
C ASN B 893 29.57 13.46 33.61
N THR B 894 30.73 12.87 33.41
CA THR B 894 31.77 13.22 34.33
C THR B 894 32.23 14.63 34.01
N GLU B 895 32.23 15.02 32.73
CA GLU B 895 32.70 16.35 32.40
C GLU B 895 31.75 17.47 32.83
N VAL B 896 30.44 17.23 32.72
CA VAL B 896 29.48 18.21 33.23
C VAL B 896 29.55 18.30 34.79
N ALA B 897 29.63 17.15 35.47
CA ALA B 897 29.83 17.16 36.93
C ALA B 897 31.01 18.07 37.23
N TYR B 898 32.14 17.85 36.57
CA TYR B 898 33.27 18.72 36.81
C TYR B 898 33.04 20.25 36.55
N LEU B 899 32.60 20.57 35.31
CA LEU B 899 32.04 21.88 34.89
C LEU B 899 31.20 22.70 35.88
N LYS B 900 30.37 21.99 36.65
CA LYS B 900 29.56 22.63 37.70
C LYS B 900 30.42 23.18 38.83
N THR B 901 31.57 22.58 39.09
CA THR B 901 32.39 23.04 40.20
C THR B 901 33.31 24.18 39.81
N LEU B 902 33.35 24.52 38.53
CA LEU B 902 34.24 25.58 38.08
C LEU B 902 33.78 26.98 38.53
N THR B 903 34.70 27.85 38.93
CA THR B 903 34.32 29.20 39.35
C THR B 903 34.69 30.26 38.33
N LYS B 904 34.12 31.45 38.47
CA LYS B 904 34.57 32.61 37.70
C LYS B 904 36.08 32.81 37.83
N GLU B 905 36.61 32.65 39.04
CA GLU B 905 38.02 32.83 39.31
C GLU B 905 38.90 31.78 38.57
N ASP B 906 38.41 30.56 38.41
CA ASP B 906 39.17 29.57 37.66
C ASP B 906 39.33 29.98 36.22
N ILE B 907 38.23 30.40 35.62
CA ILE B 907 38.25 30.74 34.22
C ILE B 907 39.18 31.90 34.01
N ILE B 908 39.17 32.87 34.92
CA ILE B 908 40.12 33.99 34.77
C ILE B 908 41.59 33.53 34.84
N LYS B 909 41.91 32.74 35.86
CA LYS B 909 43.26 32.29 36.08
C LYS B 909 43.71 31.52 34.82
N PHE B 910 42.87 30.59 34.35
CA PHE B 910 43.13 29.93 33.08
C PHE B 910 43.42 30.90 31.88
N TYR B 911 42.57 31.92 31.68
CA TYR B 911 42.80 32.96 30.68
C TYR B 911 44.17 33.62 30.88
N LYS B 912 44.56 33.85 32.11
CA LYS B 912 45.80 34.57 32.36
C LYS B 912 47.02 33.69 32.18
N GLU B 913 46.87 32.39 32.42
CA GLU B 913 47.98 31.49 32.17
C GLU B 913 48.20 31.17 30.70
N MET B 914 47.09 30.99 29.94
CA MET B 914 47.19 30.36 28.63
C MET B 914 46.82 31.25 27.46
N LEU B 915 45.98 32.28 27.66
CA LEU B 915 45.45 33.02 26.49
C LEU B 915 45.80 34.49 26.39
N ALA B 916 45.87 35.16 27.53
CA ALA B 916 46.14 36.61 27.53
C ALA B 916 47.41 36.88 26.75
N VAL B 917 47.45 38.04 26.12
CA VAL B 917 48.58 38.44 25.29
C VAL B 917 49.92 38.25 26.03
N ASP B 918 49.91 38.39 27.37
CA ASP B 918 51.13 38.31 28.19
C ASP B 918 51.10 37.13 29.14
N ALA B 919 50.37 36.10 28.73
CA ALA B 919 50.29 34.84 29.46
C ALA B 919 51.64 34.11 29.42
N PRO B 920 52.11 33.55 30.55
CA PRO B 920 53.42 32.83 30.46
C PRO B 920 53.40 31.62 29.52
N ARG B 921 52.22 31.04 29.32
CA ARG B 921 52.16 29.83 28.48
C ARG B 921 51.39 30.05 27.20
N ARG B 922 51.37 31.27 26.65
CA ARG B 922 50.66 31.50 25.40
C ARG B 922 51.34 30.68 24.30
N HIS B 923 50.54 29.97 23.49
CA HIS B 923 51.04 29.21 22.37
C HIS B 923 50.23 29.56 21.13
N LYS B 924 50.78 30.44 20.31
CA LYS B 924 50.01 31.01 19.27
C LYS B 924 50.57 30.72 17.87
N VAL B 925 49.72 30.19 16.98
CA VAL B 925 50.02 30.14 15.53
C VAL B 925 48.88 30.76 14.75
N SER B 926 49.23 31.51 13.72
CA SER B 926 48.30 32.13 12.88
C SER B 926 48.58 31.69 11.47
N VAL B 927 47.52 31.48 10.70
CA VAL B 927 47.66 31.26 9.28
C VAL B 927 46.93 32.38 8.55
N HIS B 928 47.66 33.15 7.78
CA HIS B 928 47.16 34.28 7.05
C HIS B 928 47.03 33.90 5.58
N VAL B 929 45.85 34.01 5.02
CA VAL B 929 45.75 33.75 3.61
C VAL B 929 45.34 35.08 2.99
N LEU B 930 46.20 35.64 2.16
CA LEU B 930 45.95 36.92 1.59
C LEU B 930 45.02 36.79 0.42
N ALA B 931 44.21 37.81 0.20
CA ALA B 931 43.38 37.94 -1.02
C ALA B 931 44.19 37.98 -2.32
N ARG B 932 43.58 37.53 -3.41
CA ARG B 932 44.13 37.58 -4.75
C ARG B 932 44.91 38.88 -5.03
N GLU B 933 44.28 40.05 -4.79
CA GLU B 933 44.78 41.40 -5.22
C GLU B 933 45.62 42.08 -4.13
N MET B 934 45.88 41.39 -3.03
CA MET B 934 46.37 42.02 -1.79
C MET B 934 47.88 41.85 -1.61
N ASP B 935 48.64 42.90 -1.31
CA ASP B 935 50.12 42.73 -1.12
C ASP B 935 50.60 42.94 0.33
N ASN B 950 35.18 55.20 18.66
CA ASN B 950 34.92 54.20 17.59
C ASN B 950 35.12 52.72 18.07
N LEU B 951 36.36 52.18 18.02
CA LEU B 951 36.62 50.74 18.39
C LEU B 951 37.55 50.58 19.57
N SER B 952 37.39 49.52 20.35
CA SER B 952 38.33 49.26 21.45
C SER B 952 39.79 49.10 20.96
N GLN B 953 40.73 49.02 21.91
CA GLN B 953 42.14 49.15 21.61
C GLN B 953 42.91 47.83 21.60
N ALA B 954 43.62 47.58 20.50
CA ALA B 954 44.40 46.36 20.35
C ALA B 954 45.64 46.54 21.20
N PRO B 955 46.09 45.46 21.86
CA PRO B 955 47.38 45.48 22.58
C PRO B 955 48.50 45.43 21.55
N ALA B 956 49.68 45.90 21.95
CA ALA B 956 50.90 45.75 21.14
C ALA B 956 51.21 44.26 21.09
N LEU B 957 51.55 43.80 19.90
CA LEU B 957 51.96 42.42 19.72
C LEU B 957 53.46 42.32 19.44
N PRO B 958 54.07 41.19 19.81
CA PRO B 958 55.45 40.89 19.45
C PRO B 958 55.62 40.57 17.95
N GLN B 959 56.88 40.49 17.51
CA GLN B 959 57.20 40.10 16.14
C GLN B 959 56.98 38.62 16.05
N PRO B 960 56.21 38.20 15.06
CA PRO B 960 56.08 36.75 14.92
C PRO B 960 57.30 36.15 14.25
N GLU B 961 57.59 34.92 14.59
CA GLU B 961 58.45 34.12 13.74
C GLU B 961 57.66 33.67 12.49
N VAL B 962 58.13 34.05 11.32
CA VAL B 962 57.43 33.78 10.09
C VAL B 962 57.92 32.42 9.58
N ILE B 963 57.02 31.47 9.38
CA ILE B 963 57.38 30.15 8.99
C ILE B 963 57.66 30.21 7.52
N GLN B 964 58.85 29.77 7.15
CA GLN B 964 59.20 29.71 5.75
C GLN B 964 58.88 28.38 5.11
N ASN B 965 59.04 27.31 5.86
CA ASN B 965 58.96 25.98 5.30
C ASN B 965 58.27 25.08 6.34
N MET B 966 57.15 24.48 5.96
CA MET B 966 56.38 23.66 6.89
C MET B 966 57.17 22.49 7.49
N THR B 967 57.90 21.75 6.69
CA THR B 967 58.79 20.75 7.18
C THR B 967 59.82 21.30 8.19
N GLU B 968 60.52 22.38 7.86
CA GLU B 968 61.47 22.91 8.82
C GLU B 968 60.84 23.27 10.13
N PHE B 969 59.63 23.83 10.05
CA PHE B 969 58.93 24.30 11.23
C PHE B 969 58.62 23.10 12.08
N LYS B 970 58.17 22.03 11.47
CA LYS B 970 57.83 20.83 12.23
C LYS B 970 59.08 20.25 12.90
N ARG B 971 60.12 20.06 12.11
CA ARG B 971 61.36 19.46 12.62
C ARG B 971 61.97 20.23 13.81
N GLY B 972 61.84 21.58 13.83
CA GLY B 972 62.43 22.40 14.89
C GLY B 972 61.57 22.42 16.12
N LEU B 973 60.48 21.68 16.14
CA LEU B 973 59.70 21.64 17.39
C LEU B 973 59.50 20.27 18.05
N PRO B 974 59.21 20.25 19.36
CA PRO B 974 58.87 18.94 19.97
C PRO B 974 57.48 18.43 19.45
N LEU B 975 57.14 17.16 19.71
CA LEU B 975 55.78 16.67 19.50
C LEU B 975 55.15 16.28 20.80
N PHE B 976 53.86 16.52 20.97
CA PHE B 976 53.18 16.15 22.20
C PHE B 976 53.22 14.62 22.44
N PRO B 977 52.97 14.17 23.67
CA PRO B 977 52.62 12.71 23.82
C PRO B 977 51.28 12.38 23.12
N LEU B 978 50.96 11.10 22.93
CA LEU B 978 49.57 10.70 22.65
C LEU B 978 48.78 10.57 23.93
N VAL B 979 47.47 10.82 23.87
CA VAL B 979 46.61 10.71 25.08
C VAL B 979 46.49 9.27 25.63
N LYS B 980 46.37 9.10 26.95
CA LYS B 980 46.08 7.76 27.55
C LYS B 980 44.59 7.31 27.25
N PRO B 981 44.35 6.04 26.78
CA PRO B 981 43.00 5.39 26.88
C PRO B 981 42.31 5.61 28.26
N HIS B 982 41.00 5.40 28.36
CA HIS B 982 40.32 5.58 29.67
C HIS B 982 40.34 4.27 30.47
N ILE B 983 40.49 4.34 31.70
N GLY C 1 -37.12 -33.00 -13.01
CA GLY C 1 -36.29 -31.86 -13.41
C GLY C 1 -35.06 -32.32 -14.19
N ILE C 2 -34.64 -31.44 -15.11
CA ILE C 2 -33.46 -31.66 -15.93
C ILE C 2 -32.28 -31.34 -15.03
N VAL C 3 -31.19 -32.10 -15.06
CA VAL C 3 -30.00 -31.71 -14.30
C VAL C 3 -29.69 -30.20 -14.40
N GLU C 4 -29.49 -29.54 -13.24
CA GLU C 4 -29.29 -28.06 -13.17
C GLU C 4 -27.90 -27.76 -13.78
N GLN C 5 -27.68 -26.49 -14.18
CA GLN C 5 -26.34 -25.97 -14.53
C GLN C 5 -25.30 -26.53 -13.55
N CYS C 6 -25.58 -26.35 -12.25
CA CYS C 6 -24.61 -26.69 -11.17
C CYS C 6 -24.41 -28.16 -10.84
N CYS C 7 -25.28 -28.96 -11.46
CA CYS C 7 -25.30 -30.37 -11.39
C CYS C 7 -24.55 -30.95 -12.57
N THR C 8 -24.91 -30.49 -13.77
CA THR C 8 -24.36 -31.04 -15.03
C THR C 8 -22.87 -30.68 -15.06
N SER C 9 -22.60 -29.45 -14.62
CA SER C 9 -21.28 -28.81 -14.60
C SER C 9 -20.83 -28.38 -13.16
N ILE C 10 -19.52 -28.23 -12.91
CA ILE C 10 -19.01 -27.71 -11.62
C ILE C 10 -18.98 -26.17 -11.59
N CYS C 11 -19.84 -25.60 -10.75
CA CYS C 11 -19.98 -24.13 -10.48
C CYS C 11 -18.91 -23.48 -9.56
N SER C 12 -18.57 -22.23 -9.91
CA SER C 12 -17.80 -21.31 -9.08
C SER C 12 -18.58 -20.95 -7.82
N LEU C 13 -17.95 -20.35 -6.80
CA LEU C 13 -18.74 -19.72 -5.70
C LEU C 13 -19.65 -18.64 -6.33
N TYR C 14 -19.10 -17.88 -7.29
CA TYR C 14 -19.86 -16.81 -7.96
C TYR C 14 -21.24 -17.23 -8.58
N GLN C 15 -21.24 -18.20 -9.50
CA GLN C 15 -22.46 -18.91 -9.98
C GLN C 15 -23.49 -19.34 -8.89
N LEU C 16 -23.01 -19.88 -7.76
CA LEU C 16 -23.85 -20.25 -6.58
C LEU C 16 -24.58 -19.03 -5.95
N GLU C 17 -23.80 -17.98 -5.61
CA GLU C 17 -24.30 -16.65 -5.18
C GLU C 17 -25.35 -16.00 -6.08
N ASN C 18 -25.28 -16.24 -7.39
CA ASN C 18 -26.26 -15.78 -8.38
C ASN C 18 -27.75 -16.10 -8.03
N TYR C 19 -27.98 -17.22 -7.32
CA TYR C 19 -29.31 -17.68 -6.85
C TYR C 19 -29.88 -17.01 -5.57
N CYS C 20 -29.05 -16.28 -4.84
CA CYS C 20 -29.44 -15.71 -3.53
C CYS C 20 -30.41 -14.53 -3.65
N PHE D 1 -10.64 -22.81 -2.86
CA PHE D 1 -12.11 -23.08 -3.36
C PHE D 1 -12.43 -24.26 -4.38
N VAL D 2 -13.01 -25.33 -3.87
CA VAL D 2 -13.34 -26.46 -4.74
C VAL D 2 -14.83 -26.58 -4.82
N ASN D 3 -15.31 -27.21 -5.86
CA ASN D 3 -16.72 -27.51 -5.88
C ASN D 3 -16.89 -28.92 -6.49
N GLN D 4 -18.12 -29.29 -6.82
CA GLN D 4 -18.58 -30.67 -6.85
C GLN D 4 -19.73 -30.74 -7.90
N HIS D 5 -20.63 -31.72 -7.87
CA HIS D 5 -21.83 -31.62 -8.70
C HIS D 5 -23.04 -31.47 -7.75
N LEU D 6 -23.85 -30.45 -8.03
CA LEU D 6 -24.93 -30.01 -7.14
C LEU D 6 -26.29 -30.28 -7.78
N CYS D 7 -26.80 -31.46 -7.45
CA CYS D 7 -27.92 -32.07 -8.15
C CYS D 7 -29.11 -32.24 -7.23
N GLY D 8 -30.22 -31.58 -7.55
CA GLY D 8 -31.47 -31.88 -6.88
C GLY D 8 -31.49 -31.25 -5.51
N SER D 9 -31.83 -32.05 -4.50
CA SER D 9 -31.87 -31.55 -3.08
C SER D 9 -30.49 -31.19 -2.49
N HIS D 10 -29.41 -31.61 -3.19
CA HIS D 10 -28.01 -31.17 -2.94
C HIS D 10 -27.73 -29.71 -3.28
N LEU D 11 -28.13 -29.26 -4.50
CA LEU D 11 -28.14 -27.82 -4.85
C LEU D 11 -28.95 -26.92 -3.84
N VAL D 12 -30.15 -27.37 -3.47
CA VAL D 12 -30.98 -26.77 -2.39
C VAL D 12 -30.13 -26.64 -1.10
N GLU D 13 -29.67 -27.78 -0.57
CA GLU D 13 -28.73 -27.85 0.60
C GLU D 13 -27.50 -26.85 0.53
N ALA D 14 -26.76 -26.86 -0.59
CA ALA D 14 -25.67 -25.86 -0.89
C ALA D 14 -26.12 -24.34 -0.89
N LEU D 15 -27.18 -24.00 -1.64
CA LEU D 15 -27.80 -22.63 -1.63
C LEU D 15 -28.09 -22.00 -0.20
N TYR D 16 -28.65 -22.77 0.76
CA TYR D 16 -28.60 -22.48 2.25
C TYR D 16 -27.25 -22.03 2.87
N LEU D 17 -26.30 -22.97 2.90
CA LEU D 17 -24.91 -22.68 3.21
C LEU D 17 -24.44 -21.32 2.55
N VAL D 18 -24.49 -21.24 1.20
CA VAL D 18 -24.20 -20.02 0.41
C VAL D 18 -25.46 -19.14 0.35
N GLY E 1 21.55 9.30 -9.94
CA GLY E 1 20.62 9.61 -8.84
C GLY E 1 19.49 10.57 -9.19
N ILE E 2 18.51 10.60 -8.28
CA ILE E 2 17.39 11.52 -8.39
C ILE E 2 17.91 12.82 -7.88
N VAL E 3 17.56 13.93 -8.50
CA VAL E 3 17.76 15.25 -7.89
C VAL E 3 17.51 15.14 -6.41
N GLU E 4 18.49 15.45 -5.58
CA GLU E 4 18.37 15.23 -4.14
C GLU E 4 17.41 16.26 -3.53
N GLN E 5 16.92 16.01 -2.31
CA GLN E 5 15.99 17.00 -1.66
C GLN E 5 16.46 18.48 -1.80
N CYS E 6 17.77 18.69 -1.56
CA CYS E 6 18.43 20.01 -1.54
C CYS E 6 18.77 20.54 -2.90
N CYS E 7 18.45 19.71 -3.90
CA CYS E 7 18.51 20.06 -5.30
C CYS E 7 17.12 20.43 -5.84
N THR E 8 16.08 19.59 -5.61
CA THR E 8 14.66 19.88 -6.01
C THR E 8 14.21 21.23 -5.42
N SER E 9 14.47 21.39 -4.10
CA SER E 9 14.11 22.56 -3.27
C SER E 9 15.37 23.33 -2.86
N ILE E 10 15.19 24.48 -2.21
CA ILE E 10 16.31 25.21 -1.63
C ILE E 10 16.36 24.91 -0.12
N CYS E 11 17.54 24.54 0.38
CA CYS E 11 17.76 24.21 1.81
C CYS E 11 18.26 25.33 2.70
N SER E 12 17.86 25.25 3.97
CA SER E 12 18.51 25.98 5.02
C SER E 12 19.98 25.56 5.18
N LEU E 13 20.77 26.44 5.83
CA LEU E 13 22.12 26.09 6.36
C LEU E 13 22.00 24.89 7.33
N TYR E 14 20.92 24.85 8.14
CA TYR E 14 20.62 23.69 9.02
C TYR E 14 20.50 22.32 8.27
N GLN E 15 19.55 22.24 7.33
CA GLN E 15 19.34 21.05 6.50
C GLN E 15 20.65 20.52 5.93
N LEU E 16 21.54 21.44 5.51
CA LEU E 16 22.91 21.14 5.00
C LEU E 16 23.94 20.61 6.05
N GLU E 17 23.94 21.16 7.28
CA GLU E 17 24.71 20.62 8.44
C GLU E 17 24.31 19.19 8.91
N ASN E 18 23.18 18.71 8.40
CA ASN E 18 22.64 17.39 8.71
C ASN E 18 23.33 16.17 8.03
N TYR E 19 24.24 16.42 7.09
CA TYR E 19 25.06 15.37 6.47
C TYR E 19 26.50 15.27 7.08
N CYS E 20 26.84 16.11 8.07
CA CYS E 20 28.19 16.02 8.74
C CYS E 20 28.32 14.94 9.83
N PHE F 1 21.73 35.34 4.85
CA PHE F 1 21.68 33.85 4.42
C PHE F 1 20.78 33.30 3.22
N VAL F 2 21.40 33.05 2.08
CA VAL F 2 20.63 32.64 0.87
C VAL F 2 21.09 31.29 0.39
N ASN F 3 20.19 30.57 -0.26
CA ASN F 3 20.61 29.35 -0.91
C ASN F 3 20.11 29.25 -2.38
N GLN F 4 20.53 28.18 -3.04
CA GLN F 4 20.19 27.83 -4.41
C GLN F 4 20.01 26.28 -4.49
N HIS F 5 19.59 25.81 -5.67
CA HIS F 5 19.49 24.36 -5.96
C HIS F 5 20.89 23.73 -5.99
N LEU F 6 21.12 22.76 -5.09
CA LEU F 6 22.44 22.06 -4.98
C LEU F 6 22.38 20.61 -5.52
N CYS F 7 22.78 20.43 -6.78
CA CYS F 7 22.64 19.15 -7.50
C CYS F 7 23.98 18.53 -7.80
N GLY F 8 24.09 17.23 -7.47
CA GLY F 8 25.21 16.39 -7.84
C GLY F 8 26.55 16.82 -7.29
N SER F 9 27.47 17.11 -8.20
CA SER F 9 28.79 17.66 -7.89
C SER F 9 28.70 18.89 -6.92
N HIS F 10 27.73 19.78 -7.19
CA HIS F 10 27.50 21.05 -6.46
C HIS F 10 27.03 20.91 -5.01
N LEU F 11 26.24 19.86 -4.76
CA LEU F 11 25.88 19.44 -3.39
C LEU F 11 27.14 18.90 -2.63
N VAL F 12 27.92 18.05 -3.31
CA VAL F 12 29.23 17.53 -2.79
C VAL F 12 30.20 18.71 -2.41
N GLU F 13 30.46 19.60 -3.40
CA GLU F 13 31.21 20.87 -3.26
C GLU F 13 30.72 21.78 -2.12
N ALA F 14 29.40 22.03 -2.08
CA ALA F 14 28.78 22.82 -0.99
C ALA F 14 28.94 22.17 0.43
N LEU F 15 28.88 20.82 0.52
CA LEU F 15 29.13 20.02 1.76
C LEU F 15 30.59 19.99 2.33
N TYR F 16 31.63 20.09 1.48
CA TYR F 16 33.02 20.42 1.98
C TYR F 16 33.03 21.74 2.71
N LEU F 17 32.44 22.76 2.06
CA LEU F 17 32.34 24.11 2.60
C LEU F 17 31.57 24.15 3.92
N VAL F 18 30.41 23.49 3.99
CA VAL F 18 29.59 23.47 5.23
C VAL F 18 30.26 22.65 6.41
N CYS F 19 31.03 21.58 6.11
CA CYS F 19 31.89 20.87 7.12
C CYS F 19 33.39 20.88 6.70
ZN ZN G . -9.96 -23.39 -2.11
ZN ZN H . 22.08 36.28 4.38
#